data_4DY7
#
_entry.id   4DY7
#
_cell.length_a   191.960
_cell.length_b   86.670
_cell.length_c   101.890
_cell.angle_alpha   90.00
_cell.angle_beta   94.44
_cell.angle_gamma   90.00
#
_symmetry.space_group_name_H-M   'C 1 2 1'
#
loop_
_entity.id
_entity.type
_entity.pdbx_description
1 polymer 'Thrombin light chain'
2 polymer 'Thrombin heavy chain'
3 polymer 'Glia-derived nexin'
4 non-polymer 'ACETATE ION'
5 non-polymer 'CALCIUM ION'
6 non-polymer 'SODIUM ION'
7 water water
#
loop_
_entity_poly.entity_id
_entity_poly.type
_entity_poly.pdbx_seq_one_letter_code
_entity_poly.pdbx_strand_id
1 'polypeptide(L)' TATSEYQTFFNPRTFGSGEADCGLRPLFEKKSLEDKTERELLESYIDGR A,D
2 'polypeptide(L)'
;IVEGSDAEIGMSPWQVMLFRKSPQELLCGASLISDRWVLTAAHCLLYPPWDKNFTENDLLVRIGKHSRTRYERNIEKISM
LEKIYIHPRYNWRENLDRDIALMKLKKPVAFSDYIHPVCLPDRETAASLLQAGYKGRVTGWGNLKETWTANVGKGQPSVL
QVVNLPIVERPVCKDSTRIRITDNMFCAGYKPDEGKRGDACEGDAGGPFVMKSPFNNRWYQMGIVSWGEGCDRDGKYGFY
THVFRLKKWIQKVIDQFGE
;
B,E
3 'polypeptide(L)'
;SHFNPLSLEELGSNTGIQVFNQIVKSRPHDNIVISPHGIASVLGMLQLGADGRTKKQLAMVMRYGVNGVGKILKKINKAI
VSKKNKDIVTVANAVFVKNASEIEVPFVTRNKDVFQCEVRNVNFEDPASACDSINAWVKNETRDMIDNLLSPDLIDGVLT
RLVLVNAVYFKGLWKSRFQPENTKKRTFVAADGKSYQVPMLAQLSVFRCGSTSAPNDLWYNFIELPYHGESISMLIALPT
ESSTPLSAIIPHISTKTIDSWMSIMVPKRVQVILPKFTAVAQTDLKEPLKVLGITDMFDSSKANFAKITTGSENLHVSHI
LQKAKIEVSEDGTKASAATTAILIARSSPPWFIVDRPFLFFIRHNPTGAVLFMGQINKP
;
C,F
#
# COMPACT_ATOMS: atom_id res chain seq x y z
N GLU A 5 3.06 56.86 32.13
CA GLU A 5 2.90 57.70 30.93
C GLU A 5 2.31 56.90 29.77
N TYR A 6 1.20 57.37 29.21
CA TYR A 6 0.53 56.68 28.11
C TYR A 6 -0.20 57.64 27.18
N GLN A 7 -0.43 57.21 25.96
CA GLN A 7 -1.11 58.04 24.95
C GLN A 7 -1.35 57.25 23.65
N THR A 8 -2.34 57.66 22.87
CA THR A 8 -3.21 58.78 23.23
C THR A 8 -4.29 58.33 24.21
N PHE A 9 -5.29 57.60 23.73
CA PHE A 9 -5.48 57.28 22.32
C PHE A 9 -6.84 56.61 22.23
N PHE A 10 -7.52 56.72 21.09
CA PHE A 10 -8.90 56.27 21.01
C PHE A 10 -9.76 57.37 21.61
N ASN A 11 -11.03 57.42 21.20
CA ASN A 11 -11.94 58.42 21.74
C ASN A 11 -12.78 57.87 22.89
N PRO A 12 -12.58 58.43 24.09
CA PRO A 12 -13.25 57.99 25.32
C PRO A 12 -14.77 58.02 25.23
N ARG A 13 -15.30 58.82 24.31
CA ARG A 13 -16.74 58.92 24.12
C ARG A 13 -17.28 57.66 23.43
N THR A 14 -16.48 57.10 22.53
CA THR A 14 -16.90 55.94 21.76
C THR A 14 -16.17 54.66 22.19
N PHE A 15 -15.12 54.83 22.98
CA PHE A 15 -14.30 53.70 23.41
C PHE A 15 -14.66 53.30 24.83
N GLY A 16 -15.11 54.26 25.62
CA GLY A 16 -15.42 54.03 27.03
C GLY A 16 -14.24 54.41 27.90
N SER A 17 -14.50 54.61 29.19
CA SER A 17 -13.44 54.98 30.13
C SER A 17 -12.53 53.80 30.45
N GLY A 18 -11.23 54.07 30.57
CA GLY A 18 -10.27 53.03 30.92
C GLY A 18 -8.88 53.23 30.38
N GLU A 19 -8.75 53.32 29.06
CA GLU A 19 -7.45 53.40 28.41
C GLU A 19 -6.43 54.21 29.21
N ALA A 20 -6.76 55.46 29.50
CA ALA A 20 -5.84 56.35 30.22
C ALA A 20 -5.02 55.59 31.27
N ASP A 21 -5.70 54.83 32.12
CA ASP A 21 -5.04 54.16 33.24
C ASP A 21 -4.78 52.68 32.94
N CYS A 22 -5.03 52.27 31.71
CA CYS A 22 -4.85 50.89 31.31
C CYS A 22 -3.46 50.37 31.68
N GLY A 23 -3.33 49.04 31.77
CA GLY A 23 -2.04 48.42 31.98
C GLY A 23 -1.61 48.32 33.44
N LEU A 24 -2.12 49.21 34.27
CA LEU A 24 -1.78 49.22 35.69
C LEU A 24 -2.76 48.39 36.51
N ARG A 25 -2.22 47.53 37.37
CA ARG A 25 -3.04 46.63 38.18
C ARG A 25 -3.12 47.13 39.63
N PRO A 26 -4.36 47.27 40.14
CA PRO A 26 -4.62 47.78 41.48
C PRO A 26 -3.86 47.02 42.57
N LEU A 27 -3.87 45.69 42.50
CA LEU A 27 -3.28 44.88 43.56
C LEU A 27 -1.77 44.70 43.45
N PHE A 28 -1.17 45.27 42.42
CA PHE A 28 0.27 45.13 42.21
C PHE A 28 0.95 46.45 41.89
N GLU A 29 0.83 46.91 40.65
CA GLU A 29 1.43 48.16 40.22
C GLU A 29 0.98 49.33 41.10
N LYS A 30 -0.33 49.50 41.21
CA LYS A 30 -0.90 50.58 42.02
C LYS A 30 -0.59 50.40 43.50
N LYS A 31 0.25 49.42 43.82
CA LYS A 31 0.64 49.16 45.21
C LYS A 31 2.13 48.83 45.32
N SER A 32 2.87 49.08 44.24
CA SER A 32 4.30 48.79 44.22
C SER A 32 4.58 47.35 44.64
N LEU A 33 3.77 46.42 44.13
CA LEU A 33 3.94 45.01 44.41
C LEU A 33 4.08 44.20 43.13
N GLU A 34 4.96 43.20 43.14
CA GLU A 34 5.19 42.37 41.97
C GLU A 34 4.56 41.00 42.13
N ASP A 35 3.94 40.51 41.07
CA ASP A 35 3.42 39.15 41.08
C ASP A 35 4.58 38.16 41.02
N LYS A 36 4.30 36.91 41.34
CA LYS A 36 5.36 35.91 41.52
C LYS A 36 6.36 35.81 40.38
N THR A 37 5.88 35.72 39.15
CA THR A 37 6.75 35.39 38.01
C THR A 37 6.95 36.50 36.99
N GLU A 38 6.60 37.74 37.35
CA GLU A 38 6.69 38.83 36.39
C GLU A 38 8.14 39.23 36.09
N ARG A 39 9.01 39.08 37.08
CA ARG A 39 10.42 39.37 36.90
C ARG A 39 10.96 38.60 35.69
N GLU A 40 10.51 37.36 35.57
CA GLU A 40 10.91 36.49 34.47
C GLU A 40 10.69 37.20 33.13
N LEU A 41 9.52 37.80 32.98
CA LEU A 41 9.19 38.55 31.77
C LEU A 41 10.20 39.67 31.53
N LEU A 42 10.49 40.44 32.58
CA LEU A 42 11.44 41.54 32.49
C LEU A 42 12.82 41.01 32.15
N GLU A 43 13.34 40.14 33.01
CA GLU A 43 14.66 39.56 32.82
C GLU A 43 14.81 38.95 31.43
N SER A 44 13.68 38.67 30.79
CA SER A 44 13.67 38.06 29.47
C SER A 44 14.27 39.00 28.41
N TYR A 45 13.96 40.28 28.52
CA TYR A 45 14.41 41.27 27.54
C TYR A 45 15.93 41.35 27.43
N ILE A 46 16.62 40.95 28.50
CA ILE A 46 18.06 41.17 28.59
C ILE A 46 18.83 39.94 29.11
N ASP A 47 18.27 38.75 28.90
CA ASP A 47 18.90 37.54 29.43
C ASP A 47 19.90 36.91 28.45
N GLY A 48 19.88 37.36 27.20
CA GLY A 48 20.82 36.87 26.20
C GLY A 48 20.41 35.56 25.57
N ARG A 49 19.26 35.05 25.97
CA ARG A 49 18.73 33.80 25.40
C ARG A 49 17.39 34.04 24.73
N ILE B 1 -4.47 25.83 30.05
CA ILE B 1 -2.99 26.01 30.08
C ILE B 1 -2.27 24.73 30.47
N VAL B 2 -1.09 24.52 29.90
CA VAL B 2 -0.29 23.33 30.20
C VAL B 2 1.01 23.70 30.89
N GLU B 3 1.32 23.03 32.00
CA GLU B 3 2.54 23.30 32.74
C GLU B 3 2.62 24.74 33.24
N GLY B 4 1.48 25.25 33.72
CA GLY B 4 1.43 26.59 34.29
C GLY B 4 1.20 26.52 35.78
N SER B 5 0.81 27.66 36.37
CA SER B 5 0.54 27.70 37.80
C SER B 5 -0.66 28.61 38.11
N ASP B 6 -1.12 28.55 39.35
CA ASP B 6 -2.27 29.35 39.77
C ASP B 6 -1.96 30.84 39.69
N ALA B 7 -2.88 31.60 39.12
CA ALA B 7 -2.75 33.05 39.08
C ALA B 7 -3.08 33.63 40.45
N GLU B 8 -2.37 34.70 40.82
CA GLU B 8 -2.64 35.38 42.08
C GLU B 8 -3.88 36.25 41.91
N ILE B 9 -4.53 36.58 43.02
CA ILE B 9 -5.73 37.40 42.97
C ILE B 9 -5.41 38.76 42.37
N GLY B 10 -6.13 39.12 41.32
CA GLY B 10 -5.92 40.40 40.65
C GLY B 10 -4.62 40.43 39.85
N MET B 11 -4.20 39.28 39.37
CA MET B 11 -2.97 39.16 38.60
C MET B 11 -3.24 39.47 37.13
N SER B 12 -4.49 39.24 36.71
CA SER B 12 -4.91 39.45 35.33
C SER B 12 -6.33 39.99 35.29
N PRO B 13 -6.52 41.22 35.78
CA PRO B 13 -7.84 41.85 35.95
C PRO B 13 -8.56 42.10 34.63
N TRP B 14 -7.84 42.00 33.51
CA TRP B 14 -8.43 42.20 32.20
C TRP B 14 -8.95 40.90 31.62
N GLN B 15 -8.57 39.79 32.25
CA GLN B 15 -9.02 38.47 31.83
C GLN B 15 -10.55 38.42 31.81
N VAL B 16 -11.10 37.83 30.76
CA VAL B 16 -12.54 37.68 30.65
C VAL B 16 -12.91 36.24 30.31
N MET B 17 -14.03 35.77 30.82
CA MET B 17 -14.50 34.42 30.55
C MET B 17 -15.71 34.45 29.60
N LEU B 18 -15.55 33.81 28.45
CA LEU B 18 -16.66 33.70 27.49
C LEU B 18 -17.55 32.52 27.88
N PHE B 19 -18.72 32.83 28.40
CA PHE B 19 -19.61 31.81 28.96
C PHE B 19 -20.90 31.68 28.14
N ARG B 20 -21.31 30.45 27.86
CA ARG B 20 -22.55 30.23 27.10
C ARG B 20 -23.76 30.10 28.01
N LYS B 21 -24.87 30.68 27.58
CA LYS B 21 -26.12 30.62 28.35
C LYS B 21 -26.62 29.19 28.53
N SER B 22 -27.03 28.56 27.43
CA SER B 22 -27.59 27.20 27.50
C SER B 22 -26.99 26.28 26.45
N PRO B 23 -26.31 25.22 26.90
CA PRO B 23 -26.14 24.98 28.33
C PRO B 23 -25.12 25.93 28.94
N GLN B 24 -24.97 25.90 30.26
CA GLN B 24 -24.00 26.74 30.95
C GLN B 24 -22.61 26.10 30.94
N GLU B 25 -21.70 26.67 30.16
CA GLU B 25 -20.37 26.10 30.01
C GLU B 25 -19.35 27.15 29.59
N LEU B 26 -18.08 26.86 29.87
CA LEU B 26 -16.99 27.72 29.43
C LEU B 26 -16.77 27.57 27.94
N LEU B 27 -16.67 28.69 27.23
CA LEU B 27 -16.46 28.66 25.79
C LEU B 27 -15.03 29.01 25.42
N CYS B 28 -14.56 30.16 25.89
CA CYS B 28 -13.22 30.64 25.55
C CYS B 28 -12.70 31.65 26.56
N GLY B 29 -11.52 32.18 26.28
CA GLY B 29 -10.97 33.30 27.03
C GLY B 29 -11.23 34.59 26.27
N ALA B 30 -10.85 35.70 26.89
CA ALA B 30 -11.05 37.01 26.27
C ALA B 30 -10.39 38.08 27.12
N SER B 31 -10.31 39.30 26.59
CA SER B 31 -9.64 40.38 27.30
C SER B 31 -10.48 41.64 27.34
N LEU B 32 -10.33 42.41 28.41
CA LEU B 32 -11.04 43.67 28.57
C LEU B 32 -10.14 44.85 28.21
N ILE B 33 -10.45 45.52 27.10
CA ILE B 33 -9.63 46.62 26.62
C ILE B 33 -10.20 47.99 27.00
N SER B 34 -11.34 48.00 27.68
CA SER B 34 -11.95 49.27 28.06
C SER B 34 -13.15 49.11 29.00
N ASP B 35 -14.05 50.08 28.93
CA ASP B 35 -15.21 50.14 29.81
C ASP B 35 -16.36 49.30 29.25
N ARG B 36 -16.35 49.10 27.94
CA ARG B 36 -17.48 48.48 27.26
C ARG B 36 -17.03 47.57 26.12
N TRP B 37 -15.73 47.44 25.94
CA TRP B 37 -15.20 46.64 24.84
C TRP B 37 -14.42 45.42 25.33
N VAL B 38 -14.70 44.27 24.72
CA VAL B 38 -13.98 43.03 25.02
C VAL B 38 -13.40 42.43 23.74
N LEU B 39 -12.19 41.91 23.85
CA LEU B 39 -11.51 41.31 22.71
C LEU B 39 -11.42 39.80 22.86
N THR B 40 -11.51 39.08 21.74
CA THR B 40 -11.43 37.64 21.75
C THR B 40 -11.09 37.10 20.36
N ALA B 41 -11.00 35.78 20.25
CA ALA B 41 -10.69 35.14 18.98
C ALA B 41 -11.96 34.95 18.16
N ALA B 42 -11.85 35.05 16.84
CA ALA B 42 -12.98 34.90 15.96
C ALA B 42 -13.58 33.50 16.06
N HIS B 43 -12.74 32.48 15.89
CA HIS B 43 -13.24 31.11 15.81
C HIS B 43 -13.95 30.66 17.08
N CYS B 44 -13.83 31.44 18.14
CA CYS B 44 -14.52 31.15 19.38
C CYS B 44 -16.03 31.33 19.24
N LEU B 45 -16.45 32.04 18.21
CA LEU B 45 -17.86 32.31 17.99
C LEU B 45 -18.27 32.34 16.52
N LEU B 46 -17.42 31.79 15.66
CA LEU B 46 -17.76 31.63 14.24
C LEU B 46 -16.91 30.55 13.58
N TYR B 47 -17.52 29.40 13.33
CA TYR B 47 -16.84 28.30 12.68
C TYR B 47 -17.83 27.44 11.90
N PRO B 48 -18.12 27.85 10.65
CA PRO B 48 -19.06 27.18 9.77
C PRO B 48 -18.87 25.67 9.75
N PRO B 49 -17.65 25.20 9.46
CA PRO B 49 -17.34 23.77 9.33
C PRO B 49 -17.93 22.95 10.47
N TRP B 50 -18.27 23.60 11.58
CA TRP B 50 -18.93 22.93 12.68
C TRP B 50 -20.32 23.51 12.92
N ASP B 51 -20.70 24.48 12.11
CA ASP B 51 -22.04 25.05 12.17
C ASP B 51 -22.17 25.99 13.36
N LYS B 52 -21.05 26.55 13.78
CA LYS B 52 -21.03 27.41 14.98
C LYS B 52 -21.10 28.89 14.65
N ASN B 53 -22.25 29.50 14.93
CA ASN B 53 -22.37 30.96 14.96
C ASN B 53 -23.24 31.43 16.11
N PHE B 54 -22.61 31.95 17.15
CA PHE B 54 -23.34 32.50 18.28
C PHE B 54 -23.77 33.94 17.99
N THR B 55 -24.57 34.51 18.89
CA THR B 55 -25.07 35.86 18.73
C THR B 55 -25.05 36.56 20.08
N GLU B 56 -25.11 37.88 20.07
CA GLU B 56 -25.10 38.64 21.32
C GLU B 56 -25.96 37.93 22.35
N ASN B 57 -27.00 37.24 21.88
CA ASN B 57 -27.98 36.63 22.76
C ASN B 57 -27.59 35.23 23.28
N ASP B 58 -26.80 34.51 22.50
CA ASP B 58 -26.37 33.16 22.89
C ASP B 58 -25.29 33.21 23.96
N LEU B 59 -24.69 34.37 24.17
CA LEU B 59 -23.46 34.47 24.94
C LEU B 59 -23.51 35.38 26.16
N LEU B 60 -22.58 35.15 27.08
CA LEU B 60 -22.37 35.99 28.25
C LEU B 60 -20.88 36.11 28.54
N VAL B 61 -20.47 37.27 29.05
CA VAL B 61 -19.08 37.47 29.44
C VAL B 61 -18.98 37.63 30.95
N ARG B 62 -18.02 36.92 31.54
CA ARG B 62 -17.83 37.00 33.00
C ARG B 62 -16.49 37.66 33.31
N ILE B 63 -16.55 38.77 34.05
CA ILE B 63 -15.38 39.59 34.31
C ILE B 63 -14.96 39.57 35.77
N GLY B 64 -13.65 39.66 36.01
CA GLY B 64 -13.12 39.72 37.36
C GLY B 64 -13.09 38.37 38.05
N LYS B 65 -13.30 37.31 37.28
CA LYS B 65 -13.33 35.96 37.85
C LYS B 65 -11.93 35.44 38.21
N HIS B 66 -11.91 34.42 39.05
CA HIS B 66 -10.67 33.75 39.40
C HIS B 66 -10.89 32.23 39.41
N SER B 67 -11.95 31.81 40.09
CA SER B 67 -12.34 30.40 40.09
C SER B 67 -12.97 30.05 38.75
N ARG B 68 -12.81 28.80 38.33
CA ARG B 68 -13.31 28.36 37.04
C ARG B 68 -14.82 28.09 37.05
N THR B 69 -15.35 27.74 38.22
CA THR B 69 -16.74 27.31 38.31
C THR B 69 -17.54 28.03 39.39
N ARG B 70 -16.88 28.39 40.48
CA ARG B 70 -17.57 29.00 41.61
C ARG B 70 -18.13 30.38 41.27
N TYR B 71 -19.26 30.73 41.89
CA TYR B 71 -19.89 32.04 41.68
C TYR B 71 -19.31 33.05 42.67
N GLU B 72 -18.62 34.05 42.14
CA GLU B 72 -17.90 35.01 42.97
C GLU B 72 -18.58 36.38 43.00
N ARG B 73 -19.72 36.45 43.67
CA ARG B 73 -20.45 37.72 43.78
C ARG B 73 -19.62 38.75 44.53
N ASN B 74 -19.83 40.02 44.20
CA ASN B 74 -19.05 41.11 44.78
C ASN B 74 -17.64 41.14 44.21
N ILE B 75 -17.28 40.10 43.46
CA ILE B 75 -15.99 40.03 42.82
C ILE B 75 -16.14 40.10 41.31
N GLU B 76 -16.66 39.02 40.72
CA GLU B 76 -16.88 38.97 39.29
C GLU B 76 -18.06 39.84 38.88
N LYS B 77 -18.23 40.04 37.59
CA LYS B 77 -19.33 40.84 37.07
C LYS B 77 -19.74 40.35 35.69
N ILE B 78 -20.92 39.74 35.60
CA ILE B 78 -21.42 39.20 34.34
C ILE B 78 -22.12 40.28 33.53
N SER B 79 -21.86 40.31 32.22
CA SER B 79 -22.44 41.31 31.35
C SER B 79 -22.87 40.69 30.03
N MET B 80 -23.81 41.35 29.34
CA MET B 80 -24.31 40.85 28.06
C MET B 80 -23.76 41.65 26.89
N LEU B 81 -23.85 41.07 25.69
CA LEU B 81 -23.28 41.69 24.50
C LEU B 81 -24.33 42.47 23.71
N GLU B 82 -24.07 43.77 23.53
CA GLU B 82 -24.96 44.59 22.71
C GLU B 82 -24.82 44.23 21.24
N LYS B 83 -23.60 43.89 20.83
CA LYS B 83 -23.34 43.53 19.44
C LYS B 83 -22.03 42.78 19.29
N ILE B 84 -21.94 41.95 18.25
CA ILE B 84 -20.73 41.23 17.93
C ILE B 84 -20.16 41.73 16.60
N TYR B 85 -18.87 42.06 16.60
CA TYR B 85 -18.20 42.48 15.37
C TYR B 85 -16.94 41.65 15.13
N ILE B 86 -17.05 40.66 14.25
CA ILE B 86 -15.89 39.84 13.91
C ILE B 86 -15.30 40.31 12.60
N HIS B 87 -14.00 40.08 12.42
CA HIS B 87 -13.29 40.60 11.26
C HIS B 87 -13.68 39.89 9.97
N PRO B 88 -14.08 40.67 8.94
CA PRO B 88 -14.52 40.15 7.65
C PRO B 88 -13.43 39.37 6.92
N ARG B 89 -12.18 39.76 7.17
CA ARG B 89 -11.05 39.07 6.54
C ARG B 89 -10.74 37.76 7.26
N TYR B 90 -11.49 37.50 8.32
CA TYR B 90 -11.31 36.28 9.11
C TYR B 90 -11.34 35.02 8.23
N ASN B 91 -10.16 34.51 7.92
CA ASN B 91 -10.03 33.31 7.11
C ASN B 91 -10.26 32.05 7.94
N TRP B 92 -11.52 31.68 8.11
CA TRP B 92 -11.89 30.51 8.90
C TRP B 92 -11.68 29.22 8.12
N ARG B 93 -11.28 29.35 6.86
CA ARG B 93 -11.21 28.20 5.97
C ARG B 93 -9.93 27.38 6.10
N GLU B 94 -8.78 28.02 5.89
CA GLU B 94 -7.52 27.27 5.78
C GLU B 94 -6.55 27.43 6.94
N ASN B 95 -6.29 28.66 7.37
CA ASN B 95 -5.25 28.89 8.38
C ASN B 95 -5.68 29.71 9.60
N LEU B 96 -6.92 30.19 9.60
CA LEU B 96 -7.44 30.93 10.74
C LEU B 96 -6.79 32.31 10.91
N ASP B 97 -6.40 32.93 9.80
CA ASP B 97 -5.83 34.27 9.85
C ASP B 97 -6.87 35.27 10.33
N ARG B 98 -6.42 36.31 11.03
CA ARG B 98 -7.32 37.34 11.52
C ARG B 98 -8.31 36.81 12.55
N ASP B 99 -7.90 35.78 13.27
CA ASP B 99 -8.71 35.21 14.34
C ASP B 99 -8.91 36.27 15.41
N ILE B 100 -9.95 37.08 15.25
CA ILE B 100 -10.21 38.18 16.16
C ILE B 100 -11.67 38.65 16.10
N ALA B 101 -12.18 39.08 17.24
CA ALA B 101 -13.55 39.57 17.32
C ALA B 101 -13.67 40.60 18.43
N LEU B 102 -14.59 41.52 18.26
CA LEU B 102 -14.93 42.42 19.33
C LEU B 102 -16.32 42.08 19.77
N MET B 103 -16.78 42.65 20.87
CA MET B 103 -18.01 42.30 21.49
C MET B 103 -18.31 43.43 22.38
N LYS B 104 -19.39 44.14 22.15
CA LYS B 104 -19.61 45.31 22.92
C LYS B 104 -20.53 44.99 24.06
N LEU B 105 -20.33 45.63 25.18
CA LEU B 105 -21.14 45.34 26.36
C LEU B 105 -22.35 46.25 26.44
N LYS B 106 -23.52 45.67 26.63
CA LYS B 106 -24.75 46.45 26.75
C LYS B 106 -24.60 47.57 27.77
N LYS B 107 -23.98 47.25 28.90
CA LYS B 107 -23.75 48.23 29.96
C LYS B 107 -22.27 48.27 30.35
N PRO B 108 -21.72 49.48 30.50
CA PRO B 108 -20.32 49.66 30.88
C PRO B 108 -20.00 48.97 32.19
N VAL B 109 -18.99 48.12 32.19
CA VAL B 109 -18.57 47.41 33.39
C VAL B 109 -17.72 48.28 34.30
N ALA B 110 -18.10 48.36 35.57
CA ALA B 110 -17.37 49.15 36.54
C ALA B 110 -16.05 48.50 36.93
N PHE B 111 -14.99 49.30 37.00
CA PHE B 111 -13.67 48.78 37.36
C PHE B 111 -13.48 48.70 38.86
N SER B 112 -12.68 47.74 39.30
CA SER B 112 -12.36 47.58 40.72
C SER B 112 -10.97 46.97 40.86
N ASP B 113 -10.76 46.23 41.93
CA ASP B 113 -9.48 45.56 42.17
C ASP B 113 -9.33 44.32 41.30
N TYR B 114 -10.44 43.84 40.75
CA TYR B 114 -10.42 42.61 39.97
C TYR B 114 -10.80 42.86 38.51
N ILE B 115 -11.18 44.08 38.19
CA ILE B 115 -11.58 44.43 36.83
C ILE B 115 -10.87 45.70 36.35
N HIS B 116 -9.87 45.50 35.49
CA HIS B 116 -9.15 46.62 34.91
C HIS B 116 -8.76 46.28 33.47
N PRO B 117 -8.84 47.28 32.58
CA PRO B 117 -8.56 47.08 31.16
C PRO B 117 -7.07 47.02 30.87
N VAL B 118 -6.69 46.27 29.84
CA VAL B 118 -5.30 46.17 29.43
C VAL B 118 -5.03 47.13 28.29
N CYS B 119 -3.78 47.58 28.18
CA CYS B 119 -3.39 48.51 27.13
C CYS B 119 -3.21 47.78 25.79
N LEU B 120 -3.37 48.52 24.70
CA LEU B 120 -3.08 48.00 23.38
C LEU B 120 -1.85 48.73 22.82
N PRO B 121 -0.92 47.99 22.20
CA PRO B 121 0.37 48.54 21.80
C PRO B 121 0.28 49.49 20.62
N ASP B 122 1.07 50.56 20.65
CA ASP B 122 1.20 51.46 19.52
C ASP B 122 2.39 51.01 18.67
N ARG B 123 2.53 51.60 17.48
CA ARG B 123 3.59 51.21 16.55
C ARG B 123 4.93 50.96 17.26
N GLU B 124 5.35 51.93 18.06
CA GLU B 124 6.65 51.85 18.74
C GLU B 124 6.69 50.73 19.78
N THR B 125 5.63 50.62 20.56
CA THR B 125 5.56 49.60 21.60
C THR B 125 5.55 48.19 20.99
N ALA B 126 4.74 48.01 19.95
CA ALA B 126 4.69 46.74 19.25
C ALA B 126 6.06 46.42 18.68
N ALA B 127 6.75 47.45 18.18
CA ALA B 127 8.07 47.29 17.61
C ALA B 127 9.11 46.96 18.68
N SER B 128 8.93 47.51 19.87
CA SER B 128 9.89 47.35 20.95
C SER B 128 9.77 46.01 21.66
N LEU B 129 8.53 45.53 21.80
CA LEU B 129 8.26 44.35 22.62
C LEU B 129 8.16 43.05 21.82
N LEU B 130 7.48 43.09 20.68
CA LEU B 130 7.26 41.87 19.91
C LEU B 130 8.50 41.43 19.14
N GLN B 131 9.35 40.66 19.82
CA GLN B 131 10.57 40.14 19.22
C GLN B 131 10.86 38.72 19.72
N ALA B 132 11.45 37.90 18.87
CA ALA B 132 11.85 36.56 19.26
C ALA B 132 12.91 36.65 20.35
N GLY B 133 12.72 35.89 21.43
CA GLY B 133 13.65 35.91 22.54
C GLY B 133 13.05 36.50 23.80
N TYR B 134 12.05 37.37 23.63
CA TYR B 134 11.34 37.94 24.76
C TYR B 134 10.20 37.01 25.18
N LYS B 135 9.79 37.12 26.44
CA LYS B 135 8.71 36.27 26.95
C LYS B 135 7.41 37.04 27.12
N GLY B 136 6.29 36.32 27.01
CA GLY B 136 4.98 36.88 27.25
C GLY B 136 4.22 36.04 28.25
N ARG B 137 3.06 36.51 28.67
CA ARG B 137 2.25 35.79 29.65
C ARG B 137 0.93 35.33 29.04
N VAL B 138 0.65 34.04 29.18
CA VAL B 138 -0.61 33.47 28.71
C VAL B 138 -1.45 33.03 29.91
N THR B 139 -2.76 33.22 29.82
CA THR B 139 -3.66 32.90 30.92
C THR B 139 -5.00 32.37 30.42
N GLY B 140 -5.59 31.46 31.17
CA GLY B 140 -6.89 30.90 30.81
C GLY B 140 -7.35 29.76 31.68
N TRP B 141 -8.60 29.36 31.51
CA TRP B 141 -9.18 28.25 32.27
C TRP B 141 -9.19 26.96 31.45
N GLY B 142 -8.40 26.94 30.38
CA GLY B 142 -8.32 25.77 29.50
C GLY B 142 -7.83 24.53 30.20
N ASN B 143 -7.79 23.42 29.48
CA ASN B 143 -7.39 22.13 30.05
C ASN B 143 -5.91 22.07 30.42
N LEU B 144 -5.58 21.19 31.37
CA LEU B 144 -4.23 21.07 31.89
C LEU B 144 -3.33 20.24 30.97
N LYS B 145 -3.95 19.47 30.09
CA LYS B 145 -3.20 18.63 29.16
C LYS B 145 -3.98 18.36 27.88
N GLU B 146 -3.27 18.16 26.79
CA GLU B 146 -3.89 17.83 25.51
C GLU B 146 -4.66 16.51 25.62
N THR B 147 -3.95 15.46 25.99
CA THR B 147 -4.56 14.14 26.11
C THR B 147 -4.41 13.62 27.53
N TRP B 148 -5.54 13.21 28.12
CA TRP B 148 -5.53 12.68 29.48
C TRP B 148 -6.95 12.59 30.04
N LYS B 154 -7.01 15.81 37.06
CA LYS B 154 -8.32 16.42 36.97
C LYS B 154 -8.69 16.73 35.51
N GLY B 155 -7.78 17.40 34.81
CA GLY B 155 -8.02 17.78 33.42
C GLY B 155 -8.34 19.25 33.27
N GLN B 156 -9.22 19.75 34.13
CA GLN B 156 -9.60 21.15 34.13
C GLN B 156 -9.13 21.82 35.40
N PRO B 157 -8.59 23.04 35.28
CA PRO B 157 -8.02 23.77 36.42
C PRO B 157 -9.10 24.21 37.41
N SER B 158 -8.70 24.38 38.67
CA SER B 158 -9.61 24.86 39.70
C SER B 158 -9.76 26.38 39.61
N VAL B 159 -8.65 27.05 39.32
CA VAL B 159 -8.62 28.50 39.23
C VAL B 159 -7.82 28.98 38.03
N LEU B 160 -7.97 30.25 37.69
CA LEU B 160 -7.25 30.84 36.57
C LEU B 160 -5.80 30.37 36.55
N GLN B 161 -5.33 29.97 35.39
CA GLN B 161 -3.95 29.52 35.22
C GLN B 161 -3.12 30.56 34.49
N VAL B 162 -1.80 30.49 34.66
CA VAL B 162 -0.89 31.42 34.00
C VAL B 162 0.41 30.71 33.61
N VAL B 163 1.01 31.17 32.52
CA VAL B 163 2.30 30.64 32.09
C VAL B 163 3.02 31.66 31.21
N ASN B 164 4.34 31.73 31.38
CA ASN B 164 5.16 32.64 30.60
C ASN B 164 5.89 31.91 29.48
N LEU B 165 5.79 32.44 28.27
CA LEU B 165 6.36 31.79 27.10
C LEU B 165 7.19 32.76 26.26
N PRO B 166 8.28 32.25 25.65
CA PRO B 166 9.16 33.04 24.80
C PRO B 166 8.68 33.11 23.36
N ILE B 167 8.69 34.32 22.79
CA ILE B 167 8.33 34.53 21.40
C ILE B 167 9.36 33.88 20.47
N VAL B 168 8.88 33.17 19.46
CA VAL B 168 9.77 32.40 18.59
C VAL B 168 9.99 33.06 17.23
N GLU B 169 11.11 32.69 16.59
CA GLU B 169 11.48 33.27 15.30
C GLU B 169 10.59 32.79 14.16
N ARG B 170 10.10 33.74 13.38
CA ARG B 170 9.18 33.45 12.28
C ARG B 170 9.62 32.24 11.46
N PRO B 171 10.86 32.26 10.97
CA PRO B 171 11.40 31.12 10.22
C PRO B 171 11.19 29.80 10.96
N VAL B 172 11.35 29.84 12.27
CA VAL B 172 11.20 28.63 13.10
C VAL B 172 9.73 28.22 13.19
N CYS B 173 8.90 29.13 13.70
CA CYS B 173 7.47 28.88 13.78
C CYS B 173 6.97 28.26 12.48
N LYS B 174 7.40 28.84 11.37
CA LYS B 174 6.91 28.46 10.04
C LYS B 174 7.33 27.06 9.62
N ASP B 175 8.58 26.70 9.89
CA ASP B 175 9.08 25.37 9.55
C ASP B 175 8.65 24.37 10.62
N SER B 176 7.58 24.71 11.33
CA SER B 176 7.08 23.88 12.42
C SER B 176 5.74 23.24 12.07
N THR B 177 5.05 23.83 11.10
CA THR B 177 3.74 23.35 10.70
C THR B 177 3.54 23.42 9.20
N ARG B 178 2.76 22.49 8.66
CA ARG B 178 2.42 22.50 7.24
C ARG B 178 1.45 23.64 6.96
N ILE B 179 0.72 24.06 7.98
CA ILE B 179 -0.20 25.19 7.85
C ILE B 179 0.51 26.40 7.27
N ARG B 180 -0.24 27.25 6.57
CA ARG B 180 0.31 28.44 5.94
C ARG B 180 0.25 29.64 6.88
N ILE B 181 1.33 29.87 7.61
CA ILE B 181 1.42 31.02 8.51
C ILE B 181 1.19 32.32 7.74
N THR B 182 1.09 33.42 8.48
CA THR B 182 0.94 34.73 7.86
C THR B 182 1.42 35.84 8.80
N ASP B 183 1.78 36.98 8.22
CA ASP B 183 2.29 38.10 8.99
C ASP B 183 1.32 38.56 10.08
N ASN B 184 0.09 38.05 10.02
CA ASN B 184 -0.92 38.43 11.00
C ASN B 184 -0.89 37.58 12.26
N MET B 185 -0.02 36.58 12.27
CA MET B 185 0.10 35.69 13.44
C MET B 185 1.56 35.38 13.79
N PHE B 186 1.83 35.30 15.09
CA PHE B 186 3.14 34.89 15.58
C PHE B 186 2.97 33.68 16.49
N CYS B 187 4.06 32.94 16.72
CA CYS B 187 3.98 31.79 17.59
C CYS B 187 5.01 31.87 18.72
N ALA B 188 4.64 31.35 19.88
CA ALA B 188 5.54 31.34 21.04
C ALA B 188 5.61 29.95 21.65
N GLY B 189 6.62 29.72 22.48
CA GLY B 189 6.80 28.41 23.12
C GLY B 189 8.26 28.00 23.18
N TYR B 190 8.56 27.02 24.02
CA TYR B 190 9.92 26.56 24.21
C TYR B 190 10.37 25.55 23.17
N LYS B 191 11.61 25.68 22.72
CA LYS B 191 12.22 24.67 21.87
C LYS B 191 12.38 23.40 22.70
N PRO B 192 12.39 22.23 22.04
CA PRO B 192 12.45 20.95 22.74
C PRO B 192 13.71 20.78 23.59
N ASP B 193 14.79 21.47 23.20
CA ASP B 193 16.06 21.33 23.91
C ASP B 193 16.33 22.50 24.85
N GLU B 194 15.30 22.93 25.58
CA GLU B 194 15.45 24.05 26.52
C GLU B 194 15.05 23.66 27.94
N GLY B 195 14.37 22.54 28.08
CA GLY B 195 13.94 22.07 29.39
C GLY B 195 12.54 22.52 29.72
N LYS B 196 12.41 23.78 30.11
CA LYS B 196 11.10 24.36 30.39
C LYS B 196 10.16 24.16 29.20
N ARG B 197 8.89 23.88 29.49
CA ARG B 197 7.88 23.71 28.46
C ARG B 197 6.62 24.49 28.80
N GLY B 198 5.51 24.18 28.14
CA GLY B 198 4.25 24.86 28.39
C GLY B 198 3.57 25.37 27.14
N ASP B 199 2.25 25.51 27.20
CA ASP B 199 1.46 25.94 26.05
C ASP B 199 0.02 26.21 26.45
N ALA B 200 -0.73 26.85 25.56
CA ALA B 200 -2.16 27.00 25.76
C ALA B 200 -2.84 25.70 25.36
N CYS B 201 -4.16 25.62 25.54
CA CYS B 201 -4.87 24.38 25.21
C CYS B 201 -6.38 24.60 25.11
N GLU B 202 -7.09 23.52 24.77
CA GLU B 202 -8.54 23.55 24.65
C GLU B 202 -9.19 24.39 25.74
N GLY B 203 -9.84 25.48 25.33
CA GLY B 203 -10.53 26.36 26.27
C GLY B 203 -9.81 27.66 26.49
N ASP B 204 -8.52 27.68 26.18
CA ASP B 204 -7.69 28.87 26.38
C ASP B 204 -7.84 29.88 25.25
N ALA B 205 -8.29 29.42 24.08
CA ALA B 205 -8.47 30.28 22.92
C ALA B 205 -9.15 31.58 23.31
N GLY B 206 -8.89 32.64 22.55
CA GLY B 206 -9.48 33.94 22.83
C GLY B 206 -8.75 34.66 23.95
N GLY B 207 -8.04 33.90 24.77
CA GLY B 207 -7.27 34.46 25.87
C GLY B 207 -6.21 35.42 25.38
N PRO B 208 -5.73 36.31 26.27
CA PRO B 208 -4.75 37.33 25.91
C PRO B 208 -3.31 36.86 26.12
N PHE B 209 -2.46 37.20 25.16
CA PHE B 209 -1.02 37.05 25.32
C PHE B 209 -0.47 38.44 25.65
N VAL B 210 0.00 38.62 26.88
CA VAL B 210 0.37 39.95 27.37
C VAL B 210 1.85 40.11 27.67
N MET B 211 2.33 41.34 27.59
CA MET B 211 3.72 41.67 27.92
C MET B 211 3.78 42.98 28.70
N LYS B 212 4.75 43.09 29.60
CA LYS B 212 4.89 44.26 30.45
C LYS B 212 6.02 45.18 30.01
N SER B 213 5.69 46.46 29.82
CA SER B 213 6.67 47.44 29.38
C SER B 213 7.63 47.82 30.51
N PRO B 214 8.93 47.58 30.30
CA PRO B 214 9.94 47.96 31.27
C PRO B 214 10.14 49.47 31.28
N PHE B 215 9.47 50.16 30.36
CA PHE B 215 9.58 51.61 30.25
C PHE B 215 8.55 52.33 31.12
N ASN B 216 7.30 51.88 31.05
CA ASN B 216 6.22 52.55 31.76
C ASN B 216 5.45 51.66 32.74
N ASN B 217 5.95 50.44 32.95
CA ASN B 217 5.40 49.59 34.00
C ASN B 217 3.99 49.07 33.67
N ARG B 218 3.53 49.35 32.45
CA ARG B 218 2.19 48.93 32.03
C ARG B 218 2.21 47.57 31.32
N TRP B 219 1.05 46.92 31.28
CA TRP B 219 0.90 45.65 30.57
C TRP B 219 0.24 45.86 29.21
N TYR B 220 0.75 45.17 28.19
CA TYR B 220 0.18 45.26 26.86
C TYR B 220 -0.24 43.89 26.34
N GLN B 221 -1.34 43.86 25.61
CA GLN B 221 -1.76 42.63 24.94
C GLN B 221 -1.16 42.60 23.55
N MET B 222 -0.27 41.63 23.31
CA MET B 222 0.44 41.54 22.05
C MET B 222 -0.10 40.42 21.18
N GLY B 223 -0.97 39.59 21.74
CA GLY B 223 -1.50 38.45 21.02
C GLY B 223 -2.75 37.84 21.61
N ILE B 224 -3.50 37.13 20.77
CA ILE B 224 -4.69 36.42 21.20
C ILE B 224 -4.48 34.93 20.94
N VAL B 225 -4.73 34.11 21.95
CA VAL B 225 -4.60 32.67 21.77
C VAL B 225 -5.49 32.24 20.61
N SER B 226 -4.88 31.65 19.58
CA SER B 226 -5.62 31.24 18.39
C SER B 226 -5.68 29.73 18.23
N TRP B 227 -4.57 29.13 17.82
CA TRP B 227 -4.56 27.71 17.51
C TRP B 227 -3.20 27.06 17.75
N GLY B 228 -3.19 25.73 17.67
CA GLY B 228 -1.97 24.95 17.82
C GLY B 228 -2.25 23.50 17.46
N GLU B 229 -1.19 22.75 17.18
CA GLU B 229 -1.36 21.34 16.81
C GLU B 229 -1.18 20.45 18.03
N GLY B 230 -2.23 20.34 18.84
CA GLY B 230 -2.16 19.63 20.10
C GLY B 230 -1.90 20.61 21.23
N CYS B 231 -1.30 20.13 22.30
CA CYS B 231 -0.97 20.98 23.44
C CYS B 231 0.38 20.60 24.05
N ASP B 232 1.29 21.56 24.10
CA ASP B 232 2.61 21.33 24.68
C ASP B 232 3.36 20.26 23.90
N ARG B 233 3.18 20.25 22.59
CA ARG B 233 3.85 19.29 21.72
C ARG B 233 5.32 19.66 21.53
N ASP B 234 6.20 18.67 21.59
CA ASP B 234 7.60 18.89 21.26
C ASP B 234 7.74 19.20 19.78
N GLY B 235 8.38 20.32 19.47
CA GLY B 235 8.57 20.74 18.09
C GLY B 235 7.40 21.55 17.58
N LYS B 236 6.42 21.78 18.43
CA LYS B 236 5.25 22.56 18.07
C LYS B 236 5.19 23.87 18.85
N TYR B 237 4.38 24.81 18.39
CA TYR B 237 4.27 26.11 19.03
C TYR B 237 2.86 26.66 18.94
N GLY B 238 2.45 27.38 19.99
CA GLY B 238 1.16 28.06 19.98
C GLY B 238 1.21 29.27 19.07
N PHE B 239 0.17 29.47 18.29
CA PHE B 239 0.12 30.61 17.39
C PHE B 239 -0.88 31.66 17.89
N TYR B 240 -0.46 32.91 17.88
CA TYR B 240 -1.26 33.99 18.46
C TYR B 240 -1.56 35.08 17.44
N THR B 241 -2.76 35.64 17.54
CA THR B 241 -3.18 36.72 16.64
C THR B 241 -2.35 37.97 16.87
N HIS B 242 -1.69 38.44 15.82
CA HIS B 242 -0.90 39.66 15.90
C HIS B 242 -1.83 40.87 16.06
N VAL B 243 -2.07 41.26 17.30
CA VAL B 243 -3.06 42.30 17.61
C VAL B 243 -2.83 43.60 16.86
N PHE B 244 -1.72 44.27 17.16
CA PHE B 244 -1.42 45.56 16.55
C PHE B 244 -1.66 45.57 15.04
N ARG B 245 -1.09 44.58 14.35
CA ARG B 245 -1.25 44.48 12.90
C ARG B 245 -2.72 44.49 12.49
N LEU B 246 -3.61 44.62 13.46
CA LEU B 246 -5.03 44.66 13.18
C LEU B 246 -5.71 45.76 14.00
N LYS B 247 -4.91 46.72 14.45
CA LYS B 247 -5.41 47.79 15.31
C LYS B 247 -6.28 48.78 14.55
N LYS B 248 -6.04 48.91 13.25
CA LYS B 248 -6.83 49.81 12.41
C LYS B 248 -8.29 49.38 12.41
N TRP B 249 -8.53 48.10 12.09
CA TRP B 249 -9.88 47.55 12.12
C TRP B 249 -10.52 47.78 13.48
N ILE B 250 -9.76 47.52 14.54
CA ILE B 250 -10.24 47.70 15.90
C ILE B 250 -10.68 49.14 16.14
N GLN B 251 -9.90 50.09 15.62
CA GLN B 251 -10.21 51.50 15.74
C GLN B 251 -11.45 51.85 14.92
N LYS B 252 -11.52 51.31 13.71
CA LYS B 252 -12.66 51.53 12.84
C LYS B 252 -13.95 51.12 13.53
N VAL B 253 -13.99 49.89 14.02
CA VAL B 253 -15.16 49.36 14.69
C VAL B 253 -15.49 50.18 15.95
N ILE B 254 -14.49 50.39 16.79
CA ILE B 254 -14.68 51.12 18.03
C ILE B 254 -15.39 52.44 17.82
N ASP B 255 -14.93 53.21 16.83
CA ASP B 255 -15.51 54.52 16.54
C ASP B 255 -16.79 54.42 15.74
N GLN B 256 -16.87 53.44 14.85
CA GLN B 256 -18.01 53.29 13.96
C GLN B 256 -19.23 52.67 14.66
N PHE B 257 -19.05 51.46 15.20
CA PHE B 257 -20.14 50.73 15.81
C PHE B 257 -20.26 50.99 17.31
N GLY B 258 -19.65 52.08 17.77
CA GLY B 258 -19.70 52.45 19.18
C GLY B 258 -21.11 52.68 19.68
N PHE C 3 -51.85 8.44 1.50
CA PHE C 3 -51.45 9.62 2.33
C PHE C 3 -50.02 10.07 2.03
N ASN C 4 -49.36 10.64 3.03
CA ASN C 4 -48.00 11.13 2.87
C ASN C 4 -47.08 10.11 2.22
N PRO C 5 -46.39 10.51 1.14
CA PRO C 5 -45.45 9.64 0.45
C PRO C 5 -44.37 9.14 1.41
N LEU C 6 -44.30 9.74 2.59
CA LEU C 6 -43.38 9.32 3.63
C LEU C 6 -43.96 8.14 4.39
N SER C 7 -45.24 8.24 4.75
CA SER C 7 -45.93 7.17 5.46
C SER C 7 -46.05 5.93 4.58
N LEU C 8 -46.13 6.15 3.27
CA LEU C 8 -46.20 5.04 2.32
C LEU C 8 -44.86 4.33 2.25
N GLU C 9 -43.80 5.10 2.05
CA GLU C 9 -42.45 4.55 2.03
C GLU C 9 -42.16 3.83 3.33
N GLU C 10 -42.76 4.31 4.41
CA GLU C 10 -42.61 3.67 5.72
C GLU C 10 -43.15 2.24 5.67
N LEU C 11 -44.31 2.07 5.04
CA LEU C 11 -44.92 0.75 4.91
C LEU C 11 -44.01 -0.20 4.13
N GLY C 12 -43.50 0.28 3.01
CA GLY C 12 -42.60 -0.52 2.18
C GLY C 12 -41.34 -0.92 2.91
N SER C 13 -40.63 0.08 3.44
CA SER C 13 -39.39 -0.17 4.18
C SER C 13 -39.61 -1.14 5.33
N ASN C 14 -40.72 -0.99 6.02
CA ASN C 14 -41.06 -1.88 7.12
C ASN C 14 -41.08 -3.34 6.68
N THR C 15 -41.78 -3.60 5.58
CA THR C 15 -41.87 -4.95 5.03
C THR C 15 -40.48 -5.53 4.80
N GLY C 16 -39.62 -4.73 4.18
CA GLY C 16 -38.25 -5.15 3.89
C GLY C 16 -37.48 -5.48 5.16
N ILE C 17 -37.68 -4.66 6.19
CA ILE C 17 -37.01 -4.87 7.47
C ILE C 17 -37.47 -6.17 8.13
N GLN C 18 -38.78 -6.41 8.10
CA GLN C 18 -39.34 -7.63 8.66
C GLN C 18 -38.73 -8.86 7.99
N VAL C 19 -38.52 -8.75 6.68
CA VAL C 19 -37.85 -9.81 5.94
C VAL C 19 -36.40 -9.94 6.40
N PHE C 20 -35.77 -8.81 6.66
CA PHE C 20 -34.40 -8.80 7.16
C PHE C 20 -34.30 -9.54 8.48
N ASN C 21 -35.19 -9.23 9.41
CA ASN C 21 -35.22 -9.89 10.70
C ASN C 21 -35.33 -11.39 10.57
N GLN C 22 -36.14 -11.85 9.62
CA GLN C 22 -36.32 -13.28 9.38
C GLN C 22 -35.00 -13.93 8.98
N ILE C 23 -34.41 -13.46 7.89
CA ILE C 23 -33.16 -13.99 7.40
C ILE C 23 -32.09 -14.01 8.48
N VAL C 24 -31.99 -12.90 9.22
CA VAL C 24 -30.95 -12.73 10.23
C VAL C 24 -31.01 -13.80 11.33
N LYS C 25 -32.20 -14.09 11.83
CA LYS C 25 -32.36 -15.06 12.90
C LYS C 25 -31.96 -16.46 12.46
N SER C 26 -32.15 -16.75 11.17
CA SER C 26 -31.81 -18.05 10.61
C SER C 26 -30.32 -18.20 10.35
N ARG C 27 -29.64 -17.07 10.20
CA ARG C 27 -28.20 -17.07 9.97
C ARG C 27 -27.53 -15.92 10.73
N PRO C 28 -27.39 -16.09 12.05
CA PRO C 28 -26.89 -15.07 12.97
C PRO C 28 -25.47 -14.60 12.70
N HIS C 29 -24.57 -15.54 12.41
CA HIS C 29 -23.14 -15.22 12.30
C HIS C 29 -22.68 -14.85 10.89
N ASP C 30 -23.60 -14.87 9.93
CA ASP C 30 -23.26 -14.57 8.55
C ASP C 30 -23.43 -13.09 8.24
N ASN C 31 -22.78 -12.65 7.15
CA ASN C 31 -22.96 -11.29 6.66
C ASN C 31 -24.21 -11.21 5.79
N ILE C 32 -25.14 -10.33 6.16
CA ILE C 32 -26.39 -10.20 5.43
C ILE C 32 -26.64 -8.77 4.98
N VAL C 33 -26.71 -8.57 3.66
CA VAL C 33 -27.06 -7.27 3.11
C VAL C 33 -28.35 -7.36 2.32
N ILE C 34 -29.31 -6.51 2.67
CA ILE C 34 -30.59 -6.48 1.98
C ILE C 34 -31.00 -5.06 1.65
N SER C 35 -31.88 -4.91 0.67
CA SER C 35 -32.46 -3.62 0.36
C SER C 35 -33.95 -3.64 0.69
N PRO C 36 -34.30 -3.24 1.92
CA PRO C 36 -35.68 -3.21 2.36
C PRO C 36 -36.59 -2.58 1.33
N HIS C 37 -36.24 -1.39 0.84
CA HIS C 37 -37.05 -0.72 -0.15
C HIS C 37 -37.12 -1.51 -1.45
N GLY C 38 -36.01 -2.13 -1.83
CA GLY C 38 -35.98 -2.97 -3.02
C GLY C 38 -37.07 -4.02 -2.96
N ILE C 39 -37.25 -4.62 -1.80
CA ILE C 39 -38.27 -5.65 -1.61
C ILE C 39 -39.66 -5.10 -1.87
N ALA C 40 -39.92 -3.88 -1.40
CA ALA C 40 -41.21 -3.25 -1.61
C ALA C 40 -41.47 -3.05 -3.11
N SER C 41 -40.40 -2.83 -3.87
CA SER C 41 -40.51 -2.64 -5.31
C SER C 41 -40.80 -3.97 -6.01
N VAL C 42 -40.19 -5.05 -5.52
CA VAL C 42 -40.42 -6.37 -6.08
C VAL C 42 -41.86 -6.80 -5.86
N LEU C 43 -42.35 -6.62 -4.64
CA LEU C 43 -43.74 -6.95 -4.32
C LEU C 43 -44.68 -6.13 -5.20
N GLY C 44 -44.31 -4.89 -5.48
CA GLY C 44 -45.09 -4.04 -6.38
C GLY C 44 -45.08 -4.57 -7.79
N MET C 45 -43.89 -4.82 -8.31
CA MET C 45 -43.74 -5.42 -9.63
C MET C 45 -44.67 -6.61 -9.77
N LEU C 46 -44.64 -7.50 -8.78
CA LEU C 46 -45.49 -8.69 -8.77
C LEU C 46 -46.98 -8.33 -8.73
N GLN C 47 -47.35 -7.45 -7.81
CA GLN C 47 -48.75 -7.11 -7.60
C GLN C 47 -49.41 -6.55 -8.86
N LEU C 48 -48.60 -5.97 -9.73
CA LEU C 48 -49.13 -5.28 -10.90
C LEU C 48 -49.80 -6.23 -11.89
N GLY C 49 -49.28 -7.47 -11.96
CA GLY C 49 -49.83 -8.46 -12.88
C GLY C 49 -50.45 -9.65 -12.19
N ALA C 50 -50.76 -9.47 -10.90
CA ALA C 50 -51.37 -10.54 -10.11
C ALA C 50 -52.84 -10.24 -9.86
N ASP C 51 -53.63 -11.31 -9.67
CA ASP C 51 -55.05 -11.16 -9.42
C ASP C 51 -55.60 -12.32 -8.58
N GLY C 52 -56.75 -12.10 -7.96
CA GLY C 52 -57.39 -13.12 -7.14
C GLY C 52 -56.72 -13.24 -5.78
N ARG C 53 -56.69 -14.46 -5.25
CA ARG C 53 -56.01 -14.72 -3.99
C ARG C 53 -54.62 -14.12 -3.97
N THR C 54 -53.86 -14.38 -5.03
CA THR C 54 -52.49 -13.87 -5.13
C THR C 54 -52.42 -12.38 -4.79
N LYS C 55 -53.16 -11.57 -5.53
CA LYS C 55 -53.16 -10.13 -5.30
C LYS C 55 -53.63 -9.81 -3.89
N LYS C 56 -54.63 -10.55 -3.41
CA LYS C 56 -55.17 -10.36 -2.07
C LYS C 56 -54.06 -10.47 -1.02
N GLN C 57 -53.23 -11.49 -1.15
CA GLN C 57 -52.12 -11.71 -0.21
C GLN C 57 -51.14 -10.56 -0.24
N LEU C 58 -50.67 -10.20 -1.44
CA LEU C 58 -49.73 -9.10 -1.60
C LEU C 58 -50.29 -7.81 -1.03
N ALA C 59 -51.55 -7.54 -1.29
CA ALA C 59 -52.18 -6.29 -0.85
C ALA C 59 -52.21 -6.17 0.68
N MET C 60 -52.46 -7.29 1.35
CA MET C 60 -52.62 -7.28 2.81
C MET C 60 -51.28 -7.21 3.54
N VAL C 61 -50.21 -7.56 2.83
CA VAL C 61 -48.86 -7.47 3.40
C VAL C 61 -48.26 -6.09 3.14
N MET C 62 -48.35 -5.64 1.90
CA MET C 62 -47.84 -4.33 1.51
C MET C 62 -48.60 -3.22 2.22
N ARG C 63 -49.87 -3.47 2.53
CA ARG C 63 -50.72 -2.50 3.18
C ARG C 63 -51.19 -1.41 2.22
N TYR C 64 -50.76 -1.51 0.96
CA TYR C 64 -51.19 -0.59 -0.07
C TYR C 64 -51.34 -1.28 -1.43
N GLY C 65 -52.22 -0.74 -2.27
CA GLY C 65 -52.44 -1.30 -3.59
C GLY C 65 -51.76 -0.50 -4.68
N VAL C 66 -51.02 -1.19 -5.54
CA VAL C 66 -50.28 -0.52 -6.61
C VAL C 66 -51.10 0.56 -7.28
N ASN C 67 -52.36 0.25 -7.56
CA ASN C 67 -53.25 1.20 -8.22
C ASN C 67 -53.60 2.39 -7.34
N GLY C 68 -53.69 3.57 -7.95
CA GLY C 68 -54.03 4.79 -7.23
C GLY C 68 -52.86 5.31 -6.41
N VAL C 69 -51.75 4.57 -6.42
CA VAL C 69 -50.57 4.94 -5.68
C VAL C 69 -49.33 5.01 -6.57
N GLY C 70 -49.32 4.20 -7.62
CA GLY C 70 -48.20 4.16 -8.55
C GLY C 70 -47.46 5.48 -8.68
N LYS C 71 -48.22 6.56 -8.89
CA LYS C 71 -47.63 7.88 -9.02
C LYS C 71 -46.71 8.20 -7.85
N ILE C 72 -47.22 7.98 -6.64
CA ILE C 72 -46.43 8.20 -5.44
C ILE C 72 -45.22 7.29 -5.40
N LEU C 73 -45.40 6.05 -5.85
CA LEU C 73 -44.33 5.07 -5.88
C LEU C 73 -43.29 5.38 -6.97
N LYS C 74 -43.75 5.96 -8.07
CA LYS C 74 -42.86 6.31 -9.17
C LYS C 74 -42.01 7.52 -8.81
N LYS C 75 -42.60 8.49 -8.11
CA LYS C 75 -41.90 9.69 -7.70
C LYS C 75 -40.77 9.36 -6.73
N ILE C 76 -41.07 8.52 -5.74
CA ILE C 76 -40.07 8.10 -4.76
C ILE C 76 -38.97 7.30 -5.43
N ASN C 77 -39.37 6.30 -6.22
CA ASN C 77 -38.40 5.47 -6.94
C ASN C 77 -37.58 6.26 -7.94
N LYS C 78 -38.08 7.44 -8.31
CA LYS C 78 -37.36 8.32 -9.22
C LYS C 78 -36.38 9.21 -8.47
N ALA C 79 -36.81 9.70 -7.31
CA ALA C 79 -35.99 10.56 -6.48
C ALA C 79 -34.75 9.82 -5.96
N ILE C 80 -34.95 8.59 -5.54
CA ILE C 80 -33.86 7.78 -5.00
C ILE C 80 -32.68 7.71 -5.96
N VAL C 81 -32.97 7.47 -7.24
CA VAL C 81 -31.92 7.34 -8.25
C VAL C 81 -31.55 8.70 -8.86
N SER C 82 -32.43 9.68 -8.67
CA SER C 82 -32.22 11.01 -9.23
C SER C 82 -30.76 11.46 -9.13
N LYS C 83 -30.21 11.93 -10.24
CA LYS C 83 -28.83 12.39 -10.28
C LYS C 83 -28.63 13.61 -9.40
N LYS C 84 -29.70 14.03 -8.72
CA LYS C 84 -29.64 15.17 -7.83
C LYS C 84 -28.97 14.81 -6.51
N ASN C 85 -28.82 13.51 -6.27
CA ASN C 85 -28.18 13.02 -5.05
C ASN C 85 -26.66 13.14 -5.13
N LYS C 86 -26.15 13.44 -6.32
CA LYS C 86 -24.71 13.48 -6.54
C LYS C 86 -24.12 12.08 -6.35
N ASP C 87 -24.63 11.36 -5.36
CA ASP C 87 -24.28 9.97 -5.14
C ASP C 87 -25.24 9.09 -5.92
N ILE C 88 -24.69 8.16 -6.70
CA ILE C 88 -25.50 7.34 -7.60
C ILE C 88 -25.85 5.97 -7.03
N VAL C 89 -27.15 5.68 -6.97
CA VAL C 89 -27.63 4.39 -6.50
C VAL C 89 -28.14 3.56 -7.68
N THR C 90 -27.33 2.62 -8.14
CA THR C 90 -27.72 1.76 -9.26
C THR C 90 -28.73 0.72 -8.81
N VAL C 91 -29.87 0.68 -9.50
CA VAL C 91 -30.95 -0.25 -9.17
C VAL C 91 -31.49 -0.95 -10.42
N ALA C 92 -31.46 -2.27 -10.41
CA ALA C 92 -31.95 -3.06 -11.54
C ALA C 92 -33.20 -3.86 -11.14
N ASN C 93 -34.22 -3.79 -11.99
CA ASN C 93 -35.47 -4.51 -11.76
C ASN C 93 -35.96 -5.23 -13.01
N ALA C 94 -36.10 -6.55 -12.92
CA ALA C 94 -36.51 -7.34 -14.07
C ALA C 94 -37.39 -8.52 -13.68
N VAL C 95 -38.39 -8.80 -14.52
CA VAL C 95 -39.21 -9.98 -14.38
C VAL C 95 -39.17 -10.78 -15.68
N PHE C 96 -38.66 -12.00 -15.60
CA PHE C 96 -38.52 -12.85 -16.78
C PHE C 96 -39.65 -13.86 -16.88
N VAL C 97 -40.22 -14.01 -18.08
CA VAL C 97 -41.36 -14.89 -18.29
C VAL C 97 -41.04 -15.95 -19.34
N LYS C 98 -41.58 -17.15 -19.15
CA LYS C 98 -41.42 -18.23 -20.11
C LYS C 98 -41.56 -17.68 -21.52
N ASN C 99 -40.82 -18.26 -22.46
CA ASN C 99 -40.80 -17.75 -23.83
C ASN C 99 -42.09 -18.05 -24.59
N ALA C 100 -42.64 -19.24 -24.39
CA ALA C 100 -43.85 -19.67 -25.09
C ALA C 100 -45.10 -19.05 -24.47
N SER C 101 -44.99 -17.82 -23.99
CA SER C 101 -46.11 -17.12 -23.39
C SER C 101 -46.13 -15.66 -23.81
N GLU C 102 -47.26 -15.20 -24.35
CA GLU C 102 -47.39 -13.82 -24.80
C GLU C 102 -47.66 -12.88 -23.64
N ILE C 103 -46.70 -12.01 -23.34
CA ILE C 103 -46.83 -11.06 -22.25
C ILE C 103 -47.76 -9.90 -22.62
N GLU C 104 -48.41 -9.33 -21.60
CA GLU C 104 -49.35 -8.23 -21.80
C GLU C 104 -48.66 -6.87 -21.88
N VAL C 105 -49.24 -5.97 -22.67
CA VAL C 105 -48.61 -4.67 -22.95
C VAL C 105 -48.65 -3.70 -21.78
N PRO C 106 -49.80 -3.59 -21.10
CA PRO C 106 -49.94 -2.65 -19.99
C PRO C 106 -49.09 -3.07 -18.80
N PHE C 107 -48.85 -4.37 -18.66
CA PHE C 107 -47.99 -4.90 -17.61
C PHE C 107 -46.55 -4.43 -17.84
N VAL C 108 -46.05 -4.68 -19.04
CA VAL C 108 -44.70 -4.26 -19.40
C VAL C 108 -44.56 -2.74 -19.30
N THR C 109 -45.54 -2.03 -19.85
CA THR C 109 -45.51 -0.57 -19.86
C THR C 109 -45.48 0.02 -18.44
N ARG C 110 -46.40 -0.42 -17.59
CA ARG C 110 -46.50 0.09 -16.23
C ARG C 110 -45.27 -0.24 -15.38
N ASN C 111 -44.77 -1.46 -15.51
CA ASN C 111 -43.59 -1.88 -14.76
C ASN C 111 -42.38 -1.00 -15.03
N LYS C 112 -42.10 -0.75 -16.30
CA LYS C 112 -40.97 0.10 -16.69
C LYS C 112 -41.21 1.53 -16.24
N ASP C 113 -42.47 1.90 -16.06
CA ASP C 113 -42.84 3.26 -15.73
C ASP C 113 -42.72 3.55 -14.23
N VAL C 114 -43.20 2.62 -13.41
CA VAL C 114 -43.25 2.84 -11.96
C VAL C 114 -42.02 2.26 -11.25
N PHE C 115 -41.54 1.11 -11.71
CA PHE C 115 -40.42 0.44 -11.07
C PHE C 115 -39.19 0.36 -11.95
N GLN C 116 -39.18 1.14 -13.03
CA GLN C 116 -38.08 1.08 -13.99
C GLN C 116 -37.68 -0.37 -14.18
N CYS C 117 -38.67 -1.23 -14.37
CA CYS C 117 -38.43 -2.67 -14.48
C CYS C 117 -38.59 -3.18 -15.91
N GLU C 118 -37.62 -3.96 -16.36
CA GLU C 118 -37.68 -4.55 -17.69
C GLU C 118 -38.27 -5.96 -17.62
N VAL C 119 -39.44 -6.12 -18.23
CA VAL C 119 -40.10 -7.42 -18.29
C VAL C 119 -40.03 -7.97 -19.71
N ARG C 120 -39.55 -9.20 -19.86
CA ARG C 120 -39.40 -9.80 -21.18
C ARG C 120 -39.25 -11.32 -21.15
N ASN C 121 -39.53 -11.95 -22.28
CA ASN C 121 -39.46 -13.39 -22.41
C ASN C 121 -38.03 -13.91 -22.45
N VAL C 122 -37.89 -15.22 -22.29
CA VAL C 122 -36.58 -15.88 -22.35
C VAL C 122 -36.77 -17.39 -22.29
N ASN C 123 -36.18 -18.10 -23.25
CA ASN C 123 -36.35 -19.55 -23.35
C ASN C 123 -35.67 -20.32 -22.24
N PHE C 124 -36.43 -20.63 -21.19
CA PHE C 124 -35.91 -21.41 -20.07
C PHE C 124 -35.73 -22.88 -20.46
N GLU C 125 -36.24 -23.24 -21.63
CA GLU C 125 -36.04 -24.59 -22.15
C GLU C 125 -34.55 -24.90 -22.21
N ASP C 126 -33.77 -23.88 -22.53
CA ASP C 126 -32.31 -24.01 -22.53
C ASP C 126 -31.72 -23.24 -21.34
N PRO C 127 -31.39 -23.97 -20.27
CA PRO C 127 -30.89 -23.38 -19.02
C PRO C 127 -29.71 -22.44 -19.23
N ALA C 128 -28.67 -22.93 -19.89
CA ALA C 128 -27.44 -22.16 -20.08
C ALA C 128 -27.67 -20.87 -20.87
N SER C 129 -28.60 -20.91 -21.83
CA SER C 129 -28.90 -19.74 -22.66
C SER C 129 -29.62 -18.67 -21.86
N ALA C 130 -30.51 -19.09 -20.96
CA ALA C 130 -31.27 -18.15 -20.13
C ALA C 130 -30.40 -17.50 -19.07
N CYS C 131 -29.61 -18.31 -18.36
CA CYS C 131 -28.71 -17.80 -17.33
C CYS C 131 -27.80 -16.71 -17.87
N ASP C 132 -27.17 -17.00 -19.01
CA ASP C 132 -26.28 -16.03 -19.65
C ASP C 132 -27.05 -14.77 -20.06
N SER C 133 -28.24 -14.97 -20.62
CA SER C 133 -29.08 -13.86 -21.05
C SER C 133 -29.46 -12.96 -19.87
N ILE C 134 -29.77 -13.58 -18.74
CA ILE C 134 -30.15 -12.84 -17.54
C ILE C 134 -28.94 -12.23 -16.85
N ASN C 135 -27.97 -13.07 -16.52
CA ASN C 135 -26.73 -12.61 -15.89
C ASN C 135 -26.09 -11.46 -16.67
N ALA C 136 -26.37 -11.41 -17.97
CA ALA C 136 -25.83 -10.37 -18.83
C ALA C 136 -26.60 -9.06 -18.69
N TRP C 137 -27.90 -9.16 -18.45
CA TRP C 137 -28.74 -7.99 -18.27
C TRP C 137 -28.40 -7.27 -16.97
N VAL C 138 -28.09 -8.05 -15.94
CA VAL C 138 -27.70 -7.49 -14.65
C VAL C 138 -26.34 -6.80 -14.75
N LYS C 139 -25.41 -7.47 -15.43
CA LYS C 139 -24.08 -6.92 -15.65
C LYS C 139 -24.17 -5.57 -16.34
N ASN C 140 -25.07 -5.46 -17.29
CA ASN C 140 -25.26 -4.22 -18.05
C ASN C 140 -26.02 -3.16 -17.26
N GLU C 141 -27.08 -3.57 -16.59
CA GLU C 141 -27.92 -2.64 -15.83
C GLU C 141 -27.24 -2.12 -14.57
N THR C 142 -26.14 -2.75 -14.16
CA THR C 142 -25.47 -2.36 -12.93
C THR C 142 -24.03 -1.91 -13.17
N ARG C 143 -23.71 -1.56 -14.41
CA ARG C 143 -22.38 -1.09 -14.76
C ARG C 143 -21.31 -2.08 -14.32
N ASP C 144 -21.52 -3.36 -14.63
CA ASP C 144 -20.56 -4.40 -14.28
C ASP C 144 -20.38 -4.56 -12.78
N MET C 145 -21.27 -3.92 -12.00
CA MET C 145 -21.21 -3.96 -10.54
C MET C 145 -21.64 -5.32 -10.00
N ILE C 146 -22.77 -5.82 -10.50
CA ILE C 146 -23.29 -7.11 -10.09
C ILE C 146 -23.45 -7.99 -11.33
N ASP C 147 -23.22 -9.30 -11.18
CA ASP C 147 -23.30 -10.19 -12.34
C ASP C 147 -23.13 -11.68 -12.03
N ASN C 148 -24.10 -12.26 -11.33
CA ASN C 148 -24.11 -13.69 -11.08
C ASN C 148 -25.27 -14.13 -10.19
N LEU C 149 -26.48 -14.01 -10.71
CA LEU C 149 -27.68 -14.28 -9.93
C LEU C 149 -28.14 -15.74 -10.05
N LEU C 150 -28.07 -16.29 -11.25
CA LEU C 150 -28.52 -17.65 -11.47
C LEU C 150 -27.41 -18.53 -12.05
N SER C 151 -27.44 -19.81 -11.69
CA SER C 151 -26.55 -20.79 -12.30
C SER C 151 -27.28 -21.50 -13.42
N PRO C 152 -26.78 -22.69 -13.81
CA PRO C 152 -27.43 -23.53 -14.80
C PRO C 152 -28.22 -24.64 -14.10
N ASP C 153 -27.84 -24.93 -12.87
CA ASP C 153 -28.49 -25.98 -12.09
C ASP C 153 -29.68 -25.43 -11.32
N LEU C 154 -29.97 -24.15 -11.51
CA LEU C 154 -31.06 -23.48 -10.81
C LEU C 154 -32.29 -23.33 -11.70
N ILE C 155 -32.15 -22.52 -12.75
CA ILE C 155 -33.23 -22.36 -13.73
C ILE C 155 -33.21 -23.54 -14.69
N ASP C 156 -34.14 -24.48 -14.49
CA ASP C 156 -34.11 -25.74 -15.24
C ASP C 156 -35.46 -26.14 -15.84
N GLY C 157 -35.41 -26.62 -17.07
CA GLY C 157 -36.60 -27.13 -17.75
C GLY C 157 -37.68 -26.09 -17.96
N VAL C 158 -38.84 -26.55 -18.41
CA VAL C 158 -39.99 -25.67 -18.60
C VAL C 158 -40.80 -25.58 -17.31
N LEU C 159 -40.30 -26.23 -16.26
CA LEU C 159 -40.94 -26.17 -14.94
C LEU C 159 -40.64 -24.82 -14.29
N THR C 160 -39.84 -24.01 -14.98
CA THR C 160 -39.53 -22.65 -14.53
C THR C 160 -40.31 -21.66 -15.38
N ARG C 161 -41.21 -20.92 -14.75
CA ARG C 161 -42.12 -20.05 -15.48
C ARG C 161 -41.83 -18.56 -15.25
N LEU C 162 -41.65 -18.17 -14.00
CA LEU C 162 -41.50 -16.76 -13.65
C LEU C 162 -40.28 -16.50 -12.78
N VAL C 163 -39.48 -15.52 -13.16
CA VAL C 163 -38.26 -15.19 -12.43
C VAL C 163 -38.16 -13.69 -12.12
N LEU C 164 -38.23 -13.35 -10.84
CA LEU C 164 -38.11 -11.95 -10.40
C LEU C 164 -36.70 -11.64 -9.93
N VAL C 165 -36.25 -10.41 -10.16
CA VAL C 165 -34.90 -10.03 -9.80
C VAL C 165 -34.78 -8.55 -9.43
N ASN C 166 -34.18 -8.30 -8.27
CA ASN C 166 -33.88 -6.94 -7.82
C ASN C 166 -32.42 -6.82 -7.39
N ALA C 167 -31.69 -5.90 -8.00
CA ALA C 167 -30.28 -5.72 -7.69
C ALA C 167 -29.97 -4.27 -7.35
N VAL C 168 -29.23 -4.07 -6.26
CA VAL C 168 -28.88 -2.72 -5.83
C VAL C 168 -27.39 -2.60 -5.52
N TYR C 169 -26.76 -1.56 -6.05
CA TYR C 169 -25.36 -1.29 -5.76
C TYR C 169 -25.19 0.15 -5.30
N PHE C 170 -24.22 0.40 -4.43
CA PHE C 170 -23.96 1.75 -3.94
C PHE C 170 -22.55 1.96 -3.38
N LYS C 171 -22.04 3.17 -3.56
CA LYS C 171 -20.77 3.59 -3.00
C LYS C 171 -20.55 5.07 -3.25
N GLY C 172 -21.34 5.91 -2.59
CA GLY C 172 -21.28 7.36 -2.79
C GLY C 172 -19.94 7.96 -2.40
N LEU C 173 -19.95 9.26 -2.10
CA LEU C 173 -18.75 9.96 -1.67
C LEU C 173 -18.97 10.60 -0.31
N TRP C 174 -18.10 10.28 0.64
CA TRP C 174 -18.21 10.83 1.99
C TRP C 174 -18.15 12.35 1.98
N LYS C 175 -19.02 12.97 2.75
CA LYS C 175 -18.97 14.42 2.94
C LYS C 175 -17.65 14.77 3.59
N SER C 176 -17.08 13.80 4.31
CA SER C 176 -15.80 13.98 4.97
C SER C 176 -14.90 12.77 4.68
N ARG C 177 -14.27 12.78 3.52
CA ARG C 177 -13.44 11.66 3.08
C ARG C 177 -12.45 11.23 4.16
N PHE C 178 -12.16 9.93 4.19
CA PHE C 178 -11.11 9.40 5.04
C PHE C 178 -9.78 9.55 4.31
N GLN C 179 -8.69 9.63 5.07
CA GLN C 179 -7.37 9.68 4.47
C GLN C 179 -6.73 8.30 4.55
N PRO C 180 -6.30 7.76 3.40
CA PRO C 180 -5.73 6.42 3.36
C PRO C 180 -4.56 6.27 4.33
N GLU C 181 -3.79 7.34 4.49
CA GLU C 181 -2.65 7.32 5.41
C GLU C 181 -3.10 6.91 6.81
N ASN C 182 -4.36 7.20 7.12
CA ASN C 182 -4.91 6.91 8.44
C ASN C 182 -5.67 5.59 8.50
N THR C 183 -5.61 4.82 7.41
CA THR C 183 -6.29 3.54 7.34
C THR C 183 -5.34 2.39 7.66
N LYS C 184 -5.33 1.96 8.92
CA LYS C 184 -4.49 0.86 9.36
C LYS C 184 -5.32 -0.32 9.87
N LYS C 185 -4.67 -1.44 10.12
CA LYS C 185 -5.37 -2.64 10.58
C LYS C 185 -5.59 -2.62 12.10
N ARG C 186 -6.84 -2.83 12.50
CA ARG C 186 -7.20 -2.83 13.91
C ARG C 186 -7.99 -4.08 14.29
N THR C 187 -7.91 -4.47 15.55
CA THR C 187 -8.54 -5.70 16.02
C THR C 187 -10.07 -5.64 15.95
N PHE C 188 -10.66 -6.67 15.35
CA PHE C 188 -12.10 -6.81 15.30
C PHE C 188 -12.51 -8.13 15.94
N VAL C 189 -13.43 -8.06 16.91
CA VAL C 189 -13.92 -9.27 17.57
C VAL C 189 -15.15 -9.81 16.85
N ALA C 190 -15.02 -11.01 16.29
CA ALA C 190 -16.12 -11.62 15.54
C ALA C 190 -17.17 -12.22 16.46
N ALA C 191 -18.19 -12.82 15.86
CA ALA C 191 -19.27 -13.44 16.62
C ALA C 191 -18.76 -14.61 17.46
N ASP C 192 -18.13 -15.59 16.78
CA ASP C 192 -17.59 -16.75 17.46
C ASP C 192 -16.80 -16.37 18.72
N GLY C 193 -16.22 -15.18 18.69
CA GLY C 193 -15.43 -14.70 19.82
C GLY C 193 -13.98 -14.44 19.43
N LYS C 194 -13.55 -15.05 18.33
CA LYS C 194 -12.18 -14.88 17.84
C LYS C 194 -11.96 -13.45 17.37
N SER C 195 -10.74 -12.96 17.54
CA SER C 195 -10.39 -11.61 17.10
C SER C 195 -9.57 -11.67 15.82
N TYR C 196 -9.88 -10.78 14.87
CA TYR C 196 -9.18 -10.75 13.60
C TYR C 196 -8.56 -9.38 13.36
N GLN C 197 -7.42 -9.36 12.67
CA GLN C 197 -6.78 -8.10 12.28
C GLN C 197 -7.36 -7.63 10.94
N VAL C 198 -8.08 -6.51 10.97
CA VAL C 198 -8.79 -6.04 9.80
C VAL C 198 -8.54 -4.55 9.53
N PRO C 199 -8.36 -4.18 8.24
CA PRO C 199 -8.22 -2.79 7.86
C PRO C 199 -9.42 -1.96 8.32
N MET C 200 -9.16 -0.74 8.78
CA MET C 200 -10.23 0.13 9.25
C MET C 200 -10.01 1.58 8.86
N LEU C 201 -11.07 2.22 8.37
CA LEU C 201 -11.04 3.65 8.10
C LEU C 201 -11.06 4.39 9.43
N ALA C 202 -10.32 5.49 9.49
CA ALA C 202 -10.29 6.31 10.70
C ALA C 202 -10.27 7.79 10.35
N GLN C 203 -11.05 8.58 11.08
CA GLN C 203 -11.15 10.01 10.81
C GLN C 203 -11.56 10.80 12.04
N LEU C 204 -10.97 11.99 12.19
CA LEU C 204 -11.33 12.90 13.26
C LEU C 204 -12.21 14.02 12.72
N SER C 205 -13.43 14.10 13.23
CA SER C 205 -14.36 15.13 12.78
C SER C 205 -15.64 15.13 13.61
N VAL C 206 -16.56 16.04 13.28
CA VAL C 206 -17.84 16.12 13.97
C VAL C 206 -18.89 15.24 13.31
N PHE C 207 -19.45 14.31 14.07
CA PHE C 207 -20.51 13.44 13.59
C PHE C 207 -21.68 13.44 14.57
N ARG C 208 -22.88 13.20 14.06
CA ARG C 208 -24.05 13.07 14.92
C ARG C 208 -24.06 11.70 15.59
N CYS C 209 -24.16 11.71 16.91
CA CYS C 209 -24.11 10.48 17.69
C CYS C 209 -25.31 10.37 18.61
N GLY C 210 -25.33 9.31 19.42
CA GLY C 210 -26.40 9.09 20.37
C GLY C 210 -26.44 7.66 20.85
N SER C 211 -27.49 7.29 21.57
CA SER C 211 -27.64 5.94 22.06
C SER C 211 -28.80 5.83 23.03
N THR C 212 -29.54 4.73 22.92
CA THR C 212 -30.64 4.43 23.83
C THR C 212 -30.67 2.94 24.14
N SER C 213 -31.65 2.53 24.93
CA SER C 213 -31.79 1.12 25.29
C SER C 213 -32.92 0.47 24.51
N ALA C 214 -32.82 -0.84 24.30
CA ALA C 214 -33.87 -1.59 23.65
C ALA C 214 -34.98 -1.91 24.64
N PRO C 215 -36.11 -2.43 24.14
CA PRO C 215 -37.21 -2.83 25.00
C PRO C 215 -36.74 -3.75 26.12
N ASN C 216 -35.63 -4.43 25.91
CA ASN C 216 -35.07 -5.33 26.91
C ASN C 216 -34.04 -4.65 27.80
N ASP C 217 -33.99 -3.32 27.72
CA ASP C 217 -33.09 -2.52 28.56
C ASP C 217 -31.62 -2.67 28.21
N LEU C 218 -31.32 -3.26 27.06
CA LEU C 218 -29.95 -3.34 26.58
C LEU C 218 -29.61 -2.12 25.72
N TRP C 219 -28.42 -1.58 25.93
CA TRP C 219 -28.03 -0.32 25.31
C TRP C 219 -27.19 -0.51 24.06
N TYR C 220 -27.36 0.39 23.10
CA TYR C 220 -26.56 0.40 21.88
C TYR C 220 -26.26 1.82 21.44
N ASN C 221 -25.16 1.99 20.71
CA ASN C 221 -24.77 3.29 20.19
C ASN C 221 -25.02 3.39 18.69
N PHE C 222 -25.18 4.61 18.19
CA PHE C 222 -25.40 4.81 16.76
C PHE C 222 -24.83 6.14 16.28
N ILE C 223 -24.15 6.10 15.13
CA ILE C 223 -23.56 7.28 14.53
C ILE C 223 -24.06 7.48 13.11
N GLU C 224 -24.12 8.74 12.68
CA GLU C 224 -24.57 9.06 11.32
C GLU C 224 -23.41 9.57 10.48
N LEU C 225 -23.20 8.92 9.33
CA LEU C 225 -22.16 9.32 8.40
C LEU C 225 -22.77 9.78 7.08
N PRO C 226 -22.97 11.10 6.94
CA PRO C 226 -23.62 11.68 5.77
C PRO C 226 -22.75 11.59 4.52
N TYR C 227 -23.38 11.55 3.36
CA TYR C 227 -22.66 11.52 2.09
C TYR C 227 -22.59 12.91 1.47
N HIS C 228 -21.53 13.16 0.71
CA HIS C 228 -21.30 14.49 0.14
C HIS C 228 -22.51 15.01 -0.61
N GLY C 229 -23.40 14.10 -1.02
CA GLY C 229 -24.63 14.48 -1.70
C GLY C 229 -25.54 15.28 -0.79
N GLU C 230 -25.62 14.87 0.47
CA GLU C 230 -26.42 15.58 1.47
C GLU C 230 -27.86 15.08 1.51
N SER C 231 -28.11 13.91 0.95
CA SER C 231 -29.45 13.33 0.94
C SER C 231 -29.42 11.88 1.43
N ILE C 232 -28.33 11.18 1.12
CA ILE C 232 -28.16 9.80 1.54
C ILE C 232 -27.06 9.72 2.59
N SER C 233 -27.37 9.09 3.72
CA SER C 233 -26.41 8.95 4.82
C SER C 233 -26.32 7.51 5.28
N MET C 234 -25.20 7.15 5.90
CA MET C 234 -25.03 5.82 6.46
C MET C 234 -25.21 5.82 7.97
N LEU C 235 -26.03 4.87 8.45
CA LEU C 235 -26.25 4.71 9.87
C LEU C 235 -25.55 3.45 10.37
N ILE C 236 -24.90 3.56 11.53
CA ILE C 236 -24.25 2.41 12.16
C ILE C 236 -24.69 2.31 13.62
N ALA C 237 -25.14 1.12 14.00
CA ALA C 237 -25.51 0.87 15.39
C ALA C 237 -24.94 -0.45 15.86
N LEU C 238 -24.44 -0.48 17.10
CA LEU C 238 -23.90 -1.70 17.69
C LEU C 238 -24.06 -1.68 19.20
N PRO C 239 -24.10 -2.87 19.83
CA PRO C 239 -24.26 -2.99 21.27
C PRO C 239 -23.19 -2.22 22.03
N THR C 240 -23.61 -1.53 23.10
CA THR C 240 -22.67 -0.78 23.93
C THR C 240 -21.79 -1.73 24.74
N GLU C 241 -22.41 -2.71 25.38
CA GLU C 241 -21.67 -3.71 26.13
C GLU C 241 -21.14 -4.79 25.21
N SER C 242 -19.83 -5.06 25.30
CA SER C 242 -19.22 -6.10 24.48
C SER C 242 -19.89 -7.44 24.69
N SER C 243 -20.46 -7.64 25.87
CA SER C 243 -21.11 -8.89 26.22
C SER C 243 -22.54 -8.94 25.68
N THR C 244 -22.89 -7.98 24.83
CA THR C 244 -24.22 -7.93 24.23
C THR C 244 -24.18 -8.38 22.77
N PRO C 245 -24.96 -9.40 22.43
CA PRO C 245 -25.03 -9.91 21.06
C PRO C 245 -25.84 -8.98 20.18
N LEU C 246 -25.43 -8.80 18.93
CA LEU C 246 -26.17 -7.96 18.00
C LEU C 246 -27.61 -8.46 17.89
N SER C 247 -27.77 -9.78 17.94
CA SER C 247 -29.09 -10.40 17.85
C SER C 247 -30.02 -9.92 18.97
N ALA C 248 -29.47 -9.18 19.92
CA ALA C 248 -30.26 -8.70 21.06
C ALA C 248 -30.82 -7.29 20.83
N ILE C 249 -30.47 -6.68 19.71
CA ILE C 249 -30.95 -5.34 19.39
C ILE C 249 -31.68 -5.31 18.05
N ILE C 250 -31.30 -6.20 17.15
CA ILE C 250 -31.86 -6.21 15.80
C ILE C 250 -33.39 -6.21 15.79
N PRO C 251 -33.99 -7.23 16.41
CA PRO C 251 -35.44 -7.44 16.36
C PRO C 251 -36.24 -6.22 16.81
N HIS C 252 -35.60 -5.32 17.54
CA HIS C 252 -36.30 -4.16 18.10
C HIS C 252 -36.14 -2.90 17.25
N ILE C 253 -35.85 -3.06 15.97
CA ILE C 253 -35.55 -1.91 15.12
C ILE C 253 -36.47 -1.79 13.89
N SER C 254 -37.33 -0.77 13.92
CA SER C 254 -38.18 -0.45 12.79
C SER C 254 -37.90 0.99 12.35
N THR C 255 -38.52 1.41 11.24
CA THR C 255 -38.35 2.77 10.77
C THR C 255 -38.70 3.76 11.89
N LYS C 256 -39.68 3.37 12.71
CA LYS C 256 -40.09 4.19 13.84
C LYS C 256 -38.91 4.46 14.79
N THR C 257 -38.10 3.43 15.03
CA THR C 257 -36.92 3.57 15.87
C THR C 257 -35.82 4.35 15.16
N ILE C 258 -35.68 4.10 13.86
CA ILE C 258 -34.71 4.82 13.06
C ILE C 258 -34.95 6.32 13.15
N ASP C 259 -36.22 6.71 13.23
CA ASP C 259 -36.58 8.12 13.39
C ASP C 259 -36.10 8.64 14.73
N SER C 260 -36.49 7.97 15.80
CA SER C 260 -36.01 8.33 17.13
C SER C 260 -34.54 8.70 17.05
N TRP C 261 -33.76 7.79 16.48
CA TRP C 261 -32.34 8.02 16.23
C TRP C 261 -32.08 9.44 15.73
N MET C 262 -32.87 9.87 14.75
CA MET C 262 -32.69 11.16 14.10
C MET C 262 -32.99 12.34 15.04
N SER C 263 -33.91 12.14 15.96
CA SER C 263 -34.30 13.19 16.90
C SER C 263 -33.47 13.16 18.18
N ILE C 264 -32.71 12.09 18.36
CA ILE C 264 -31.91 11.91 19.55
C ILE C 264 -30.46 12.30 19.34
N MET C 265 -29.92 11.94 18.18
CA MET C 265 -28.51 12.19 17.88
C MET C 265 -28.14 13.67 17.97
N VAL C 266 -26.98 13.94 18.55
CA VAL C 266 -26.43 15.29 18.60
C VAL C 266 -25.02 15.27 18.03
N PRO C 267 -24.55 16.42 17.54
CA PRO C 267 -23.20 16.52 17.00
C PRO C 267 -22.15 16.40 18.11
N LYS C 268 -21.02 15.79 17.79
CA LYS C 268 -19.90 15.72 18.74
C LYS C 268 -18.59 15.34 18.06
N ARG C 269 -17.51 16.00 18.46
CA ARG C 269 -16.19 15.76 17.89
C ARG C 269 -15.73 14.36 18.29
N VAL C 270 -15.46 13.52 17.28
CA VAL C 270 -15.17 12.11 17.55
C VAL C 270 -14.12 11.48 16.65
N GLN C 271 -13.44 10.49 17.18
CA GLN C 271 -12.55 9.62 16.41
C GLN C 271 -13.33 8.41 15.91
N VAL C 272 -14.01 8.57 14.78
CA VAL C 272 -14.81 7.50 14.22
C VAL C 272 -13.93 6.48 13.49
N ILE C 273 -13.89 5.26 14.00
CA ILE C 273 -13.13 4.19 13.38
C ILE C 273 -14.05 3.02 13.02
N LEU C 274 -14.21 2.77 11.73
CA LEU C 274 -15.03 1.67 11.25
C LEU C 274 -14.29 0.87 10.17
N PRO C 275 -14.54 -0.44 10.11
CA PRO C 275 -13.87 -1.32 9.16
C PRO C 275 -14.12 -0.93 7.71
N LYS C 276 -13.07 -1.00 6.90
CA LYS C 276 -13.18 -0.79 5.46
C LYS C 276 -13.50 -2.12 4.79
N PHE C 277 -14.65 -2.20 4.14
CA PHE C 277 -15.13 -3.47 3.59
C PHE C 277 -16.00 -3.29 2.36
N THR C 278 -16.23 -4.40 1.66
CA THR C 278 -17.16 -4.44 0.55
C THR C 278 -18.13 -5.60 0.73
N ALA C 279 -19.39 -5.27 1.03
CA ALA C 279 -20.40 -6.28 1.31
C ALA C 279 -21.24 -6.63 0.08
N VAL C 280 -21.40 -7.93 -0.16
CA VAL C 280 -22.23 -8.39 -1.28
C VAL C 280 -22.94 -9.69 -0.90
N ALA C 281 -24.27 -9.68 -0.95
CA ALA C 281 -25.05 -10.86 -0.59
C ALA C 281 -26.22 -11.07 -1.54
N GLN C 282 -26.54 -12.33 -1.82
CA GLN C 282 -27.69 -12.69 -2.62
C GLN C 282 -28.75 -13.33 -1.73
N THR C 283 -30.00 -12.96 -1.93
CA THR C 283 -31.08 -13.43 -1.06
C THR C 283 -32.22 -14.08 -1.82
N ASP C 284 -32.67 -15.23 -1.31
CA ASP C 284 -33.85 -15.90 -1.83
C ASP C 284 -35.04 -15.48 -0.97
N LEU C 285 -35.93 -14.67 -1.54
CA LEU C 285 -37.03 -14.08 -0.77
C LEU C 285 -38.24 -15.00 -0.64
N LYS C 286 -38.15 -16.20 -1.21
CA LYS C 286 -39.28 -17.12 -1.23
C LYS C 286 -39.77 -17.47 0.17
N GLU C 287 -38.90 -18.10 0.96
CA GLU C 287 -39.28 -18.58 2.29
C GLU C 287 -39.75 -17.48 3.23
N PRO C 288 -38.99 -16.36 3.29
CA PRO C 288 -39.39 -15.25 4.15
C PRO C 288 -40.77 -14.71 3.77
N LEU C 289 -41.01 -14.54 2.48
CA LEU C 289 -42.26 -13.99 2.00
C LEU C 289 -43.45 -14.91 2.29
N LYS C 290 -43.20 -16.21 2.29
CA LYS C 290 -44.23 -17.18 2.66
C LYS C 290 -44.68 -16.95 4.09
N VAL C 291 -43.71 -16.74 4.97
CA VAL C 291 -43.98 -16.49 6.38
C VAL C 291 -44.90 -15.30 6.57
N LEU C 292 -44.71 -14.26 5.76
CA LEU C 292 -45.52 -13.05 5.85
C LEU C 292 -46.97 -13.34 5.43
N GLY C 293 -47.17 -14.43 4.69
CA GLY C 293 -48.50 -14.84 4.29
C GLY C 293 -48.70 -14.93 2.79
N ILE C 294 -47.62 -14.72 2.04
CA ILE C 294 -47.68 -14.78 0.59
C ILE C 294 -47.20 -16.14 0.08
N THR C 295 -48.13 -17.08 -0.06
CA THR C 295 -47.78 -18.44 -0.42
C THR C 295 -48.27 -18.84 -1.82
N ASP C 296 -49.35 -18.20 -2.27
CA ASP C 296 -49.96 -18.55 -3.55
C ASP C 296 -49.00 -18.51 -4.74
N MET C 297 -48.42 -17.34 -4.96
CA MET C 297 -47.61 -17.12 -6.17
C MET C 297 -46.49 -18.13 -6.36
N PHE C 298 -46.12 -18.82 -5.28
CA PHE C 298 -45.08 -19.83 -5.35
C PHE C 298 -45.66 -21.22 -5.66
N ASP C 299 -46.97 -21.27 -5.88
CA ASP C 299 -47.65 -22.53 -6.13
C ASP C 299 -48.00 -22.69 -7.61
N SER C 300 -47.37 -23.68 -8.25
CA SER C 300 -47.52 -23.90 -9.68
C SER C 300 -48.97 -23.81 -10.17
N SER C 301 -49.91 -24.19 -9.32
CA SER C 301 -51.31 -24.21 -9.71
C SER C 301 -52.13 -23.08 -9.09
N LYS C 302 -51.88 -22.80 -7.82
CA LYS C 302 -52.66 -21.79 -7.10
C LYS C 302 -52.34 -20.36 -7.51
N ALA C 303 -51.11 -20.14 -7.97
CA ALA C 303 -50.68 -18.80 -8.36
C ALA C 303 -51.56 -18.22 -9.45
N ASN C 304 -52.04 -16.99 -9.24
CA ASN C 304 -52.91 -16.33 -10.20
C ASN C 304 -52.31 -15.05 -10.77
N PHE C 305 -51.72 -15.16 -11.96
CA PHE C 305 -51.17 -14.00 -12.66
C PHE C 305 -51.83 -13.81 -14.01
N ALA C 306 -53.08 -13.33 -13.98
CA ALA C 306 -53.86 -13.16 -15.20
C ALA C 306 -53.49 -11.87 -15.93
N LYS C 307 -53.22 -10.81 -15.19
CA LYS C 307 -52.89 -9.52 -15.78
C LYS C 307 -51.47 -9.50 -16.36
N ILE C 308 -50.81 -10.66 -16.33
CA ILE C 308 -49.46 -10.78 -16.86
C ILE C 308 -49.45 -11.41 -18.25
N THR C 309 -50.33 -12.38 -18.47
CA THR C 309 -50.37 -13.12 -19.72
C THR C 309 -51.63 -12.79 -20.53
N THR C 310 -51.50 -12.86 -21.85
CA THR C 310 -52.63 -12.61 -22.74
C THR C 310 -53.65 -13.73 -22.63
N GLY C 311 -53.16 -14.96 -22.48
CA GLY C 311 -54.02 -16.12 -22.34
C GLY C 311 -54.26 -16.48 -20.87
N SER C 312 -54.75 -17.70 -20.65
CA SER C 312 -55.00 -18.16 -19.29
C SER C 312 -53.96 -19.17 -18.84
N GLU C 313 -52.79 -19.11 -19.48
CA GLU C 313 -51.68 -20.00 -19.14
C GLU C 313 -51.36 -19.90 -17.65
N ASN C 314 -50.94 -21.01 -17.05
CA ASN C 314 -50.57 -21.03 -15.64
C ASN C 314 -49.18 -20.43 -15.41
N LEU C 315 -49.15 -19.34 -14.65
CA LEU C 315 -47.91 -18.61 -14.42
C LEU C 315 -47.66 -18.42 -12.93
N HIS C 316 -46.50 -18.92 -12.46
CA HIS C 316 -46.15 -18.81 -11.05
C HIS C 316 -44.69 -18.38 -10.89
N VAL C 317 -44.34 -17.94 -9.68
CA VAL C 317 -42.99 -17.47 -9.40
C VAL C 317 -42.05 -18.63 -9.06
N SER C 318 -41.16 -18.95 -9.99
CA SER C 318 -40.21 -20.04 -9.80
C SER C 318 -39.00 -19.58 -8.99
N HIS C 319 -38.54 -18.37 -9.28
CA HIS C 319 -37.38 -17.82 -8.58
C HIS C 319 -37.52 -16.31 -8.36
N ILE C 320 -37.47 -15.90 -7.10
CA ILE C 320 -37.51 -14.49 -6.74
C ILE C 320 -36.26 -14.13 -5.95
N LEU C 321 -35.40 -13.30 -6.54
CA LEU C 321 -34.08 -13.05 -5.97
C LEU C 321 -33.74 -11.57 -5.81
N GLN C 322 -32.88 -11.28 -4.83
CA GLN C 322 -32.31 -9.95 -4.69
C GLN C 322 -30.80 -10.05 -4.46
N LYS C 323 -30.04 -9.19 -5.12
CA LYS C 323 -28.61 -9.10 -4.88
C LYS C 323 -28.22 -7.66 -4.57
N ALA C 324 -27.68 -7.45 -3.38
CA ALA C 324 -27.26 -6.12 -2.95
C ALA C 324 -25.75 -6.06 -2.77
N LYS C 325 -25.15 -4.97 -3.24
CA LYS C 325 -23.71 -4.78 -3.09
C LYS C 325 -23.39 -3.37 -2.63
N ILE C 326 -22.57 -3.28 -1.58
CA ILE C 326 -22.13 -1.99 -1.07
C ILE C 326 -20.67 -2.02 -0.69
N GLU C 327 -19.96 -0.95 -1.02
CA GLU C 327 -18.55 -0.84 -0.66
C GLU C 327 -18.32 0.40 0.20
N VAL C 328 -17.58 0.23 1.28
CA VAL C 328 -17.24 1.34 2.16
C VAL C 328 -15.73 1.59 2.09
N SER C 329 -15.37 2.79 1.64
CA SER C 329 -13.97 3.12 1.42
C SER C 329 -13.66 4.56 1.84
N GLU C 330 -12.44 5.00 1.57
CA GLU C 330 -11.99 6.34 1.97
C GLU C 330 -12.61 7.43 1.11
N ASP C 331 -12.71 7.17 -0.19
CA ASP C 331 -13.11 8.18 -1.17
C ASP C 331 -14.28 9.06 -0.72
N GLY C 332 -14.11 10.37 -0.85
CA GLY C 332 -15.15 11.34 -0.52
C GLY C 332 -14.69 12.76 -0.82
N THR C 333 -15.51 13.74 -0.41
CA THR C 333 -15.15 15.14 -0.58
C THR C 333 -13.95 15.48 0.31
N LYS C 334 -13.32 16.64 0.09
CA LYS C 334 -12.00 16.89 0.65
C LYS C 334 -11.89 17.97 1.72
N ALA C 335 -10.74 18.66 1.73
CA ALA C 335 -10.34 19.53 2.83
C ALA C 335 -10.61 21.02 2.59
N SER C 336 -11.75 21.49 3.10
CA SER C 336 -12.05 22.91 3.18
C SER C 336 -12.44 23.20 4.62
N ALA C 337 -13.39 22.42 5.12
CA ALA C 337 -13.70 22.41 6.54
C ALA C 337 -12.67 21.50 7.21
N ALA C 338 -12.00 20.69 6.41
CA ALA C 338 -10.95 19.79 6.90
C ALA C 338 -9.69 20.58 7.26
N THR C 339 -9.56 21.74 6.65
CA THR C 339 -8.43 22.63 6.91
C THR C 339 -8.17 22.84 8.39
N THR C 340 -8.76 23.91 8.94
CA THR C 340 -8.59 24.26 10.35
C THR C 340 -9.31 23.27 11.26
N ALA C 341 -10.33 22.61 10.74
CA ALA C 341 -11.06 21.61 11.50
C ALA C 341 -10.08 20.60 12.10
N ILE C 342 -8.96 20.40 11.41
CA ILE C 342 -7.93 19.49 11.89
C ILE C 342 -7.20 20.08 13.11
N LEU C 343 -7.23 21.40 13.21
CA LEU C 343 -6.49 22.10 14.27
C LEU C 343 -7.28 22.22 15.57
N ILE C 344 -8.53 22.66 15.47
CA ILE C 344 -9.34 22.92 16.65
C ILE C 344 -9.48 21.69 17.55
N ALA C 345 -9.07 20.53 17.04
CA ALA C 345 -9.05 19.32 17.85
C ALA C 345 -8.00 19.44 18.95
N ARG C 346 -8.00 20.58 19.62
CA ARG C 346 -7.09 20.85 20.73
C ARG C 346 -7.39 19.93 21.91
N SER C 347 -6.90 18.70 21.84
CA SER C 347 -7.15 17.72 22.89
C SER C 347 -7.85 16.49 22.30
N SER C 348 -7.31 15.32 22.59
CA SER C 348 -7.85 14.07 22.07
C SER C 348 -9.35 13.94 22.34
N PRO C 349 -10.10 13.57 21.30
CA PRO C 349 -11.55 13.44 21.39
C PRO C 349 -11.96 12.00 21.71
N PRO C 350 -13.26 11.79 22.00
CA PRO C 350 -13.80 10.47 22.26
C PRO C 350 -13.76 9.62 20.99
N TRP C 351 -13.97 8.31 21.15
CA TRP C 351 -13.92 7.39 20.01
C TRP C 351 -15.28 6.81 19.69
N PHE C 352 -15.49 6.52 18.41
CA PHE C 352 -16.63 5.71 17.99
C PHE C 352 -16.07 4.52 17.22
N ILE C 353 -15.55 3.54 17.96
CA ILE C 353 -14.86 2.40 17.36
C ILE C 353 -15.82 1.24 17.10
N VAL C 354 -15.94 0.86 15.82
CA VAL C 354 -16.77 -0.26 15.43
C VAL C 354 -15.91 -1.50 15.23
N ASP C 355 -15.57 -2.16 16.34
CA ASP C 355 -14.69 -3.33 16.29
C ASP C 355 -15.42 -4.61 16.69
N ARG C 356 -16.76 -4.54 16.73
CA ARG C 356 -17.58 -5.69 17.05
C ARG C 356 -18.76 -5.79 16.08
N PRO C 357 -19.27 -7.00 15.86
CA PRO C 357 -20.38 -7.19 14.94
C PRO C 357 -21.38 -6.05 15.03
N PHE C 358 -21.70 -5.45 13.89
CA PHE C 358 -22.57 -4.28 13.85
C PHE C 358 -23.50 -4.36 12.65
N LEU C 359 -24.58 -3.58 12.70
CA LEU C 359 -25.49 -3.47 11.57
C LEU C 359 -25.47 -2.04 11.04
N PHE C 360 -25.70 -1.89 9.74
CA PHE C 360 -25.63 -0.58 9.10
C PHE C 360 -26.87 -0.29 8.26
N PHE C 361 -27.08 1.00 7.97
CA PHE C 361 -28.20 1.43 7.15
C PHE C 361 -27.75 2.48 6.14
N ILE C 362 -28.22 2.37 4.91
CA ILE C 362 -28.10 3.45 3.94
C ILE C 362 -29.48 4.07 3.80
N ARG C 363 -29.59 5.35 4.14
CA ARG C 363 -30.89 5.99 4.21
C ARG C 363 -31.03 7.20 3.31
N HIS C 364 -32.07 7.18 2.47
CA HIS C 364 -32.41 8.33 1.64
C HIS C 364 -33.32 9.24 2.45
N ASN C 365 -32.76 10.31 3.00
CA ASN C 365 -33.44 11.15 3.99
C ASN C 365 -34.78 11.74 3.56
N PRO C 366 -34.82 12.40 2.39
CA PRO C 366 -36.04 13.06 1.91
C PRO C 366 -37.23 12.13 1.89
N THR C 367 -37.03 10.90 1.40
CA THR C 367 -38.12 9.93 1.29
C THR C 367 -38.28 9.10 2.55
N GLY C 368 -37.16 8.84 3.23
CA GLY C 368 -37.16 7.94 4.38
C GLY C 368 -36.86 6.52 3.93
N ALA C 369 -36.74 6.35 2.62
CA ALA C 369 -36.46 5.04 2.04
C ALA C 369 -35.19 4.43 2.62
N VAL C 370 -35.31 3.19 3.10
CA VAL C 370 -34.16 2.45 3.59
C VAL C 370 -33.59 1.59 2.48
N LEU C 371 -32.58 2.11 1.79
CA LEU C 371 -32.00 1.44 0.62
C LEU C 371 -31.24 0.17 1.01
N PHE C 372 -30.53 0.23 2.14
CA PHE C 372 -29.74 -0.90 2.60
C PHE C 372 -29.97 -1.19 4.08
N MET C 373 -29.98 -2.47 4.42
CA MET C 373 -29.94 -2.91 5.82
C MET C 373 -29.06 -4.15 5.88
N GLY C 374 -28.02 -4.09 6.71
CA GLY C 374 -27.08 -5.20 6.78
C GLY C 374 -26.48 -5.44 8.17
N GLN C 375 -25.95 -6.63 8.36
CA GLN C 375 -25.23 -6.97 9.57
C GLN C 375 -23.86 -7.53 9.19
N ILE C 376 -22.81 -6.98 9.78
CA ILE C 376 -21.45 -7.42 9.48
C ILE C 376 -20.85 -8.19 10.66
N ASN C 377 -20.80 -9.52 10.53
CA ASN C 377 -20.26 -10.37 11.58
C ASN C 377 -18.77 -10.61 11.43
N LYS C 378 -18.25 -10.38 10.22
CA LYS C 378 -16.83 -10.57 9.94
C LYS C 378 -16.44 -9.89 8.64
N PRO C 379 -15.82 -8.71 8.74
CA PRO C 379 -15.41 -7.90 7.59
C PRO C 379 -14.44 -8.64 6.68
N GLN D 7 -22.42 -30.30 -36.47
CA GLN D 7 -22.75 -29.21 -37.43
C GLN D 7 -21.49 -28.66 -38.09
N THR D 8 -21.57 -27.45 -38.62
CA THR D 8 -20.44 -26.85 -39.33
C THR D 8 -20.50 -25.32 -39.38
N PHE D 9 -19.45 -24.74 -39.95
CA PHE D 9 -19.34 -23.28 -40.08
C PHE D 9 -18.27 -22.92 -41.11
N PHE D 10 -17.72 -21.71 -41.01
CA PHE D 10 -16.66 -21.25 -41.91
C PHE D 10 -15.35 -21.08 -41.13
N ASN D 11 -14.27 -20.69 -41.81
CA ASN D 11 -14.25 -20.43 -43.25
C ASN D 11 -12.82 -20.55 -43.79
N PRO D 12 -12.65 -20.48 -45.12
CA PRO D 12 -11.33 -20.70 -45.72
C PRO D 12 -10.62 -19.47 -46.28
N ARG D 13 -10.42 -18.44 -45.47
CA ARG D 13 -9.62 -17.29 -45.88
C ARG D 13 -10.17 -15.96 -45.38
N GLY D 16 -6.70 -20.10 -45.11
CA GLY D 16 -7.63 -21.06 -44.53
C GLY D 16 -7.40 -22.47 -45.03
N SER D 17 -8.37 -23.35 -44.79
CA SER D 17 -8.28 -24.74 -45.24
C SER D 17 -9.26 -25.64 -44.48
N GLY D 18 -9.03 -26.95 -44.57
CA GLY D 18 -9.90 -27.93 -43.94
C GLY D 18 -10.35 -27.55 -42.54
N GLU D 19 -10.92 -26.36 -42.41
CA GLU D 19 -11.41 -25.87 -41.13
C GLU D 19 -12.82 -26.38 -40.84
N ALA D 20 -13.35 -27.18 -41.76
CA ALA D 20 -14.66 -27.80 -41.58
C ALA D 20 -14.47 -29.19 -40.98
N ASP D 21 -13.29 -29.75 -41.19
CA ASP D 21 -12.95 -31.05 -40.62
C ASP D 21 -12.10 -30.87 -39.38
N CYS D 22 -12.69 -30.23 -38.36
CA CYS D 22 -11.98 -29.95 -37.11
C CYS D 22 -12.55 -30.77 -35.97
N GLY D 23 -11.71 -31.05 -34.97
CA GLY D 23 -12.14 -31.79 -33.79
C GLY D 23 -12.30 -33.28 -34.04
N LEU D 24 -11.91 -33.72 -35.23
CA LEU D 24 -11.98 -35.14 -35.58
C LEU D 24 -10.59 -35.75 -35.63
N ARG D 25 -10.34 -36.72 -34.74
CA ARG D 25 -9.02 -37.32 -34.61
C ARG D 25 -8.81 -38.52 -35.54
N PRO D 26 -7.83 -38.39 -36.45
CA PRO D 26 -7.45 -39.44 -37.39
C PRO D 26 -7.28 -40.81 -36.74
N LEU D 27 -6.59 -40.87 -35.61
CA LEU D 27 -6.29 -42.14 -34.97
C LEU D 27 -7.16 -42.39 -33.73
N PHE D 28 -8.26 -41.66 -33.61
CA PHE D 28 -9.15 -41.82 -32.47
C PHE D 28 -10.62 -41.56 -32.82
N GLU D 29 -10.99 -40.28 -32.86
CA GLU D 29 -12.35 -39.88 -33.16
C GLU D 29 -12.81 -40.36 -34.54
N LYS D 30 -12.00 -40.08 -35.55
CA LYS D 30 -12.32 -40.50 -36.92
C LYS D 30 -12.31 -42.03 -37.04
N LYS D 31 -11.43 -42.67 -36.29
CA LYS D 31 -11.34 -44.13 -36.27
C LYS D 31 -12.38 -44.72 -35.32
N SER D 32 -12.12 -45.93 -34.85
CA SER D 32 -13.08 -46.64 -34.01
C SER D 32 -12.82 -46.44 -32.52
N LEU D 33 -11.58 -46.11 -32.17
CA LEU D 33 -11.17 -46.07 -30.76
C LEU D 33 -11.36 -44.72 -30.08
N GLU D 34 -11.22 -44.71 -28.75
CA GLU D 34 -11.25 -43.49 -27.95
C GLU D 34 -10.07 -43.49 -26.98
N ASP D 35 -9.91 -42.41 -26.23
CA ASP D 35 -8.76 -42.24 -25.34
C ASP D 35 -8.76 -43.24 -24.18
N LYS D 36 -7.69 -43.21 -23.39
CA LYS D 36 -7.57 -44.07 -22.22
C LYS D 36 -8.07 -43.34 -20.98
N THR D 37 -8.57 -42.13 -21.20
CA THR D 37 -9.13 -41.31 -20.13
C THR D 37 -10.15 -40.34 -20.70
N GLU D 38 -10.69 -40.70 -21.87
CA GLU D 38 -11.66 -39.85 -22.56
C GLU D 38 -13.00 -39.78 -21.82
N ARG D 39 -13.36 -40.89 -21.17
CA ARG D 39 -14.65 -40.97 -20.48
C ARG D 39 -14.85 -39.85 -19.47
N GLU D 40 -13.76 -39.40 -18.85
CA GLU D 40 -13.84 -38.42 -17.77
C GLU D 40 -14.55 -37.13 -18.16
N LEU D 41 -14.12 -36.50 -19.24
CA LEU D 41 -14.71 -35.24 -19.68
C LEU D 41 -16.22 -35.36 -19.82
N LEU D 42 -16.67 -36.44 -20.44
CA LEU D 42 -18.10 -36.69 -20.61
C LEU D 42 -18.75 -36.90 -19.25
N GLU D 43 -18.14 -37.75 -18.42
CA GLU D 43 -18.67 -38.10 -17.11
C GLU D 43 -19.09 -36.89 -16.29
N SER D 44 -18.45 -35.76 -16.53
CA SER D 44 -18.76 -34.53 -15.80
C SER D 44 -19.64 -33.62 -16.64
N TYR D 45 -20.43 -34.21 -17.54
CA TYR D 45 -21.26 -33.44 -18.45
C TYR D 45 -22.65 -34.05 -18.67
N ILE D 46 -23.47 -34.05 -17.62
CA ILE D 46 -23.06 -33.57 -16.30
C ILE D 46 -23.48 -34.59 -15.26
N ASP D 47 -22.77 -34.61 -14.14
CA ASP D 47 -23.07 -35.57 -13.08
C ASP D 47 -22.73 -35.02 -11.70
N ILE E 1 3.65 -29.76 -17.72
CA ILE E 1 2.41 -30.15 -16.99
C ILE E 1 2.74 -30.78 -15.64
N VAL E 2 1.92 -30.50 -14.64
CA VAL E 2 2.13 -31.03 -13.30
C VAL E 2 1.06 -32.05 -12.92
N GLU E 3 1.51 -33.17 -12.35
CA GLU E 3 0.61 -34.24 -11.93
C GLU E 3 -0.23 -34.76 -13.09
N GLY E 4 0.41 -34.93 -14.24
CA GLY E 4 -0.25 -35.47 -15.42
C GLY E 4 0.30 -36.84 -15.79
N SER E 5 0.20 -37.18 -17.08
CA SER E 5 0.72 -38.46 -17.56
C SER E 5 1.03 -38.40 -19.05
N ASP E 6 1.72 -39.44 -19.54
CA ASP E 6 2.09 -39.51 -20.95
C ASP E 6 0.87 -39.61 -21.84
N ALA E 7 0.84 -38.82 -22.90
CA ALA E 7 -0.28 -38.84 -23.84
C ALA E 7 -0.14 -39.99 -24.83
N GLU E 8 -1.26 -40.47 -25.34
CA GLU E 8 -1.25 -41.55 -26.32
C GLU E 8 -0.93 -41.02 -27.70
N ILE E 9 -0.17 -41.78 -28.48
CA ILE E 9 0.21 -41.36 -29.83
C ILE E 9 -1.00 -40.79 -30.57
N GLY E 10 -0.86 -39.56 -31.04
CA GLY E 10 -1.93 -38.92 -31.81
C GLY E 10 -3.02 -38.31 -30.96
N MET E 11 -3.02 -38.64 -29.66
CA MET E 11 -4.03 -38.13 -28.75
C MET E 11 -4.30 -36.65 -28.98
N SER E 12 -3.26 -35.89 -29.30
CA SER E 12 -3.39 -34.46 -29.56
C SER E 12 -2.64 -34.07 -30.83
N PRO E 13 -3.30 -34.21 -31.99
CA PRO E 13 -2.70 -33.94 -33.29
C PRO E 13 -2.53 -32.46 -33.57
N TRP E 14 -3.30 -31.62 -32.87
CA TRP E 14 -3.25 -30.18 -33.09
C TRP E 14 -2.20 -29.51 -32.21
N GLN E 15 -1.49 -30.30 -31.42
CA GLN E 15 -0.43 -29.78 -30.56
C GLN E 15 0.69 -29.20 -31.41
N VAL E 16 1.18 -28.02 -31.02
CA VAL E 16 2.26 -27.37 -31.73
C VAL E 16 3.39 -26.98 -30.78
N MET E 17 4.62 -27.33 -31.15
CA MET E 17 5.78 -26.96 -30.35
C MET E 17 6.48 -25.75 -30.93
N LEU E 18 6.29 -24.60 -30.32
CA LEU E 18 6.95 -23.38 -30.75
C LEU E 18 8.43 -23.46 -30.38
N PHE E 19 9.30 -23.37 -31.39
CA PHE E 19 10.73 -23.59 -31.19
C PHE E 19 11.54 -22.35 -31.56
N ARG E 20 12.73 -22.24 -30.98
CA ARG E 20 13.62 -21.11 -31.25
C ARG E 20 14.82 -21.53 -32.08
N LYS E 21 15.10 -20.78 -33.14
CA LYS E 21 16.23 -21.06 -34.01
C LYS E 21 17.53 -21.09 -33.22
N SER E 22 17.86 -19.96 -32.58
CA SER E 22 19.05 -19.87 -31.74
C SER E 22 18.76 -19.01 -30.51
N PRO E 23 19.05 -19.57 -29.32
CA PRO E 23 19.63 -20.89 -29.17
C PRO E 23 18.60 -22.00 -29.40
N GLN E 24 19.08 -23.24 -29.40
CA GLN E 24 18.23 -24.41 -29.63
C GLN E 24 17.44 -24.76 -28.37
N GLU E 25 16.25 -24.16 -28.23
CA GLU E 25 15.42 -24.41 -27.05
C GLU E 25 13.93 -24.32 -27.32
N LEU E 26 13.16 -25.07 -26.53
CA LEU E 26 11.70 -25.02 -26.59
C LEU E 26 11.18 -23.73 -25.98
N LEU E 27 10.16 -23.13 -26.59
CA LEU E 27 9.64 -21.85 -26.14
C LEU E 27 8.25 -21.94 -25.51
N CYS E 28 7.31 -22.55 -26.24
CA CYS E 28 5.93 -22.61 -25.79
C CYS E 28 5.14 -23.73 -26.44
N GLY E 29 3.87 -23.82 -26.08
CA GLY E 29 2.92 -24.69 -26.77
C GLY E 29 2.11 -23.87 -27.73
N ALA E 30 1.36 -24.53 -28.61
CA ALA E 30 0.53 -23.85 -29.59
C ALA E 30 -0.48 -24.81 -30.20
N SER E 31 -1.55 -24.24 -30.78
CA SER E 31 -2.62 -25.06 -31.34
C SER E 31 -2.77 -24.87 -32.84
N LEU E 32 -3.00 -25.97 -33.55
CA LEU E 32 -3.25 -25.93 -34.98
C LEU E 32 -4.75 -25.81 -35.23
N ILE E 33 -5.15 -24.81 -35.99
CA ILE E 33 -6.56 -24.56 -36.26
C ILE E 33 -6.94 -24.85 -37.71
N SER E 34 -6.18 -24.27 -38.64
CA SER E 34 -6.46 -24.44 -40.06
C SER E 34 -5.26 -24.98 -40.81
N ASP E 35 -5.34 -24.97 -42.14
CA ASP E 35 -4.25 -25.48 -42.97
C ASP E 35 -2.99 -24.63 -42.83
N ARG E 36 -3.17 -23.37 -42.48
CA ARG E 36 -2.04 -22.44 -42.41
C ARG E 36 -1.80 -21.87 -41.02
N TRP E 37 -2.88 -21.58 -40.29
CA TRP E 37 -2.79 -20.87 -39.02
C TRP E 37 -2.37 -21.73 -37.83
N VAL E 38 -1.84 -21.06 -36.81
CA VAL E 38 -1.50 -21.68 -35.54
C VAL E 38 -1.79 -20.72 -34.40
N LEU E 39 -2.49 -21.19 -33.37
CA LEU E 39 -2.82 -20.37 -32.23
C LEU E 39 -1.74 -20.49 -31.14
N THR E 40 -1.62 -19.44 -30.33
CA THR E 40 -0.63 -19.43 -29.25
C THR E 40 -0.90 -18.32 -28.24
N ALA E 41 -0.08 -18.25 -27.20
CA ALA E 41 -0.24 -17.24 -26.16
C ALA E 41 0.57 -15.98 -26.49
N ALA E 42 0.12 -14.85 -25.97
CA ALA E 42 0.78 -13.57 -26.22
C ALA E 42 2.18 -13.51 -25.60
N HIS E 43 2.24 -13.68 -24.29
CA HIS E 43 3.51 -13.57 -23.57
C HIS E 43 4.51 -14.66 -23.98
N CYS E 44 4.17 -15.40 -25.03
CA CYS E 44 5.08 -16.39 -25.59
C CYS E 44 5.99 -15.75 -26.63
N LEU E 45 5.48 -14.72 -27.31
CA LEU E 45 6.25 -13.99 -28.30
C LEU E 45 6.69 -12.63 -27.77
N LEU E 46 5.84 -12.01 -26.96
CA LEU E 46 6.12 -10.69 -26.42
C LEU E 46 5.85 -10.61 -24.92
N TYR E 47 6.92 -10.52 -24.13
CA TYR E 47 6.81 -10.30 -22.70
C TYR E 47 8.06 -9.59 -22.18
N PRO E 48 8.07 -8.25 -22.32
CA PRO E 48 9.21 -7.39 -22.00
C PRO E 48 9.92 -7.79 -20.70
N PRO E 49 9.16 -7.85 -19.59
CA PRO E 49 9.73 -8.15 -18.27
C PRO E 49 10.77 -9.27 -18.31
N TRP E 50 10.74 -10.07 -19.36
CA TRP E 50 11.68 -11.19 -19.50
C TRP E 50 12.58 -11.00 -20.72
N ASP E 51 12.51 -9.82 -21.32
CA ASP E 51 13.30 -9.50 -22.52
C ASP E 51 12.87 -10.38 -23.69
N LYS E 52 11.63 -10.85 -23.65
CA LYS E 52 11.09 -11.69 -24.71
C LYS E 52 10.35 -10.85 -25.76
N ASN E 53 10.92 -10.77 -26.96
CA ASN E 53 10.33 -10.01 -28.05
C ASN E 53 10.75 -10.57 -29.41
N PHE E 54 10.33 -11.80 -29.68
CA PHE E 54 10.73 -12.49 -30.91
C PHE E 54 10.13 -11.85 -32.15
N THR E 55 10.58 -12.32 -33.32
CA THR E 55 10.06 -11.83 -34.59
C THR E 55 9.78 -13.02 -35.51
N GLU E 56 9.01 -12.76 -36.58
CA GLU E 56 8.57 -13.81 -37.48
C GLU E 56 9.68 -14.76 -37.91
N ASN E 57 10.91 -14.25 -38.00
CA ASN E 57 12.02 -15.03 -38.52
C ASN E 57 12.88 -15.70 -37.44
N ASP E 58 12.42 -15.67 -36.20
CA ASP E 58 13.18 -16.23 -35.08
C ASP E 58 12.67 -17.60 -34.66
N LEU E 59 11.51 -17.99 -35.17
CA LEU E 59 10.84 -19.20 -34.71
C LEU E 59 10.80 -20.31 -35.76
N LEU E 60 10.31 -21.48 -35.35
CA LEU E 60 10.21 -22.63 -36.24
C LEU E 60 9.26 -23.67 -35.67
N VAL E 61 7.96 -23.47 -35.87
CA VAL E 61 6.94 -24.37 -35.35
C VAL E 61 7.22 -25.84 -35.72
N ARG E 62 7.00 -26.73 -34.76
CA ARG E 62 7.16 -28.16 -34.98
C ARG E 62 5.84 -28.89 -34.67
N ILE E 63 5.28 -29.55 -35.66
CA ILE E 63 3.96 -30.16 -35.54
C ILE E 63 3.99 -31.68 -35.58
N GLY E 64 3.08 -32.31 -34.83
CA GLY E 64 2.95 -33.76 -34.83
C GLY E 64 3.96 -34.48 -33.94
N LYS E 65 4.61 -33.72 -33.06
CA LYS E 65 5.63 -34.28 -32.18
C LYS E 65 5.02 -35.04 -31.02
N HIS E 66 5.81 -35.94 -30.44
CA HIS E 66 5.42 -36.66 -29.24
C HIS E 66 6.57 -36.65 -28.24
N SER E 67 7.76 -36.98 -28.73
CA SER E 67 8.97 -36.85 -27.93
C SER E 67 9.31 -35.37 -27.81
N ARG E 68 9.90 -34.98 -26.69
CA ARG E 68 10.24 -33.59 -26.45
C ARG E 68 11.53 -33.19 -27.16
N THR E 69 12.53 -34.06 -27.08
CA THR E 69 13.85 -33.78 -27.65
C THR E 69 14.08 -34.49 -28.97
N ARG E 70 13.87 -35.81 -28.97
CA ARG E 70 14.14 -36.64 -30.14
C ARG E 70 13.48 -36.11 -31.41
N TYR E 71 14.25 -36.07 -32.49
CA TYR E 71 13.73 -35.68 -33.80
C TYR E 71 12.88 -36.81 -34.37
N GLU E 72 11.60 -36.54 -34.57
CA GLU E 72 10.66 -37.55 -35.05
C GLU E 72 10.40 -37.39 -36.54
N ARG E 73 11.32 -37.92 -37.35
CA ARG E 73 11.26 -37.77 -38.80
C ARG E 73 10.00 -38.38 -39.42
N ASN E 74 9.61 -37.86 -40.57
CA ASN E 74 8.43 -38.35 -41.26
C ASN E 74 7.15 -37.98 -40.54
N ILE E 75 7.14 -38.25 -39.23
CA ILE E 75 5.97 -37.96 -38.40
C ILE E 75 5.83 -36.47 -38.15
N GLU E 76 6.88 -35.86 -37.59
CA GLU E 76 6.85 -34.43 -37.28
C GLU E 76 7.28 -33.60 -38.48
N LYS E 77 6.54 -32.54 -38.76
CA LYS E 77 6.86 -31.63 -39.85
C LYS E 77 7.23 -30.25 -39.30
N ILE E 78 8.31 -29.68 -39.82
CA ILE E 78 8.77 -28.38 -39.38
C ILE E 78 8.53 -27.32 -40.45
N SER E 79 8.18 -26.11 -40.02
CA SER E 79 7.89 -25.02 -40.96
C SER E 79 8.20 -23.66 -40.36
N MET E 80 8.42 -22.68 -41.24
CA MET E 80 8.67 -21.30 -40.82
C MET E 80 7.38 -20.49 -40.83
N LEU E 81 7.43 -19.28 -40.29
CA LEU E 81 6.23 -18.46 -40.14
C LEU E 81 6.16 -17.31 -41.13
N GLU E 82 4.94 -16.85 -41.41
CA GLU E 82 4.72 -15.75 -42.34
C GLU E 82 4.77 -14.39 -41.63
N LYS E 83 3.98 -14.25 -40.57
CA LYS E 83 3.94 -13.02 -39.79
C LYS E 83 3.27 -13.24 -38.44
N ILE E 84 3.74 -12.52 -37.42
CA ILE E 84 3.16 -12.66 -36.08
C ILE E 84 1.95 -11.75 -35.91
N TYR E 85 0.96 -12.24 -35.17
CA TYR E 85 -0.25 -11.47 -34.92
C TYR E 85 -0.60 -11.45 -33.44
N ILE E 86 -0.09 -10.45 -32.73
CA ILE E 86 -0.37 -10.30 -31.31
C ILE E 86 -1.03 -8.95 -31.03
N HIS E 87 -2.24 -8.77 -31.56
CA HIS E 87 -2.95 -7.51 -31.41
C HIS E 87 -3.38 -7.26 -29.96
N PRO E 88 -3.41 -5.98 -29.56
CA PRO E 88 -3.82 -5.58 -28.21
C PRO E 88 -5.33 -5.54 -28.05
N TYR E 90 -3.21 -5.87 -25.18
CA TYR E 90 -2.58 -6.89 -24.36
C TYR E 90 -1.81 -6.25 -23.20
N ASN E 91 -2.49 -6.09 -22.07
CA ASN E 91 -1.88 -5.49 -20.89
C ASN E 91 -1.03 -6.48 -20.11
N TRP E 92 0.28 -6.41 -20.30
CA TRP E 92 1.23 -7.26 -19.59
C TRP E 92 1.76 -6.54 -18.35
N ARG E 93 1.53 -5.24 -18.29
CA ARG E 93 2.00 -4.43 -17.17
C ARG E 93 1.40 -4.89 -15.84
N GLU E 94 0.29 -5.62 -15.92
CA GLU E 94 -0.40 -6.07 -14.72
C GLU E 94 -1.28 -7.30 -14.92
N ASN E 95 -2.32 -7.16 -15.72
CA ASN E 95 -3.35 -8.19 -15.83
C ASN E 95 -3.02 -9.33 -16.82
N LEU E 96 -2.51 -8.97 -18.00
CA LEU E 96 -2.30 -9.93 -19.07
C LEU E 96 -3.64 -10.37 -19.65
N ASP E 97 -4.61 -9.46 -19.62
CA ASP E 97 -5.96 -9.75 -20.08
C ASP E 97 -5.96 -10.45 -21.44
N ARG E 98 -5.84 -9.65 -22.50
CA ARG E 98 -5.82 -10.18 -23.86
C ARG E 98 -4.50 -10.90 -24.14
N ASP E 99 -4.52 -12.23 -24.06
CA ASP E 99 -3.30 -13.02 -24.26
C ASP E 99 -3.43 -13.97 -25.46
N ILE E 100 -3.98 -13.46 -26.56
CA ILE E 100 -4.13 -14.26 -27.77
C ILE E 100 -3.07 -13.88 -28.81
N ALA E 101 -2.94 -14.73 -29.82
CA ALA E 101 -1.95 -14.50 -30.88
C ALA E 101 -1.92 -15.66 -31.88
N LEU E 102 -1.73 -15.34 -33.15
CA LEU E 102 -1.70 -16.35 -34.20
C LEU E 102 -0.41 -16.29 -35.01
N MET E 103 -0.18 -17.32 -35.82
CA MET E 103 1.03 -17.39 -36.64
C MET E 103 0.77 -18.13 -37.94
N LYS E 104 1.04 -17.47 -39.06
CA LYS E 104 0.89 -18.09 -40.38
C LYS E 104 2.22 -18.65 -40.87
N LEU E 105 2.16 -19.74 -41.63
CA LEU E 105 3.37 -20.40 -42.11
C LEU E 105 3.70 -20.05 -43.55
N LYS E 106 4.98 -20.08 -43.89
CA LYS E 106 5.42 -19.83 -45.25
C LYS E 106 4.84 -20.88 -46.20
N LYS E 107 4.94 -22.15 -45.80
CA LYS E 107 4.38 -23.24 -46.57
C LYS E 107 3.31 -23.98 -45.78
N PRO E 108 2.10 -24.11 -46.35
CA PRO E 108 0.99 -24.80 -45.71
C PRO E 108 1.38 -26.19 -45.22
N VAL E 109 0.67 -26.68 -44.21
CA VAL E 109 0.98 -27.97 -43.61
C VAL E 109 0.12 -29.10 -44.17
N ALA E 110 0.72 -30.27 -44.35
CA ALA E 110 0.01 -31.45 -44.84
C ALA E 110 -0.50 -32.29 -43.67
N PHE E 111 -1.81 -32.34 -43.50
CA PHE E 111 -2.41 -33.10 -42.41
C PHE E 111 -2.01 -34.57 -42.47
N SER E 112 -2.26 -35.29 -41.39
CA SER E 112 -1.95 -36.71 -41.33
C SER E 112 -2.58 -37.36 -40.11
N ASP E 113 -2.03 -38.51 -39.70
CA ASP E 113 -2.49 -39.19 -38.51
C ASP E 113 -2.02 -38.48 -37.25
N TYR E 114 -1.01 -37.61 -37.41
CA TYR E 114 -0.39 -36.95 -36.27
C TYR E 114 -0.61 -35.44 -36.29
N ILE E 115 -1.36 -34.96 -37.27
CA ILE E 115 -1.64 -33.53 -37.37
C ILE E 115 -3.04 -33.25 -37.94
N HIS E 116 -3.94 -32.81 -37.07
CA HIS E 116 -5.29 -32.45 -37.49
C HIS E 116 -5.82 -31.32 -36.60
N PRO E 117 -6.11 -30.15 -37.22
CA PRO E 117 -6.48 -28.94 -36.50
C PRO E 117 -7.71 -29.10 -35.62
N VAL E 118 -7.69 -28.46 -34.45
CA VAL E 118 -8.81 -28.53 -33.52
C VAL E 118 -9.86 -27.46 -33.86
N CYS E 119 -11.04 -27.60 -33.26
CA CYS E 119 -12.14 -26.68 -33.51
C CYS E 119 -12.02 -25.42 -32.65
N LEU E 120 -12.79 -24.40 -33.02
CA LEU E 120 -12.86 -23.17 -32.25
C LEU E 120 -14.32 -22.71 -32.18
N PRO E 121 -15.19 -23.52 -31.58
CA PRO E 121 -16.63 -23.28 -31.51
C PRO E 121 -16.96 -21.83 -31.19
N GLU E 124 -20.83 -19.88 -30.38
CA GLU E 124 -21.63 -19.47 -29.23
C GLU E 124 -22.15 -20.69 -28.47
N THR E 125 -22.19 -21.84 -29.15
CA THR E 125 -22.56 -23.08 -28.50
C THR E 125 -21.63 -23.32 -27.33
N ALA E 126 -20.56 -22.55 -27.28
CA ALA E 126 -19.56 -22.65 -26.22
C ALA E 126 -20.18 -22.46 -24.84
N ALA E 127 -21.11 -21.52 -24.74
CA ALA E 127 -21.78 -21.22 -23.48
C ALA E 127 -22.23 -22.49 -22.77
N SER E 128 -22.35 -23.58 -23.52
CA SER E 128 -22.83 -24.84 -22.96
C SER E 128 -21.79 -25.51 -22.05
N LEU E 129 -20.52 -25.37 -22.39
CA LEU E 129 -19.46 -26.11 -21.68
C LEU E 129 -18.66 -25.27 -20.69
N LEU E 130 -18.73 -23.94 -20.82
CA LEU E 130 -18.03 -23.06 -19.90
C LEU E 130 -18.70 -23.06 -18.53
N GLN E 131 -18.83 -24.24 -17.95
CA GLN E 131 -19.52 -24.40 -16.66
C GLN E 131 -18.66 -25.10 -15.61
N ALA E 132 -18.61 -24.52 -14.42
CA ALA E 132 -17.85 -25.10 -13.32
C ALA E 132 -18.11 -26.61 -13.20
N GLY E 133 -17.04 -27.36 -12.98
CA GLY E 133 -17.16 -28.81 -12.83
C GLY E 133 -16.87 -29.56 -14.12
N TYR E 134 -17.17 -28.91 -15.25
CA TYR E 134 -16.90 -29.50 -16.55
C TYR E 134 -15.39 -29.58 -16.80
N LYS E 135 -14.86 -30.79 -16.77
CA LYS E 135 -13.42 -30.99 -16.93
C LYS E 135 -12.92 -30.74 -18.35
N GLY E 136 -11.78 -30.08 -18.45
CA GLY E 136 -11.15 -29.83 -19.74
C GLY E 136 -9.83 -30.54 -19.84
N ARG E 137 -9.19 -30.45 -21.01
CA ARG E 137 -7.91 -31.11 -21.22
C ARG E 137 -6.81 -30.11 -21.58
N VAL E 138 -5.65 -30.26 -20.96
CA VAL E 138 -4.51 -29.39 -21.21
C VAL E 138 -3.26 -30.23 -21.41
N THR E 139 -2.50 -29.90 -22.45
CA THR E 139 -1.30 -30.67 -22.80
C THR E 139 -0.11 -29.76 -23.08
N GLY E 140 1.09 -30.29 -22.90
CA GLY E 140 2.30 -29.52 -23.16
C GLY E 140 3.57 -30.26 -22.79
N TRP E 141 4.71 -29.63 -23.06
CA TRP E 141 6.01 -30.21 -22.71
C TRP E 141 6.64 -29.43 -21.56
N GLY E 142 5.83 -28.62 -20.88
CA GLY E 142 6.31 -27.80 -19.77
C GLY E 142 6.91 -28.63 -18.64
N ASN E 143 7.22 -27.97 -17.53
CA ASN E 143 7.86 -28.64 -16.39
C ASN E 143 6.90 -29.54 -15.62
N LEU E 144 7.46 -30.54 -14.95
CA LEU E 144 6.66 -31.50 -14.21
C LEU E 144 6.33 -30.99 -12.80
N LYS E 145 7.12 -30.04 -12.32
CA LYS E 145 6.91 -29.47 -11.00
C LYS E 145 7.24 -27.98 -11.01
N GLU E 146 6.79 -27.26 -9.98
CA GLU E 146 7.12 -25.85 -9.84
C GLU E 146 8.62 -25.71 -9.55
N THR E 147 9.05 -26.25 -8.42
CA THR E 147 10.47 -26.28 -8.08
C THR E 147 10.96 -27.73 -8.02
N TRP E 148 12.04 -28.00 -8.73
CA TRP E 148 12.56 -29.35 -8.86
C TRP E 148 13.55 -29.68 -7.73
N THR E 149 13.16 -30.61 -6.86
CA THR E 149 13.96 -30.93 -5.68
C THR E 149 15.08 -31.93 -5.97
N ALA E 150 14.77 -32.94 -6.76
CA ALA E 150 15.73 -34.01 -7.06
C ALA E 150 17.11 -33.47 -7.46
N ASN E 151 18.14 -34.27 -7.21
CA ASN E 151 19.51 -33.90 -7.57
C ASN E 151 19.95 -34.52 -8.89
N VAL E 152 19.38 -34.05 -9.98
CA VAL E 152 19.71 -34.58 -11.30
C VAL E 152 19.13 -33.71 -12.43
N GLY E 153 17.96 -34.11 -12.93
CA GLY E 153 17.34 -33.42 -14.06
C GLY E 153 16.70 -32.09 -13.70
N LYS E 154 16.33 -31.33 -14.72
CA LYS E 154 15.72 -30.02 -14.51
C LYS E 154 14.20 -30.12 -14.36
N GLY E 155 13.67 -31.33 -14.51
CA GLY E 155 12.23 -31.56 -14.34
C GLY E 155 11.43 -31.34 -15.61
N GLN E 156 11.80 -32.05 -16.68
CA GLN E 156 11.11 -31.94 -17.95
C GLN E 156 10.68 -33.32 -18.43
N PRO E 157 9.46 -33.42 -18.97
CA PRO E 157 8.93 -34.71 -19.43
C PRO E 157 9.66 -35.20 -20.67
N SER E 158 9.78 -36.52 -20.81
CA SER E 158 10.42 -37.10 -21.99
C SER E 158 9.50 -37.00 -23.20
N VAL E 159 8.20 -37.06 -22.94
CA VAL E 159 7.20 -36.98 -24.00
C VAL E 159 6.06 -36.04 -23.61
N LEU E 160 5.25 -35.66 -24.59
CA LEU E 160 4.12 -34.77 -24.35
C LEU E 160 3.32 -35.21 -23.12
N GLN E 161 2.80 -34.24 -22.38
CA GLN E 161 2.01 -34.51 -21.18
C GLN E 161 0.57 -34.04 -21.36
N VAL E 162 -0.35 -34.77 -20.73
CA VAL E 162 -1.77 -34.41 -20.77
C VAL E 162 -2.37 -34.50 -19.38
N VAL E 163 -3.33 -33.61 -19.10
CA VAL E 163 -3.99 -33.58 -17.80
C VAL E 163 -5.38 -32.98 -17.92
N ASN E 164 -6.33 -33.51 -17.15
CA ASN E 164 -7.70 -33.03 -17.17
C ASN E 164 -8.03 -32.19 -15.94
N LEU E 165 -8.57 -30.99 -16.18
CA LEU E 165 -8.86 -30.07 -15.09
C LEU E 165 -10.28 -29.53 -15.14
N PRO E 166 -10.94 -29.45 -13.98
CA PRO E 166 -12.30 -28.90 -13.87
C PRO E 166 -12.29 -27.39 -13.88
N ILE E 167 -13.24 -26.78 -14.58
CA ILE E 167 -13.37 -25.33 -14.61
C ILE E 167 -13.83 -24.81 -13.26
N VAL E 168 -13.22 -23.74 -12.78
CA VAL E 168 -13.55 -23.19 -11.47
C VAL E 168 -14.45 -21.95 -11.57
N GLU E 169 -15.20 -21.68 -10.51
CA GLU E 169 -16.11 -20.55 -10.47
C GLU E 169 -15.36 -19.23 -10.37
N ARG E 170 -15.73 -18.27 -11.21
CA ARG E 170 -15.11 -16.95 -11.19
C ARG E 170 -14.87 -16.47 -9.77
N PRO E 171 -15.91 -16.58 -8.91
CA PRO E 171 -15.82 -16.14 -7.52
C PRO E 171 -14.56 -16.64 -6.84
N VAL E 172 -14.23 -17.92 -7.04
CA VAL E 172 -13.04 -18.51 -6.45
C VAL E 172 -11.77 -17.98 -7.12
N CYS E 173 -11.76 -17.99 -8.44
CA CYS E 173 -10.61 -17.49 -9.20
C CYS E 173 -10.16 -16.14 -8.66
N LYS E 174 -11.12 -15.25 -8.44
CA LYS E 174 -10.82 -13.91 -7.96
C LYS E 174 -10.29 -13.92 -6.52
N ASP E 175 -10.63 -14.97 -5.79
CA ASP E 175 -10.21 -15.09 -4.39
C ASP E 175 -9.02 -16.05 -4.26
N SER E 176 -8.37 -16.34 -5.37
CA SER E 176 -7.20 -17.21 -5.38
C SER E 176 -5.96 -16.42 -5.76
N THR E 177 -6.14 -15.14 -6.06
CA THR E 177 -5.04 -14.27 -6.47
C THR E 177 -5.33 -12.81 -6.16
N ARG E 178 -4.26 -12.06 -5.86
CA ARG E 178 -4.37 -10.62 -5.68
C ARG E 178 -4.25 -9.93 -7.03
N ILE E 179 -4.20 -10.73 -8.08
CA ILE E 179 -4.10 -10.22 -9.44
C ILE E 179 -5.46 -9.82 -9.97
N ARG E 180 -5.49 -8.83 -10.86
CA ARG E 180 -6.74 -8.30 -11.38
C ARG E 180 -7.30 -9.14 -12.54
N ILE E 181 -8.03 -10.18 -12.20
CA ILE E 181 -8.67 -11.02 -13.19
C ILE E 181 -9.61 -10.18 -14.05
N THR E 182 -9.51 -10.32 -15.37
CA THR E 182 -10.41 -9.64 -16.29
C THR E 182 -11.50 -10.61 -16.76
N ASP E 183 -12.19 -10.26 -17.83
CA ASP E 183 -13.24 -11.10 -18.36
C ASP E 183 -12.77 -11.83 -19.62
N ASN E 184 -11.50 -11.67 -19.95
CA ASN E 184 -10.91 -12.33 -21.10
C ASN E 184 -10.15 -13.59 -20.70
N MET E 185 -10.59 -14.23 -19.62
CA MET E 185 -9.87 -15.37 -19.06
C MET E 185 -10.69 -16.15 -18.04
N PHE E 186 -10.37 -17.42 -17.87
CA PHE E 186 -11.02 -18.26 -16.88
C PHE E 186 -9.98 -19.14 -16.16
N CYS E 187 -10.28 -19.52 -14.92
CA CYS E 187 -9.35 -20.31 -14.14
C CYS E 187 -9.86 -21.74 -13.96
N ALA E 188 -8.94 -22.70 -14.05
CA ALA E 188 -9.29 -24.11 -13.87
C ALA E 188 -8.33 -24.75 -12.87
N GLY E 189 -8.66 -25.98 -12.45
CA GLY E 189 -7.85 -26.70 -11.48
C GLY E 189 -8.68 -27.19 -10.30
N TYR E 190 -8.13 -28.11 -9.54
CA TYR E 190 -8.85 -28.68 -8.39
C TYR E 190 -8.71 -27.83 -7.14
N LYS E 191 -9.82 -27.68 -6.42
CA LYS E 191 -9.77 -27.06 -5.10
C LYS E 191 -9.20 -28.07 -4.12
N PRO E 192 -8.56 -27.58 -3.04
CA PRO E 192 -7.89 -28.44 -2.08
C PRO E 192 -8.82 -29.47 -1.45
N ASP E 193 -10.11 -29.15 -1.38
CA ASP E 193 -11.08 -30.03 -0.76
C ASP E 193 -11.51 -31.16 -1.70
N GLU E 194 -10.86 -31.23 -2.86
CA GLU E 194 -11.22 -32.22 -3.88
C GLU E 194 -10.19 -33.33 -4.00
N GLY E 195 -9.15 -33.28 -3.17
CA GLY E 195 -8.12 -34.31 -3.15
C GLY E 195 -7.24 -34.31 -4.39
N LYS E 196 -7.82 -34.61 -5.54
CA LYS E 196 -7.08 -34.65 -6.79
C LYS E 196 -6.46 -33.30 -7.12
N ARG E 197 -5.39 -33.31 -7.92
CA ARG E 197 -4.69 -32.09 -8.27
C ARG E 197 -4.06 -32.16 -9.66
N GLY E 198 -3.32 -31.12 -10.02
CA GLY E 198 -2.71 -31.02 -11.34
C GLY E 198 -2.77 -29.60 -11.85
N ASP E 199 -1.89 -29.25 -12.78
CA ASP E 199 -1.84 -27.88 -13.28
C ASP E 199 -0.85 -27.71 -14.43
N ALA E 200 -1.01 -26.61 -15.16
CA ALA E 200 -0.03 -26.23 -16.18
C ALA E 200 1.19 -25.67 -15.47
N CYS E 201 2.25 -25.40 -16.22
CA CYS E 201 3.46 -24.87 -15.62
C CYS E 201 4.39 -24.26 -16.67
N GLU E 202 5.53 -23.76 -16.22
CA GLU E 202 6.51 -23.14 -17.11
C GLU E 202 6.77 -24.03 -18.33
N GLY E 203 6.54 -23.48 -19.52
CA GLY E 203 6.76 -24.20 -20.76
C GLY E 203 5.47 -24.63 -21.45
N ASP E 204 4.39 -24.67 -20.69
CA ASP E 204 3.10 -25.08 -21.23
C ASP E 204 2.37 -23.93 -21.89
N ALA E 205 2.69 -22.70 -21.47
CA ALA E 205 2.09 -21.51 -22.04
C ALA E 205 1.90 -21.66 -23.53
N GLY E 206 0.74 -21.24 -24.04
CA GLY E 206 0.44 -21.34 -25.46
C GLY E 206 -0.32 -22.59 -25.82
N GLY E 207 -0.26 -23.58 -24.94
CA GLY E 207 -0.97 -24.85 -25.15
C GLY E 207 -2.47 -24.66 -25.22
N PRO E 208 -3.18 -25.66 -25.74
CA PRO E 208 -4.62 -25.60 -25.91
C PRO E 208 -5.39 -26.26 -24.76
N PHE E 209 -6.32 -25.52 -24.17
CA PHE E 209 -7.26 -26.08 -23.20
C PHE E 209 -8.52 -26.49 -23.97
N VAL E 210 -8.66 -27.77 -24.23
CA VAL E 210 -9.71 -28.27 -25.12
C VAL E 210 -10.85 -28.96 -24.38
N MET E 211 -11.95 -29.17 -25.11
CA MET E 211 -13.10 -29.90 -24.58
C MET E 211 -13.79 -30.66 -25.70
N LYS E 212 -14.24 -31.87 -25.40
CA LYS E 212 -14.92 -32.71 -26.39
C LYS E 212 -16.44 -32.70 -26.17
N SER E 213 -17.14 -31.96 -27.02
CA SER E 213 -18.59 -31.86 -26.91
C SER E 213 -19.29 -33.07 -27.51
N PRO E 214 -20.21 -33.68 -26.74
CA PRO E 214 -21.00 -34.81 -27.21
C PRO E 214 -22.07 -34.38 -28.20
N PHE E 215 -22.40 -33.09 -28.18
CA PHE E 215 -23.41 -32.54 -29.09
C PHE E 215 -22.95 -32.63 -30.54
N ASN E 216 -21.65 -32.80 -30.74
CA ASN E 216 -21.08 -32.90 -32.08
C ASN E 216 -19.96 -33.93 -32.15
N ASN E 217 -19.48 -34.35 -30.99
CA ASN E 217 -18.40 -35.34 -30.90
C ASN E 217 -17.07 -34.76 -31.39
N ARG E 218 -17.02 -33.44 -31.55
CA ARG E 218 -15.82 -32.77 -32.05
C ARG E 218 -15.11 -31.99 -30.96
N TRP E 219 -13.77 -32.03 -30.99
CA TRP E 219 -12.96 -31.30 -30.02
C TRP E 219 -12.97 -29.81 -30.30
N TYR E 220 -12.83 -29.01 -29.25
CA TYR E 220 -12.87 -27.56 -29.38
C TYR E 220 -12.01 -26.86 -28.33
N GLN E 221 -10.89 -26.29 -28.77
CA GLN E 221 -10.03 -25.53 -27.87
C GLN E 221 -10.76 -24.27 -27.41
N MET E 222 -11.11 -24.23 -26.12
CA MET E 222 -11.84 -23.09 -25.58
C MET E 222 -10.91 -22.11 -24.88
N GLY E 223 -9.79 -22.60 -24.38
CA GLY E 223 -8.82 -21.76 -23.68
C GLY E 223 -7.40 -21.95 -24.16
N ILE E 224 -6.56 -20.95 -23.89
CA ILE E 224 -5.15 -21.02 -24.23
C ILE E 224 -4.31 -20.84 -22.97
N VAL E 225 -3.52 -21.85 -22.62
CA VAL E 225 -2.67 -21.81 -21.44
C VAL E 225 -2.01 -20.43 -21.31
N SER E 226 -2.25 -19.78 -20.19
CA SER E 226 -1.77 -18.42 -19.99
C SER E 226 -0.87 -18.30 -18.75
N TRP E 227 -1.37 -17.61 -17.73
CA TRP E 227 -0.57 -17.32 -16.55
C TRP E 227 -1.08 -18.04 -15.31
N GLY E 228 -0.24 -18.06 -14.28
CA GLY E 228 -0.59 -18.66 -13.00
C GLY E 228 0.39 -18.22 -11.94
N GLU E 229 0.11 -18.56 -10.69
CA GLU E 229 1.02 -18.23 -9.60
C GLU E 229 1.65 -19.52 -9.06
N GLY E 230 2.89 -19.78 -9.47
CA GLY E 230 3.54 -21.03 -9.13
C GLY E 230 2.99 -22.13 -10.00
N CYS E 231 3.08 -23.37 -9.53
CA CYS E 231 2.55 -24.52 -10.27
C CYS E 231 1.92 -25.55 -9.34
N ASP E 232 0.62 -25.75 -9.51
CA ASP E 232 -0.13 -26.72 -8.72
C ASP E 232 -0.11 -26.40 -7.22
N ARG E 233 -0.31 -25.13 -6.89
CA ARG E 233 -0.40 -24.73 -5.49
C ARG E 233 -1.83 -24.84 -4.98
N ASP E 234 -1.98 -25.16 -3.70
CA ASP E 234 -3.29 -25.24 -3.08
C ASP E 234 -3.93 -23.85 -3.02
N GLY E 235 -5.22 -23.78 -3.35
CA GLY E 235 -5.92 -22.51 -3.38
C GLY E 235 -5.45 -21.64 -4.52
N LYS E 236 -4.78 -22.25 -5.49
CA LYS E 236 -4.31 -21.56 -6.67
C LYS E 236 -4.75 -22.29 -7.93
N TYR E 237 -5.12 -21.53 -8.96
CA TYR E 237 -5.62 -22.12 -10.20
C TYR E 237 -4.93 -21.52 -11.42
N GLY E 238 -4.73 -22.35 -12.44
CA GLY E 238 -4.16 -21.89 -13.70
C GLY E 238 -5.17 -21.10 -14.49
N PHE E 239 -4.72 -20.03 -15.13
CA PHE E 239 -5.62 -19.17 -15.91
C PHE E 239 -5.44 -19.36 -17.40
N TYR E 240 -6.56 -19.44 -18.12
CA TYR E 240 -6.54 -19.61 -19.57
C TYR E 240 -7.37 -18.52 -20.22
N THR E 241 -6.88 -17.97 -21.32
CA THR E 241 -7.57 -16.90 -22.03
C THR E 241 -8.78 -17.44 -22.81
N HIS E 242 -9.89 -16.71 -22.73
CA HIS E 242 -11.15 -17.15 -23.35
C HIS E 242 -11.13 -16.98 -24.87
N VAL E 243 -11.29 -18.11 -25.58
CA VAL E 243 -11.30 -18.09 -27.04
C VAL E 243 -12.51 -17.32 -27.58
N PHE E 244 -13.65 -17.48 -26.92
CA PHE E 244 -14.88 -16.81 -27.33
C PHE E 244 -14.65 -15.30 -27.42
N ARG E 245 -14.23 -14.71 -26.31
CA ARG E 245 -13.99 -13.27 -26.24
C ARG E 245 -13.03 -12.81 -27.34
N LEU E 246 -12.09 -13.67 -27.71
CA LEU E 246 -11.05 -13.31 -28.67
C LEU E 246 -11.42 -13.68 -30.11
N LYS E 247 -12.51 -14.42 -30.28
CA LYS E 247 -12.95 -14.86 -31.59
C LYS E 247 -13.14 -13.68 -32.54
N LYS E 248 -14.04 -12.77 -32.19
CA LYS E 248 -14.24 -11.57 -32.98
C LYS E 248 -12.88 -11.08 -33.47
N TRP E 249 -11.88 -11.20 -32.59
CA TRP E 249 -10.51 -10.82 -32.91
C TRP E 249 -9.95 -11.71 -34.01
N ILE E 250 -10.06 -13.02 -33.83
CA ILE E 250 -9.53 -13.98 -34.79
C ILE E 250 -10.20 -13.85 -36.16
N GLN E 251 -11.51 -13.69 -36.16
CA GLN E 251 -12.26 -13.50 -37.39
C GLN E 251 -11.60 -12.40 -38.21
N LYS E 252 -11.42 -11.25 -37.58
CA LYS E 252 -10.81 -10.10 -38.25
C LYS E 252 -9.50 -10.48 -38.93
N VAL E 253 -8.64 -11.20 -38.22
CA VAL E 253 -7.30 -11.53 -38.71
C VAL E 253 -7.31 -12.45 -39.94
N ILE E 254 -7.84 -13.65 -39.77
CA ILE E 254 -7.87 -14.63 -40.85
C ILE E 254 -7.70 -13.96 -42.22
N HIS F 2 30.50 9.45 9.53
CA HIS F 2 29.22 9.64 10.26
C HIS F 2 29.05 8.59 11.37
N PHE F 3 28.16 8.87 12.31
CA PHE F 3 27.91 7.97 13.43
C PHE F 3 26.90 6.89 13.07
N ASN F 4 26.54 6.83 11.79
CA ASN F 4 25.65 5.79 11.29
C ASN F 4 26.44 4.64 10.68
N PRO F 5 26.34 3.44 11.28
CA PRO F 5 27.14 2.30 10.86
C PRO F 5 27.15 2.13 9.34
N LEU F 6 26.05 2.48 8.70
CA LEU F 6 25.89 2.28 7.26
C LEU F 6 26.63 3.36 6.47
N SER F 7 26.64 4.58 6.99
CA SER F 7 27.34 5.68 6.33
C SER F 7 28.85 5.50 6.45
N LEU F 8 29.28 5.06 7.62
CA LEU F 8 30.69 4.84 7.88
C LEU F 8 31.25 3.80 6.92
N GLU F 9 30.48 2.73 6.69
CA GLU F 9 30.89 1.67 5.79
C GLU F 9 30.99 2.16 4.34
N GLU F 10 30.02 2.97 3.93
CA GLU F 10 30.01 3.52 2.58
C GLU F 10 31.32 4.24 2.28
N LEU F 11 31.79 5.03 3.24
CA LEU F 11 33.08 5.70 3.11
C LEU F 11 34.18 4.67 2.97
N GLY F 12 34.27 3.76 3.94
CA GLY F 12 35.29 2.72 3.94
C GLY F 12 35.35 1.97 2.62
N SER F 13 34.18 1.55 2.13
CA SER F 13 34.10 0.79 0.89
C SER F 13 34.41 1.64 -0.33
N ASN F 14 33.76 2.79 -0.45
CA ASN F 14 34.01 3.69 -1.57
C ASN F 14 35.50 3.95 -1.77
N THR F 15 36.22 4.15 -0.67
CA THR F 15 37.66 4.35 -0.73
C THR F 15 38.36 3.18 -1.40
N GLY F 16 37.99 1.97 -0.99
CA GLY F 16 38.57 0.75 -1.56
C GLY F 16 38.23 0.60 -3.03
N ILE F 17 37.05 1.07 -3.41
CA ILE F 17 36.61 1.01 -4.80
C ILE F 17 37.46 1.91 -5.68
N GLN F 18 37.87 3.05 -5.13
CA GLN F 18 38.72 3.98 -5.86
C GLN F 18 40.10 3.40 -6.10
N VAL F 19 40.62 2.69 -5.11
CA VAL F 19 41.91 2.01 -5.25
C VAL F 19 41.80 0.96 -6.37
N PHE F 20 40.68 0.27 -6.40
CA PHE F 20 40.43 -0.72 -7.45
C PHE F 20 40.43 -0.05 -8.81
N ASN F 21 39.72 1.07 -8.91
CA ASN F 21 39.67 1.84 -10.15
C ASN F 21 41.06 2.20 -10.68
N GLN F 22 41.95 2.61 -9.78
CA GLN F 22 43.31 2.96 -10.17
C GLN F 22 44.02 1.77 -10.79
N ILE F 23 44.08 0.66 -10.04
CA ILE F 23 44.77 -0.53 -10.49
C ILE F 23 44.27 -1.01 -11.86
N VAL F 24 42.94 -1.06 -12.01
CA VAL F 24 42.32 -1.58 -13.22
C VAL F 24 42.69 -0.83 -14.50
N LYS F 25 42.61 0.50 -14.45
CA LYS F 25 42.89 1.32 -15.63
C LYS F 25 44.30 1.06 -16.18
N SER F 26 45.22 0.69 -15.31
CA SER F 26 46.60 0.41 -15.72
C SER F 26 46.75 -1.00 -16.29
N ARG F 27 45.86 -1.90 -15.87
CA ARG F 27 45.89 -3.28 -16.34
C ARG F 27 44.49 -3.73 -16.74
N PRO F 28 43.96 -3.17 -17.84
CA PRO F 28 42.59 -3.39 -18.29
C PRO F 28 42.26 -4.85 -18.58
N HIS F 29 43.27 -5.64 -18.95
CA HIS F 29 43.01 -7.02 -19.39
C HIS F 29 43.45 -8.09 -18.38
N ASP F 30 43.82 -7.67 -17.18
CA ASP F 30 44.22 -8.62 -16.15
C ASP F 30 43.03 -9.02 -15.27
N ASN F 31 43.10 -10.21 -14.70
CA ASN F 31 42.17 -10.61 -13.66
C ASN F 31 42.61 -10.00 -12.34
N ILE F 32 41.73 -9.20 -11.74
CA ILE F 32 42.09 -8.48 -10.52
C ILE F 32 41.03 -8.63 -9.43
N VAL F 33 41.47 -9.08 -8.26
CA VAL F 33 40.57 -9.22 -7.12
C VAL F 33 41.03 -8.31 -5.98
N ILE F 34 40.11 -7.53 -5.45
CA ILE F 34 40.42 -6.59 -4.38
C ILE F 34 39.34 -6.56 -3.31
N SER F 35 39.73 -6.24 -2.08
CA SER F 35 38.81 -6.16 -0.97
C SER F 35 38.67 -4.72 -0.48
N PRO F 36 37.72 -3.97 -1.06
CA PRO F 36 37.52 -2.57 -0.72
C PRO F 36 37.45 -2.33 0.79
N HIS F 37 36.78 -3.23 1.51
CA HIS F 37 36.66 -3.10 2.96
C HIS F 37 38.01 -3.34 3.64
N GLY F 38 38.70 -4.39 3.21
CA GLY F 38 40.02 -4.69 3.75
C GLY F 38 40.94 -3.49 3.65
N ILE F 39 40.86 -2.78 2.54
CA ILE F 39 41.64 -1.57 2.36
C ILE F 39 41.27 -0.52 3.39
N ALA F 40 39.97 -0.43 3.71
CA ALA F 40 39.49 0.50 4.71
C ALA F 40 40.02 0.13 6.09
N SER F 41 40.10 -1.18 6.34
CA SER F 41 40.62 -1.68 7.61
C SER F 41 42.08 -1.30 7.76
N VAL F 42 42.88 -1.64 6.75
CA VAL F 42 44.31 -1.36 6.77
C VAL F 42 44.60 0.10 7.08
N LEU F 43 43.87 0.99 6.42
CA LEU F 43 44.02 2.43 6.67
C LEU F 43 43.73 2.76 8.14
N GLY F 44 42.67 2.17 8.67
CA GLY F 44 42.34 2.34 10.08
C GLY F 44 43.46 1.84 10.98
N MET F 45 43.97 0.65 10.69
CA MET F 45 45.06 0.06 11.47
C MET F 45 46.28 0.96 11.54
N LEU F 46 46.58 1.64 10.43
CA LEU F 46 47.71 2.56 10.38
C LEU F 46 47.44 3.80 11.22
N GLN F 47 46.28 4.42 11.00
CA GLN F 47 45.93 5.64 11.71
C GLN F 47 45.97 5.43 13.22
N LEU F 48 45.85 4.18 13.64
CA LEU F 48 45.81 3.85 15.06
C LEU F 48 47.10 4.24 15.76
N GLY F 49 48.22 4.15 15.03
CA GLY F 49 49.52 4.51 15.60
C GLY F 49 50.25 5.58 14.80
N ALA F 50 49.49 6.57 14.34
CA ALA F 50 50.06 7.65 13.52
C ALA F 50 49.75 9.01 14.12
N ASP F 51 50.62 9.98 13.85
CA ASP F 51 50.47 11.32 14.40
C ASP F 51 50.92 12.38 13.41
N GLY F 52 50.61 13.63 13.70
CA GLY F 52 51.02 14.76 12.88
C GLY F 52 50.44 14.74 11.49
N ARG F 53 51.28 15.04 10.49
CA ARG F 53 50.83 15.16 9.11
C ARG F 53 50.45 13.80 8.54
N THR F 54 51.15 12.77 8.97
CA THR F 54 50.83 11.40 8.58
C THR F 54 49.37 11.09 8.90
N LYS F 55 49.04 11.11 10.19
CA LYS F 55 47.68 10.88 10.65
C LYS F 55 46.69 11.82 9.95
N LYS F 56 47.06 13.09 9.84
CA LYS F 56 46.21 14.07 9.20
C LYS F 56 45.79 13.61 7.81
N GLN F 57 46.73 13.07 7.05
CA GLN F 57 46.46 12.61 5.68
C GLN F 57 45.48 11.45 5.65
N LEU F 58 45.71 10.45 6.49
CA LEU F 58 44.83 9.29 6.57
C LEU F 58 43.38 9.70 6.81
N ALA F 59 43.19 10.65 7.74
CA ALA F 59 41.84 11.10 8.09
C ALA F 59 41.17 11.82 6.92
N MET F 60 41.94 12.67 6.24
CA MET F 60 41.41 13.43 5.11
C MET F 60 40.90 12.52 4.01
N VAL F 61 41.62 11.43 3.75
CA VAL F 61 41.19 10.45 2.76
C VAL F 61 40.04 9.61 3.31
N MET F 62 40.26 9.03 4.48
CA MET F 62 39.26 8.17 5.12
C MET F 62 37.98 8.93 5.43
N ARG F 63 38.08 10.24 5.63
CA ARG F 63 36.94 11.06 5.98
C ARG F 63 36.39 10.71 7.36
N TYR F 64 37.26 10.24 8.24
CA TYR F 64 36.90 9.99 9.63
C TYR F 64 38.09 9.56 10.47
N GLY F 65 37.98 9.72 11.78
CA GLY F 65 39.04 9.34 12.72
C GLY F 65 38.66 8.14 13.56
N VAL F 66 39.60 7.22 13.72
CA VAL F 66 39.34 5.97 14.44
C VAL F 66 38.94 6.16 15.90
N ASN F 67 39.45 7.22 16.54
CA ASN F 67 39.18 7.46 17.95
C ASN F 67 37.71 7.73 18.25
N GLY F 68 37.09 8.60 17.44
CA GLY F 68 35.72 9.01 17.68
C GLY F 68 34.65 8.05 17.21
N VAL F 69 35.04 7.12 16.33
CA VAL F 69 34.07 6.20 15.74
C VAL F 69 34.58 4.76 15.73
N GLY F 70 35.55 4.48 16.61
CA GLY F 70 36.19 3.16 16.65
C GLY F 70 35.29 2.01 17.01
N LYS F 71 34.42 2.22 18.02
CA LYS F 71 33.53 1.17 18.49
C LYS F 71 32.57 0.70 17.39
N ILE F 72 32.19 1.63 16.51
CA ILE F 72 31.30 1.30 15.40
C ILE F 72 32.05 0.49 14.34
N LEU F 73 33.33 0.82 14.15
CA LEU F 73 34.19 0.07 13.23
C LEU F 73 34.33 -1.37 13.67
N LYS F 74 34.49 -1.58 14.98
CA LYS F 74 34.70 -2.93 15.50
C LYS F 74 33.44 -3.76 15.42
N LYS F 75 32.29 -3.09 15.51
CA LYS F 75 31.01 -3.78 15.43
C LYS F 75 30.77 -4.28 14.00
N ILE F 76 30.99 -3.41 13.03
CA ILE F 76 30.88 -3.78 11.62
C ILE F 76 31.81 -4.96 11.30
N ASN F 77 33.03 -4.88 11.80
CA ASN F 77 34.00 -5.96 11.59
C ASN F 77 33.57 -7.26 12.24
N LYS F 78 32.99 -7.17 13.42
CA LYS F 78 32.47 -8.33 14.12
C LYS F 78 31.37 -8.99 13.30
N ALA F 79 30.56 -8.16 12.65
CA ALA F 79 29.44 -8.64 11.86
C ALA F 79 29.90 -9.47 10.67
N ILE F 80 30.94 -8.98 9.97
CA ILE F 80 31.40 -9.61 8.74
C ILE F 80 32.03 -10.98 8.96
N VAL F 81 33.06 -11.03 9.80
CA VAL F 81 33.78 -12.28 10.03
C VAL F 81 32.97 -13.25 10.88
N SER F 82 31.88 -12.75 11.47
CA SER F 82 31.05 -13.56 12.35
C SER F 82 30.65 -14.89 11.73
N LYS F 83 30.96 -15.99 12.43
CA LYS F 83 30.57 -17.31 11.98
C LYS F 83 29.06 -17.40 11.82
N LYS F 84 28.35 -16.46 12.46
CA LYS F 84 26.90 -16.44 12.41
C LYS F 84 26.40 -16.00 11.03
N ASN F 85 27.33 -15.78 10.11
CA ASN F 85 26.99 -15.53 8.70
C ASN F 85 26.78 -16.85 7.97
N LYS F 86 27.04 -17.95 8.67
CA LYS F 86 27.06 -19.28 8.07
C LYS F 86 28.11 -19.35 6.97
N ASP F 87 28.11 -18.34 6.10
CA ASP F 87 29.13 -18.22 5.07
C ASP F 87 30.36 -17.53 5.65
N ILE F 88 31.39 -18.32 5.92
CA ILE F 88 32.57 -17.83 6.64
C ILE F 88 33.53 -17.02 5.77
N VAL F 89 33.63 -15.73 6.07
CA VAL F 89 34.64 -14.87 5.46
C VAL F 89 35.90 -14.95 6.30
N THR F 90 37.00 -15.37 5.69
CA THR F 90 38.26 -15.52 6.44
C THR F 90 39.21 -14.36 6.16
N VAL F 91 39.52 -13.61 7.21
CA VAL F 91 40.34 -12.41 7.09
C VAL F 91 41.55 -12.43 8.03
N ALA F 92 42.71 -12.02 7.50
CA ALA F 92 43.93 -12.01 8.30
C ALA F 92 44.63 -10.66 8.22
N ASN F 93 44.70 -9.96 9.35
CA ASN F 93 45.37 -8.67 9.42
C ASN F 93 46.55 -8.70 10.39
N ALA F 94 47.68 -8.15 9.96
CA ALA F 94 48.87 -8.10 10.79
C ALA F 94 49.72 -6.86 10.52
N VAL F 95 50.38 -6.36 11.55
CA VAL F 95 51.30 -5.25 11.43
C VAL F 95 52.64 -5.64 12.03
N PHE F 96 53.58 -6.03 11.16
CA PHE F 96 54.90 -6.47 11.61
C PHE F 96 55.87 -5.30 11.73
N VAL F 97 56.50 -5.17 12.90
CA VAL F 97 57.45 -4.09 13.14
C VAL F 97 58.86 -4.62 13.34
N LYS F 98 59.87 -3.79 13.06
CA LYS F 98 61.26 -4.17 13.22
C LYS F 98 61.54 -4.62 14.65
N ASN F 99 62.18 -5.77 14.78
CA ASN F 99 62.47 -6.36 16.09
C ASN F 99 63.06 -5.35 17.06
N ALA F 100 63.79 -4.38 16.54
CA ALA F 100 64.50 -3.40 17.37
C ALA F 100 63.56 -2.54 18.19
N SER F 101 62.45 -2.10 17.60
CA SER F 101 61.51 -1.22 18.28
C SER F 101 60.52 -2.00 19.14
N GLU F 102 60.31 -1.54 20.38
CA GLU F 102 59.27 -2.09 21.23
C GLU F 102 58.00 -1.28 21.02
N ILE F 103 56.86 -1.97 21.03
CA ILE F 103 55.61 -1.35 20.60
C ILE F 103 54.72 -0.88 21.74
N GLU F 104 54.17 0.32 21.59
CA GLU F 104 53.15 0.82 22.49
C GLU F 104 52.13 -0.28 22.71
N VAL F 105 51.45 -0.26 23.86
CA VAL F 105 50.48 -1.31 24.18
C VAL F 105 49.08 -0.98 23.70
N PRO F 106 48.66 0.29 23.82
CA PRO F 106 47.38 0.69 23.26
C PRO F 106 47.32 0.32 21.77
N PHE F 107 48.43 0.52 21.08
CA PHE F 107 48.49 0.22 19.65
C PHE F 107 48.19 -1.25 19.37
N VAL F 108 48.87 -2.14 20.07
CA VAL F 108 48.65 -3.57 19.90
C VAL F 108 47.21 -3.96 20.23
N THR F 109 46.71 -3.44 21.34
CA THR F 109 45.36 -3.76 21.80
C THR F 109 44.29 -3.17 20.88
N ARG F 110 44.30 -1.85 20.74
CA ARG F 110 43.35 -1.16 19.87
C ARG F 110 43.16 -1.90 18.55
N ASN F 111 44.27 -2.38 17.98
CA ASN F 111 44.22 -3.10 16.71
C ASN F 111 43.48 -4.43 16.78
N LYS F 112 43.84 -5.25 17.76
CA LYS F 112 43.15 -6.52 17.96
C LYS F 112 41.66 -6.27 18.19
N ASP F 113 41.37 -5.36 19.11
CA ASP F 113 39.99 -5.04 19.48
C ASP F 113 39.15 -4.61 18.28
N VAL F 114 39.62 -3.59 17.56
CA VAL F 114 38.83 -2.99 16.49
C VAL F 114 38.91 -3.74 15.16
N PHE F 115 40.13 -4.13 14.77
CA PHE F 115 40.35 -4.63 13.42
C PHE F 115 40.73 -6.12 13.33
N GLN F 116 40.65 -6.83 14.44
CA GLN F 116 41.08 -8.22 14.45
C GLN F 116 42.42 -8.30 13.73
N CYS F 117 43.38 -7.55 14.25
CA CYS F 117 44.69 -7.40 13.60
C CYS F 117 45.83 -7.55 14.59
N GLU F 118 46.70 -8.52 14.35
CA GLU F 118 47.87 -8.71 15.19
C GLU F 118 49.03 -7.79 14.78
N VAL F 119 49.61 -7.12 15.76
CA VAL F 119 50.79 -6.31 15.53
C VAL F 119 51.95 -6.82 16.38
N ARG F 120 52.92 -7.45 15.75
CA ARG F 120 54.03 -8.06 16.47
C ARG F 120 55.39 -7.64 15.91
N ASN F 121 56.44 -7.90 16.69
CA ASN F 121 57.81 -7.63 16.25
C ASN F 121 58.39 -8.80 15.50
N VAL F 122 59.15 -8.50 14.45
CA VAL F 122 59.86 -9.52 13.70
C VAL F 122 61.27 -9.05 13.38
N ASN F 123 62.18 -10.00 13.18
CA ASN F 123 63.56 -9.66 12.85
C ASN F 123 63.79 -9.63 11.35
N PHE F 124 63.76 -8.44 10.77
CA PHE F 124 63.87 -8.29 9.32
C PHE F 124 65.30 -8.47 8.81
N GLU F 125 66.29 -8.41 9.71
CA GLU F 125 67.68 -8.62 9.30
C GLU F 125 68.01 -10.09 9.11
N ASP F 126 66.96 -10.90 8.94
CA ASP F 126 67.08 -12.28 8.50
C ASP F 126 65.93 -12.53 7.54
N PRO F 127 65.87 -11.77 6.46
CA PRO F 127 64.77 -11.74 5.50
C PRO F 127 64.09 -13.09 5.30
N ALA F 128 64.85 -14.08 4.87
CA ALA F 128 64.30 -15.41 4.61
C ALA F 128 63.44 -15.89 5.79
N SER F 129 64.01 -15.82 6.99
CA SER F 129 63.28 -16.23 8.19
C SER F 129 62.08 -15.34 8.45
N ALA F 130 62.22 -14.05 8.09
CA ALA F 130 61.14 -13.10 8.26
C ALA F 130 59.98 -13.41 7.32
N CYS F 131 60.31 -13.64 6.04
CA CYS F 131 59.30 -13.98 5.05
C CYS F 131 58.70 -15.36 5.35
N ASP F 132 59.52 -16.25 5.89
CA ASP F 132 59.05 -17.59 6.27
C ASP F 132 58.15 -17.51 7.50
N SER F 133 58.50 -16.61 8.40
CA SER F 133 57.71 -16.42 9.62
C SER F 133 56.37 -15.76 9.29
N ILE F 134 56.42 -14.71 8.47
CA ILE F 134 55.21 -13.99 8.09
C ILE F 134 54.26 -14.86 7.28
N ASN F 135 54.79 -15.52 6.25
CA ASN F 135 53.99 -16.41 5.42
C ASN F 135 53.36 -17.54 6.21
N ALA F 136 54.11 -18.10 7.15
CA ALA F 136 53.61 -19.19 7.98
C ALA F 136 52.44 -18.72 8.84
N TRP F 137 52.48 -17.47 9.25
CA TRP F 137 51.40 -16.87 10.04
C TRP F 137 50.13 -16.74 9.20
N VAL F 138 50.27 -16.22 7.99
CA VAL F 138 49.14 -16.02 7.10
C VAL F 138 48.45 -17.35 6.79
N LYS F 139 49.25 -18.37 6.51
CA LYS F 139 48.73 -19.69 6.22
C LYS F 139 47.88 -20.20 7.38
N ASN F 140 48.33 -19.95 8.59
CA ASN F 140 47.64 -20.42 9.79
C ASN F 140 46.33 -19.68 10.03
N GLU F 141 46.32 -18.37 9.81
CA GLU F 141 45.13 -17.56 10.02
C GLU F 141 44.06 -17.83 8.97
N THR F 142 44.47 -17.93 7.71
CA THR F 142 43.53 -18.22 6.62
C THR F 142 43.25 -19.72 6.51
N ARG F 143 43.72 -20.48 7.50
CA ARG F 143 43.53 -21.92 7.51
C ARG F 143 44.08 -22.58 6.25
N ASP F 144 45.15 -22.02 5.71
CA ASP F 144 45.88 -22.64 4.61
C ASP F 144 45.31 -22.32 3.22
N MET F 145 44.47 -21.30 3.14
CA MET F 145 43.88 -20.91 1.86
C MET F 145 44.70 -19.83 1.14
N ILE F 146 45.56 -19.15 1.89
CA ILE F 146 46.50 -18.20 1.31
C ILE F 146 47.87 -18.49 1.88
N ASP F 147 48.87 -18.64 1.01
CA ASP F 147 50.10 -19.33 1.39
C ASP F 147 51.39 -18.50 1.51
N ASN F 148 51.57 -17.48 0.69
CA ASN F 148 52.81 -16.71 0.75
C ASN F 148 52.75 -15.32 0.13
N LEU F 149 52.80 -14.31 0.99
CA LEU F 149 52.73 -12.93 0.54
C LEU F 149 54.11 -12.36 0.23
N LEU F 150 55.12 -12.82 0.96
CA LEU F 150 56.44 -12.20 0.90
C LEU F 150 57.56 -13.07 0.36
N SER F 151 58.46 -12.44 -0.38
CA SER F 151 59.70 -13.05 -0.83
C SER F 151 60.81 -12.03 -0.64
N PRO F 152 61.97 -12.47 -0.11
CA PRO F 152 63.06 -11.55 0.18
C PRO F 152 63.25 -10.52 -0.94
N ASP F 153 63.06 -10.94 -2.18
CA ASP F 153 63.20 -10.05 -3.33
C ASP F 153 61.92 -9.23 -3.56
N LEU F 154 61.08 -9.16 -2.53
CA LEU F 154 59.89 -8.33 -2.55
C LEU F 154 59.93 -7.34 -1.40
N ILE F 155 60.94 -7.50 -0.54
CA ILE F 155 61.11 -6.66 0.64
C ILE F 155 62.45 -5.94 0.64
N ASP F 156 62.57 -4.94 1.50
CA ASP F 156 63.81 -4.16 1.59
C ASP F 156 64.79 -4.80 2.56
N GLY F 157 64.81 -6.12 2.59
CA GLY F 157 65.74 -6.88 3.43
C GLY F 157 65.96 -6.28 4.81
N VAL F 158 67.22 -6.26 5.23
CA VAL F 158 67.59 -5.82 6.58
C VAL F 158 67.11 -4.39 6.89
N LEU F 159 66.69 -3.68 5.85
CA LEU F 159 66.29 -2.28 6.01
C LEU F 159 64.78 -2.13 6.25
N THR F 160 64.05 -3.22 6.05
CA THR F 160 62.59 -3.19 6.23
C THR F 160 62.24 -2.80 7.67
N ARG F 161 61.26 -1.92 7.80
CA ARG F 161 60.87 -1.41 9.12
C ARG F 161 59.43 -1.77 9.49
N LEU F 162 58.49 -1.41 8.63
CA LEU F 162 57.07 -1.63 8.91
C LEU F 162 56.37 -2.30 7.74
N VAL F 163 55.59 -3.35 8.02
CA VAL F 163 54.90 -4.10 6.98
C VAL F 163 53.45 -4.40 7.35
N LEU F 164 52.52 -3.86 6.58
CA LEU F 164 51.10 -4.15 6.77
C LEU F 164 50.66 -5.30 5.88
N VAL F 165 49.77 -6.13 6.41
CA VAL F 165 49.24 -7.26 5.64
C VAL F 165 47.73 -7.35 5.80
N ASN F 166 47.04 -7.59 4.68
CA ASN F 166 45.59 -7.77 4.68
C ASN F 166 45.19 -8.89 3.72
N ALA F 167 44.92 -10.07 4.28
CA ALA F 167 44.54 -11.22 3.48
C ALA F 167 43.08 -11.60 3.68
N VAL F 168 42.38 -11.90 2.60
CA VAL F 168 40.96 -12.22 2.66
C VAL F 168 40.63 -13.43 1.79
N TYR F 169 39.91 -14.39 2.37
CA TYR F 169 39.48 -15.57 1.63
C TYR F 169 37.99 -15.84 1.82
N PHE F 170 37.33 -16.24 0.74
CA PHE F 170 35.90 -16.56 0.82
C PHE F 170 35.43 -17.44 -0.33
N LYS F 171 34.70 -18.49 0.01
CA LYS F 171 34.12 -19.40 -0.97
C LYS F 171 32.60 -19.43 -0.84
N GLY F 172 32.11 -19.77 0.35
CA GLY F 172 30.68 -19.75 0.64
C GLY F 172 29.88 -20.93 0.11
N LEU F 173 28.57 -20.89 0.34
CA LEU F 173 27.66 -21.93 -0.14
C LEU F 173 26.40 -21.32 -0.73
N TRP F 174 26.23 -21.46 -2.04
CA TRP F 174 25.06 -20.89 -2.72
C TRP F 174 23.78 -21.33 -2.04
N LYS F 175 22.81 -20.42 -1.98
CA LYS F 175 21.48 -20.76 -1.48
C LYS F 175 20.89 -21.83 -2.39
N SER F 176 21.03 -21.62 -3.69
CA SER F 176 20.56 -22.56 -4.70
C SER F 176 21.74 -23.25 -5.38
N ARG F 177 22.06 -24.45 -4.91
CA ARG F 177 23.20 -25.21 -5.42
C ARG F 177 23.21 -25.29 -6.94
N PHE F 178 24.41 -25.45 -7.50
CA PHE F 178 24.56 -25.83 -8.90
C PHE F 178 24.74 -27.34 -8.96
N GLN F 179 24.46 -27.94 -10.11
CA GLN F 179 24.67 -29.37 -10.29
C GLN F 179 25.84 -29.62 -11.23
N PRO F 180 26.84 -30.37 -10.75
CA PRO F 180 28.04 -30.65 -11.54
C PRO F 180 27.68 -31.26 -12.89
N GLU F 181 26.62 -32.06 -12.92
CA GLU F 181 26.17 -32.69 -14.15
C GLU F 181 25.99 -31.65 -15.26
N ASN F 182 25.61 -30.44 -14.87
CA ASN F 182 25.33 -29.38 -15.84
C ASN F 182 26.54 -28.49 -16.13
N THR F 183 27.67 -28.80 -15.52
CA THR F 183 28.87 -27.99 -15.70
C THR F 183 29.60 -28.35 -16.98
N LYS F 184 28.96 -28.12 -18.12
CA LYS F 184 29.58 -28.33 -19.42
C LYS F 184 30.61 -27.23 -19.68
N LYS F 185 31.48 -27.45 -20.66
CA LYS F 185 32.48 -26.45 -21.01
C LYS F 185 32.01 -25.63 -22.20
N ARG F 186 31.72 -24.35 -21.95
CA ARG F 186 31.21 -23.47 -23.00
C ARG F 186 32.23 -22.41 -23.42
N THR F 187 31.85 -21.62 -24.42
CA THR F 187 32.76 -20.63 -25.00
C THR F 187 32.85 -19.37 -24.16
N PHE F 188 34.06 -18.85 -24.02
CA PHE F 188 34.28 -17.58 -23.34
C PHE F 188 35.17 -16.69 -24.19
N VAL F 189 34.66 -15.51 -24.55
CA VAL F 189 35.41 -14.55 -25.34
C VAL F 189 36.17 -13.59 -24.44
N ALA F 190 37.50 -13.72 -24.42
CA ALA F 190 38.33 -12.91 -23.55
C ALA F 190 38.48 -11.48 -24.06
N ALA F 191 39.38 -10.73 -23.43
CA ALA F 191 39.65 -9.35 -23.83
C ALA F 191 40.29 -9.31 -25.21
N ASP F 192 41.15 -10.30 -25.48
CA ASP F 192 41.80 -10.40 -26.78
C ASP F 192 40.78 -10.27 -27.89
N GLY F 193 39.66 -10.95 -27.72
CA GLY F 193 38.68 -11.11 -28.79
C GLY F 193 38.75 -12.54 -29.27
N LYS F 194 39.65 -13.31 -28.67
CA LYS F 194 39.83 -14.71 -29.01
C LYS F 194 39.05 -15.61 -28.06
N SER F 195 38.30 -16.55 -28.63
CA SER F 195 37.44 -17.43 -27.85
C SER F 195 38.21 -18.54 -27.14
N TYR F 196 37.81 -18.84 -25.91
CA TYR F 196 38.40 -19.94 -25.15
C TYR F 196 37.29 -20.84 -24.65
N GLN F 197 37.60 -22.12 -24.45
CA GLN F 197 36.62 -23.08 -23.97
C GLN F 197 36.84 -23.37 -22.49
N VAL F 198 35.97 -22.86 -21.64
CA VAL F 198 36.13 -22.96 -20.19
C VAL F 198 34.89 -23.51 -19.49
N PRO F 199 35.11 -24.31 -18.43
CA PRO F 199 34.03 -24.87 -17.61
C PRO F 199 33.09 -23.78 -17.10
N MET F 200 31.80 -24.06 -17.11
CA MET F 200 30.81 -23.08 -16.66
C MET F 200 29.70 -23.70 -15.85
N LEU F 201 29.36 -23.06 -14.73
CA LEU F 201 28.22 -23.47 -13.93
C LEU F 201 26.93 -23.09 -14.67
N ALA F 202 25.95 -23.99 -14.64
CA ALA F 202 24.68 -23.73 -15.29
C ALA F 202 23.53 -24.15 -14.39
N GLN F 203 22.48 -23.34 -14.35
CA GLN F 203 21.37 -23.57 -13.44
C GLN F 203 20.15 -22.74 -13.81
N LEU F 204 18.96 -23.30 -13.57
CA LEU F 204 17.72 -22.58 -13.78
C LEU F 204 17.04 -22.35 -12.43
N SER F 205 16.67 -21.09 -12.16
CA SER F 205 16.01 -20.76 -10.91
C SER F 205 15.58 -19.30 -10.87
N VAL F 206 15.10 -18.87 -9.71
CA VAL F 206 14.67 -17.48 -9.53
C VAL F 206 15.80 -16.63 -8.96
N PHE F 207 16.30 -15.70 -9.76
CA PHE F 207 17.35 -14.80 -9.32
C PHE F 207 16.94 -13.34 -9.51
N ARG F 208 17.36 -12.49 -8.59
CA ARG F 208 17.15 -11.06 -8.72
C ARG F 208 18.11 -10.52 -9.77
N CYS F 209 17.59 -9.68 -10.66
CA CYS F 209 18.42 -9.11 -11.72
C CYS F 209 17.72 -7.98 -12.45
N GLY F 210 18.52 -7.16 -13.15
CA GLY F 210 18.00 -6.04 -13.90
C GLY F 210 19.08 -5.45 -14.79
N SER F 211 18.83 -4.23 -15.28
CA SER F 211 19.80 -3.55 -16.11
C SER F 211 19.61 -2.04 -16.03
N THR F 212 20.69 -1.31 -16.29
CA THR F 212 20.63 0.14 -16.31
C THR F 212 21.77 0.70 -17.15
N SER F 213 21.91 2.02 -17.14
CA SER F 213 22.94 2.67 -17.93
C SER F 213 23.94 3.42 -17.05
N ALA F 214 25.11 3.69 -17.60
CA ALA F 214 26.06 4.57 -16.95
C ALA F 214 25.88 5.98 -17.49
N PRO F 215 26.53 6.97 -16.87
CA PRO F 215 26.44 8.36 -17.33
C PRO F 215 26.72 8.50 -18.83
N ASN F 216 27.53 7.59 -19.39
CA ASN F 216 27.85 7.63 -20.82
C ASN F 216 26.80 6.94 -21.67
N ASP F 217 25.66 6.63 -21.06
CA ASP F 217 24.52 6.04 -21.76
C ASP F 217 24.76 4.59 -22.20
N LEU F 218 25.83 3.99 -21.70
CA LEU F 218 26.10 2.58 -22.00
C LEU F 218 25.39 1.68 -20.99
N TRP F 219 24.70 0.66 -21.49
CA TRP F 219 23.92 -0.22 -20.65
C TRP F 219 24.71 -1.44 -20.19
N TYR F 220 24.45 -1.86 -18.96
CA TYR F 220 25.04 -3.08 -18.43
C TYR F 220 23.99 -3.84 -17.63
N ASN F 221 24.17 -5.15 -17.53
CA ASN F 221 23.24 -5.98 -16.77
C ASN F 221 23.86 -6.44 -15.46
N PHE F 222 23.01 -6.69 -14.46
CA PHE F 222 23.47 -7.16 -13.17
C PHE F 222 22.54 -8.25 -12.61
N ILE F 223 23.11 -9.11 -11.78
CA ILE F 223 22.36 -10.24 -11.24
C ILE F 223 22.89 -10.59 -9.85
N GLU F 224 21.98 -10.96 -8.95
CA GLU F 224 22.34 -11.25 -7.57
C GLU F 224 22.24 -12.75 -7.27
N LEU F 225 23.33 -13.32 -6.74
CA LEU F 225 23.35 -14.73 -6.35
C LEU F 225 23.63 -14.84 -4.86
N PRO F 226 22.58 -15.02 -4.06
CA PRO F 226 22.66 -15.04 -2.60
C PRO F 226 23.31 -16.32 -2.07
N TYR F 227 23.98 -16.19 -0.92
CA TYR F 227 24.58 -17.35 -0.25
C TYR F 227 23.67 -17.84 0.86
N HIS F 228 23.68 -19.14 1.09
CA HIS F 228 22.72 -19.78 2.00
C HIS F 228 22.59 -19.07 3.34
N GLY F 229 23.68 -18.44 3.79
CA GLY F 229 23.65 -17.70 5.04
C GLY F 229 22.66 -16.54 4.99
N GLU F 230 22.23 -16.20 3.79
CA GLU F 230 21.31 -15.08 3.60
C GLU F 230 21.81 -13.84 4.31
N SER F 231 23.11 -13.61 4.20
CA SER F 231 23.76 -12.44 4.77
C SER F 231 24.65 -11.83 3.70
N ILE F 232 25.28 -12.70 2.92
CA ILE F 232 26.17 -12.28 1.85
C ILE F 232 25.64 -12.76 0.51
N SER F 233 26.00 -12.04 -0.55
CA SER F 233 25.57 -12.39 -1.89
C SER F 233 26.65 -12.02 -2.90
N MET F 234 26.57 -12.61 -4.09
CA MET F 234 27.46 -12.21 -5.17
C MET F 234 26.71 -11.39 -6.20
N LEU F 235 27.30 -10.28 -6.60
CA LEU F 235 26.73 -9.44 -7.64
C LEU F 235 27.61 -9.49 -8.87
N ILE F 236 27.01 -9.80 -10.01
CA ILE F 236 27.74 -9.82 -11.27
C ILE F 236 27.20 -8.77 -12.23
N ALA F 237 28.10 -8.08 -12.91
CA ALA F 237 27.72 -7.06 -13.87
C ALA F 237 28.60 -7.08 -15.11
N LEU F 238 27.96 -7.11 -16.28
CA LEU F 238 28.67 -7.00 -17.54
C LEU F 238 27.89 -6.11 -18.49
N PRO F 239 28.55 -5.55 -19.50
CA PRO F 239 27.90 -4.64 -20.43
C PRO F 239 26.81 -5.35 -21.22
N THR F 240 25.78 -4.60 -21.62
CA THR F 240 24.70 -5.16 -22.42
C THR F 240 25.20 -5.50 -23.82
N GLU F 241 25.90 -4.55 -24.43
CA GLU F 241 26.46 -4.74 -25.76
C GLU F 241 27.85 -5.36 -25.67
N SER F 242 28.09 -6.40 -26.45
CA SER F 242 29.41 -7.04 -26.49
C SER F 242 30.46 -6.07 -27.01
N SER F 243 30.00 -5.04 -27.71
CA SER F 243 30.90 -4.03 -28.27
C SER F 243 31.34 -3.05 -27.18
N THR F 244 30.64 -3.06 -26.06
CA THR F 244 30.98 -2.20 -24.93
C THR F 244 31.99 -2.89 -24.03
N PRO F 245 33.19 -2.28 -23.88
CA PRO F 245 34.23 -2.86 -23.04
C PRO F 245 33.96 -2.63 -21.56
N LEU F 246 34.35 -3.61 -20.75
CA LEU F 246 34.18 -3.50 -19.30
C LEU F 246 34.65 -2.14 -18.82
N SER F 247 35.71 -1.64 -19.43
CA SER F 247 36.35 -0.39 -19.01
C SER F 247 35.43 0.82 -19.12
N ALA F 248 34.30 0.66 -19.79
CA ALA F 248 33.39 1.79 -20.02
C ALA F 248 32.30 1.87 -18.95
N ILE F 249 32.25 0.88 -18.06
CA ILE F 249 31.26 0.85 -17.00
C ILE F 249 31.92 0.93 -15.64
N ILE F 250 33.07 0.26 -15.50
CA ILE F 250 33.80 0.21 -14.24
C ILE F 250 33.84 1.56 -13.51
N PRO F 251 34.45 2.56 -14.15
CA PRO F 251 34.67 3.86 -13.52
C PRO F 251 33.39 4.51 -12.99
N HIS F 252 32.25 4.05 -13.48
CA HIS F 252 30.98 4.67 -13.11
C HIS F 252 30.24 3.90 -12.02
N ILE F 253 30.97 3.17 -11.19
CA ILE F 253 30.33 2.35 -10.16
C ILE F 253 30.85 2.66 -8.75
N SER F 254 29.90 2.85 -7.84
CA SER F 254 30.20 3.14 -6.44
C SER F 254 29.15 2.50 -5.56
N THR F 255 29.32 2.61 -4.24
CA THR F 255 28.35 2.05 -3.31
C THR F 255 26.96 2.58 -3.64
N LYS F 256 26.87 3.89 -3.86
CA LYS F 256 25.60 4.52 -4.21
C LYS F 256 24.94 3.78 -5.36
N THR F 257 25.69 3.59 -6.45
CA THR F 257 25.15 2.90 -7.62
C THR F 257 24.72 1.47 -7.29
N ILE F 258 25.51 0.79 -6.46
CA ILE F 258 25.18 -0.58 -6.06
C ILE F 258 23.83 -0.59 -5.35
N ASP F 259 23.56 0.45 -4.58
CA ASP F 259 22.24 0.62 -3.98
C ASP F 259 21.20 0.65 -5.08
N SER F 260 21.52 1.36 -6.16
CA SER F 260 20.64 1.44 -7.32
C SER F 260 20.24 0.04 -7.78
N TRP F 261 21.22 -0.85 -7.92
CA TRP F 261 20.94 -2.21 -8.34
C TRP F 261 19.97 -2.88 -7.38
N MET F 262 20.27 -2.78 -6.09
CA MET F 262 19.42 -3.39 -5.06
C MET F 262 17.98 -2.89 -5.15
N SER F 263 17.82 -1.65 -5.58
CA SER F 263 16.49 -1.06 -5.71
C SER F 263 15.84 -1.43 -7.04
N ILE F 264 16.66 -1.60 -8.07
CA ILE F 264 16.16 -1.86 -9.42
C ILE F 264 15.84 -3.32 -9.67
N MET F 265 16.71 -4.21 -9.19
CA MET F 265 16.59 -5.64 -9.46
C MET F 265 15.21 -6.21 -9.13
N VAL F 266 14.75 -7.14 -9.97
CA VAL F 266 13.52 -7.86 -9.72
C VAL F 266 13.75 -9.35 -9.92
N PRO F 267 13.04 -10.19 -9.16
CA PRO F 267 13.16 -11.63 -9.28
C PRO F 267 12.63 -12.14 -10.62
N LYS F 268 13.38 -13.01 -11.27
CA LYS F 268 12.94 -13.64 -12.50
C LYS F 268 13.35 -15.11 -12.51
N ARG F 269 12.67 -15.90 -13.33
CA ARG F 269 13.13 -17.25 -13.63
C ARG F 269 14.22 -17.08 -14.68
N VAL F 270 15.45 -17.43 -14.33
CA VAL F 270 16.57 -17.19 -15.24
C VAL F 270 17.44 -18.42 -15.45
N GLN F 271 18.01 -18.56 -16.63
CA GLN F 271 18.95 -19.62 -16.94
C GLN F 271 20.37 -19.08 -16.84
N VAL F 272 20.96 -19.22 -15.67
CA VAL F 272 22.28 -18.64 -15.39
C VAL F 272 23.43 -19.54 -15.85
N ILE F 273 24.24 -19.02 -16.77
CA ILE F 273 25.47 -19.67 -17.17
C ILE F 273 26.64 -18.84 -16.67
N LEU F 274 27.39 -19.38 -15.72
CA LEU F 274 28.44 -18.63 -15.04
C LEU F 274 29.73 -19.43 -14.96
N PRO F 275 30.83 -18.83 -15.42
CA PRO F 275 32.15 -19.47 -15.41
C PRO F 275 32.55 -19.98 -14.04
N LYS F 276 32.87 -21.26 -13.93
CA LYS F 276 33.38 -21.83 -12.69
C LYS F 276 34.87 -21.53 -12.56
N PHE F 277 35.25 -20.82 -11.50
CA PHE F 277 36.62 -20.37 -11.37
C PHE F 277 37.07 -20.10 -9.94
N THR F 278 38.39 -20.01 -9.78
CA THR F 278 39.03 -19.55 -8.56
C THR F 278 39.93 -18.37 -8.93
N ALA F 279 39.92 -17.32 -8.13
CA ALA F 279 40.71 -16.14 -8.45
C ALA F 279 41.52 -15.65 -7.25
N VAL F 280 42.83 -15.52 -7.44
CA VAL F 280 43.71 -15.00 -6.40
C VAL F 280 44.54 -13.84 -6.94
N ALA F 281 44.74 -12.82 -6.12
CA ALA F 281 45.49 -11.64 -6.53
C ALA F 281 46.14 -10.94 -5.36
N GLN F 282 47.41 -10.56 -5.52
CA GLN F 282 48.14 -9.84 -4.50
C GLN F 282 48.40 -8.41 -4.96
N THR F 283 48.22 -7.44 -4.07
CA THR F 283 48.30 -6.04 -4.47
C THR F 283 49.17 -5.17 -3.57
N ASP F 284 50.14 -4.51 -4.18
CA ASP F 284 50.93 -3.49 -3.50
C ASP F 284 50.13 -2.19 -3.51
N LEU F 285 49.57 -1.85 -2.36
CA LEU F 285 48.61 -0.75 -2.26
C LEU F 285 49.26 0.63 -2.19
N LYS F 286 50.59 0.67 -2.31
CA LYS F 286 51.34 1.91 -2.13
C LYS F 286 50.96 3.01 -3.12
N GLU F 287 51.10 2.72 -4.40
CA GLU F 287 50.88 3.73 -5.44
C GLU F 287 49.46 4.29 -5.44
N PRO F 288 48.45 3.40 -5.33
CA PRO F 288 47.06 3.86 -5.29
C PRO F 288 46.83 4.79 -4.11
N LEU F 289 47.42 4.44 -2.96
CA LEU F 289 47.29 5.26 -1.77
C LEU F 289 47.97 6.62 -1.95
N LYS F 290 49.12 6.62 -2.61
CA LYS F 290 49.84 7.85 -2.89
C LYS F 290 48.99 8.82 -3.70
N VAL F 291 48.35 8.30 -4.74
CA VAL F 291 47.52 9.12 -5.60
C VAL F 291 46.37 9.78 -4.84
N LEU F 292 45.90 9.11 -3.79
CA LEU F 292 44.80 9.62 -2.99
C LEU F 292 45.26 10.77 -2.09
N GLY F 293 46.54 10.79 -1.76
CA GLY F 293 47.12 11.87 -0.95
C GLY F 293 47.81 11.40 0.31
N ILE F 294 48.05 10.09 0.42
CA ILE F 294 48.75 9.53 1.56
C ILE F 294 50.19 9.21 1.19
N THR F 295 51.10 10.13 1.51
CA THR F 295 52.47 10.05 1.03
C THR F 295 53.49 9.92 2.16
N ASP F 296 53.25 10.63 3.26
CA ASP F 296 54.21 10.68 4.37
C ASP F 296 54.62 9.31 4.90
N MET F 297 53.62 8.47 5.20
CA MET F 297 53.89 7.18 5.82
C MET F 297 54.83 6.31 4.98
N PHE F 298 55.04 6.72 3.73
CA PHE F 298 55.96 5.99 2.85
C PHE F 298 57.34 6.65 2.86
N ASP F 299 57.36 7.96 3.10
CA ASP F 299 58.62 8.71 3.18
C ASP F 299 59.32 8.43 4.50
N SER F 300 60.53 7.87 4.41
CA SER F 300 61.25 7.38 5.58
C SER F 300 61.62 8.49 6.57
N SER F 301 61.63 9.74 6.10
CA SER F 301 62.02 10.86 6.94
C SER F 301 60.81 11.60 7.52
N LYS F 302 59.73 11.64 6.75
CA LYS F 302 58.54 12.40 7.13
C LYS F 302 57.50 11.51 7.83
N ALA F 303 57.79 10.22 7.91
CA ALA F 303 56.85 9.26 8.49
C ALA F 303 56.70 9.46 9.99
N ASN F 304 55.49 9.78 10.43
CA ASN F 304 55.22 10.02 11.85
C ASN F 304 54.31 8.96 12.45
N PHE F 305 54.92 7.92 12.99
CA PHE F 305 54.18 6.86 13.67
C PHE F 305 54.55 6.80 15.14
N ALA F 306 54.48 7.96 15.81
CA ALA F 306 54.83 8.07 17.21
C ALA F 306 54.15 6.98 18.04
N LYS F 307 52.82 6.96 17.99
CA LYS F 307 52.03 6.08 18.86
C LYS F 307 52.29 4.60 18.66
N ILE F 308 53.15 4.26 17.70
CA ILE F 308 53.48 2.86 17.44
C ILE F 308 54.63 2.39 18.33
N THR F 309 55.49 3.32 18.73
CA THR F 309 56.70 2.97 19.47
C THR F 309 56.77 3.62 20.85
N THR F 310 57.25 2.86 21.82
CA THR F 310 57.51 3.39 23.14
C THR F 310 58.85 4.12 23.12
N GLY F 311 59.17 4.71 21.98
CA GLY F 311 60.43 5.43 21.79
C GLY F 311 60.31 6.58 20.81
N SER F 312 61.43 7.22 20.51
CA SER F 312 61.45 8.34 19.58
C SER F 312 62.01 7.92 18.23
N GLU F 313 62.24 6.62 18.07
CA GLU F 313 62.78 6.09 16.83
C GLU F 313 61.85 6.34 15.65
N ASN F 314 62.40 6.30 14.45
CA ASN F 314 61.63 6.56 13.24
C ASN F 314 61.04 5.28 12.63
N LEU F 315 59.79 5.36 12.21
CA LEU F 315 59.16 4.25 11.50
C LEU F 315 58.38 4.73 10.28
N HIS F 316 58.31 3.88 9.26
CA HIS F 316 57.58 4.20 8.04
C HIS F 316 57.10 2.92 7.39
N VAL F 317 56.11 3.02 6.50
CA VAL F 317 55.56 1.86 5.82
C VAL F 317 56.47 1.41 4.68
N SER F 318 57.27 0.37 4.94
CA SER F 318 58.15 -0.19 3.92
C SER F 318 57.33 -0.97 2.89
N HIS F 319 56.26 -1.61 3.36
CA HIS F 319 55.42 -2.41 2.49
C HIS F 319 54.00 -2.54 3.02
N ILE F 320 53.02 -2.37 2.13
CA ILE F 320 51.62 -2.53 2.47
C ILE F 320 50.90 -3.23 1.33
N LEU F 321 50.57 -4.51 1.54
CA LEU F 321 50.01 -5.33 0.47
C LEU F 321 48.70 -6.00 0.89
N GLN F 322 47.91 -6.37 -0.11
CA GLN F 322 46.68 -7.11 0.10
C GLN F 322 46.66 -8.34 -0.79
N LYS F 323 46.08 -9.42 -0.29
CA LYS F 323 45.92 -10.63 -1.09
C LYS F 323 44.54 -11.22 -0.90
N ALA F 324 43.74 -11.17 -1.97
CA ALA F 324 42.38 -11.72 -1.93
C ALA F 324 42.29 -12.99 -2.77
N LYS F 325 41.47 -13.94 -2.32
CA LYS F 325 41.25 -15.17 -3.06
C LYS F 325 39.80 -15.62 -2.93
N ILE F 326 39.15 -15.85 -4.06
CA ILE F 326 37.74 -16.25 -4.08
C ILE F 326 37.51 -17.38 -5.06
N GLU F 327 36.72 -18.36 -4.65
CA GLU F 327 36.40 -19.50 -5.51
C GLU F 327 34.91 -19.58 -5.80
N VAL F 328 34.58 -19.83 -7.06
CA VAL F 328 33.19 -20.01 -7.47
C VAL F 328 32.97 -21.45 -7.92
N SER F 329 32.15 -22.17 -7.17
CA SER F 329 31.92 -23.59 -7.46
C SER F 329 30.46 -23.98 -7.34
N GLU F 330 30.16 -25.25 -7.54
CA GLU F 330 28.79 -25.74 -7.51
C GLU F 330 28.22 -25.85 -6.10
N ASP F 331 29.07 -26.25 -5.16
CA ASP F 331 28.62 -26.50 -3.79
C ASP F 331 27.61 -25.47 -3.29
N GLY F 332 26.53 -25.95 -2.69
CA GLY F 332 25.47 -25.10 -2.16
C GLY F 332 24.38 -25.91 -1.49
N THR F 333 23.52 -25.23 -0.74
CA THR F 333 22.42 -25.90 -0.04
C THR F 333 21.21 -26.11 -0.95
N LYS F 334 20.41 -27.13 -0.64
CA LYS F 334 19.21 -27.41 -1.40
C LYS F 334 18.18 -26.29 -1.23
N ALA F 335 17.69 -25.76 -2.34
CA ALA F 335 16.75 -24.64 -2.30
C ALA F 335 15.31 -25.09 -2.44
N SER F 336 14.82 -25.82 -1.44
CA SER F 336 13.44 -26.29 -1.43
C SER F 336 12.50 -25.20 -0.93
N ALA F 337 12.45 -24.09 -1.66
CA ALA F 337 11.59 -22.97 -1.30
C ALA F 337 11.22 -22.15 -2.53
N ALA F 338 9.95 -21.81 -2.66
CA ALA F 338 9.47 -21.07 -3.82
C ALA F 338 9.47 -19.56 -3.56
N THR F 339 10.34 -18.84 -4.25
CA THR F 339 10.42 -17.39 -4.11
C THR F 339 9.04 -16.80 -3.88
N THR F 340 8.82 -16.29 -2.68
CA THR F 340 7.51 -15.74 -2.29
C THR F 340 7.06 -14.59 -3.19
N ALA F 341 8.00 -13.98 -3.89
CA ALA F 341 7.70 -12.92 -4.85
C ALA F 341 7.86 -13.46 -6.26
N ILE F 342 6.87 -13.20 -7.12
CA ILE F 342 6.84 -13.87 -8.42
C ILE F 342 6.23 -13.05 -9.55
N LEU F 343 6.68 -13.35 -10.77
CA LEU F 343 5.98 -12.93 -11.98
C LEU F 343 5.15 -14.13 -12.43
N ILE F 344 4.05 -13.87 -13.14
CA ILE F 344 3.07 -14.92 -13.42
C ILE F 344 3.18 -15.53 -14.83
N ALA F 345 4.30 -15.29 -15.50
CA ALA F 345 4.50 -15.80 -16.84
C ALA F 345 4.73 -17.32 -16.85
N ARG F 346 4.26 -17.97 -17.92
CA ARG F 346 4.40 -19.43 -18.02
C ARG F 346 5.02 -19.85 -19.35
N SER F 347 5.65 -18.90 -20.04
CA SER F 347 6.36 -19.21 -21.27
C SER F 347 7.84 -19.44 -20.97
N SER F 348 8.62 -19.74 -22.01
CA SER F 348 10.04 -20.00 -21.86
C SER F 348 10.76 -18.90 -21.07
N PRO F 349 11.58 -19.30 -20.08
CA PRO F 349 12.35 -18.37 -19.25
C PRO F 349 13.61 -17.86 -19.96
N PRO F 350 14.02 -16.61 -19.65
CA PRO F 350 15.17 -15.95 -20.25
C PRO F 350 16.51 -16.47 -19.74
N TRP F 351 17.60 -16.01 -20.35
CA TRP F 351 18.94 -16.44 -19.97
C TRP F 351 19.73 -15.30 -19.33
N PHE F 352 20.71 -15.67 -18.51
CA PHE F 352 21.72 -14.71 -18.06
C PHE F 352 23.10 -15.34 -18.22
N ILE F 353 23.69 -15.13 -19.39
CA ILE F 353 24.96 -15.75 -19.74
C ILE F 353 26.14 -14.83 -19.47
N VAL F 354 27.13 -15.34 -18.76
CA VAL F 354 28.34 -14.58 -18.45
C VAL F 354 29.53 -15.16 -19.18
N ASP F 355 29.60 -14.93 -20.49
CA ASP F 355 30.66 -15.50 -21.33
C ASP F 355 31.71 -14.46 -21.71
N ARG F 356 31.45 -13.21 -21.35
CA ARG F 356 32.38 -12.12 -21.64
C ARG F 356 33.01 -11.59 -20.36
N PRO F 357 33.98 -10.67 -20.48
CA PRO F 357 34.59 -10.06 -19.31
C PRO F 357 33.53 -9.46 -18.40
N PHE F 358 33.68 -9.70 -17.10
CA PHE F 358 32.70 -9.24 -16.11
C PHE F 358 33.38 -8.88 -14.81
N LEU F 359 32.82 -7.90 -14.10
CA LEU F 359 33.26 -7.60 -12.75
C LEU F 359 32.22 -8.12 -11.78
N PHE F 360 32.68 -8.53 -10.60
CA PHE F 360 31.80 -9.16 -9.62
C PHE F 360 32.02 -8.53 -8.26
N PHE F 361 31.01 -8.65 -7.40
CA PHE F 361 31.10 -8.12 -6.05
C PHE F 361 30.66 -9.17 -5.04
N ILE F 362 31.36 -9.24 -3.92
CA ILE F 362 30.86 -9.95 -2.76
C ILE F 362 30.40 -8.90 -1.76
N ARG F 363 29.11 -8.88 -1.47
CA ARG F 363 28.55 -7.82 -0.64
C ARG F 363 27.92 -8.34 0.65
N HIS F 364 28.40 -7.84 1.78
CA HIS F 364 27.77 -8.10 3.07
C HIS F 364 26.60 -7.13 3.21
N ASN F 365 25.40 -7.64 2.96
CA ASN F 365 24.22 -6.78 2.81
C ASN F 365 23.80 -6.00 4.06
N PRO F 366 23.78 -6.68 5.22
CA PRO F 366 23.42 -6.00 6.47
C PRO F 366 24.22 -4.72 6.70
N THR F 367 25.50 -4.74 6.37
CA THR F 367 26.37 -3.59 6.60
C THR F 367 26.66 -2.82 5.31
N GLY F 368 26.31 -3.42 4.17
CA GLY F 368 26.59 -2.81 2.88
C GLY F 368 28.08 -2.79 2.60
N ALA F 369 28.82 -3.68 3.26
CA ALA F 369 30.26 -3.75 3.10
C ALA F 369 30.65 -4.53 1.85
N VAL F 370 31.39 -3.89 0.97
CA VAL F 370 31.89 -4.53 -0.24
C VAL F 370 33.11 -5.37 0.08
N LEU F 371 32.90 -6.67 0.30
CA LEU F 371 33.97 -7.55 0.75
C LEU F 371 34.97 -7.86 -0.35
N PHE F 372 34.46 -8.14 -1.55
CA PHE F 372 35.32 -8.42 -2.69
C PHE F 372 34.91 -7.58 -3.90
N MET F 373 35.88 -7.26 -4.74
CA MET F 373 35.61 -6.60 -6.00
C MET F 373 36.66 -7.00 -7.02
N GLY F 374 36.22 -7.49 -8.17
CA GLY F 374 37.15 -7.94 -9.18
C GLY F 374 36.59 -7.87 -10.58
N GLN F 375 37.49 -7.94 -11.56
CA GLN F 375 37.12 -8.01 -12.96
C GLN F 375 37.76 -9.27 -13.55
N ILE F 376 36.95 -10.10 -14.21
CA ILE F 376 37.48 -11.29 -14.85
C ILE F 376 37.53 -11.13 -16.36
N ASN F 377 38.74 -11.08 -16.90
CA ASN F 377 38.95 -11.00 -18.34
C ASN F 377 39.29 -12.35 -18.94
N LYS F 378 39.68 -13.30 -18.10
CA LYS F 378 40.10 -14.63 -18.54
C LYS F 378 40.05 -15.63 -17.38
N PRO F 379 38.89 -16.27 -17.18
CA PRO F 379 38.65 -17.16 -16.05
C PRO F 379 39.50 -18.42 -16.10
#